data_2I4D
# 
_entry.id   2I4D 
# 
_audit_conform.dict_name       mmcif_pdbx.dic 
_audit_conform.dict_version    5.387 
_audit_conform.dict_location   http://mmcif.pdb.org/dictionaries/ascii/mmcif_pdbx.dic 
# 
loop_
_database_2.database_id 
_database_2.database_code 
_database_2.pdbx_database_accession 
_database_2.pdbx_DOI 
PDB   2I4D         pdb_00002i4d 10.2210/pdb2i4d/pdb 
RCSB  RCSB039121   ?            ?                   
WWPDB D_1000039121 ?            ?                   
# 
loop_
_pdbx_audit_revision_history.ordinal 
_pdbx_audit_revision_history.data_content_type 
_pdbx_audit_revision_history.major_revision 
_pdbx_audit_revision_history.minor_revision 
_pdbx_audit_revision_history.revision_date 
1 'Structure model' 1 0 2007-08-21 
2 'Structure model' 1 1 2011-07-13 
3 'Structure model' 1 2 2024-02-21 
# 
_pdbx_audit_revision_details.ordinal             1 
_pdbx_audit_revision_details.revision_ordinal    1 
_pdbx_audit_revision_details.data_content_type   'Structure model' 
_pdbx_audit_revision_details.provider            repository 
_pdbx_audit_revision_details.type                'Initial release' 
_pdbx_audit_revision_details.description         ? 
_pdbx_audit_revision_details.details             ? 
# 
loop_
_pdbx_audit_revision_group.ordinal 
_pdbx_audit_revision_group.revision_ordinal 
_pdbx_audit_revision_group.data_content_type 
_pdbx_audit_revision_group.group 
1 2 'Structure model' 'Derived calculations'      
2 2 'Structure model' 'Version format compliance' 
3 3 'Structure model' 'Data collection'           
4 3 'Structure model' 'Database references'       
5 3 'Structure model' 'Derived calculations'      
# 
loop_
_pdbx_audit_revision_category.ordinal 
_pdbx_audit_revision_category.revision_ordinal 
_pdbx_audit_revision_category.data_content_type 
_pdbx_audit_revision_category.category 
1 3 'Structure model' chem_comp_atom     
2 3 'Structure model' chem_comp_bond     
3 3 'Structure model' database_2         
4 3 'Structure model' struct_ref_seq_dif 
5 3 'Structure model' struct_site        
# 
loop_
_pdbx_audit_revision_item.ordinal 
_pdbx_audit_revision_item.revision_ordinal 
_pdbx_audit_revision_item.data_content_type 
_pdbx_audit_revision_item.item 
1 3 'Structure model' '_database_2.pdbx_DOI'                
2 3 'Structure model' '_database_2.pdbx_database_accession' 
3 3 'Structure model' '_struct_ref_seq_dif.details'         
4 3 'Structure model' '_struct_site.pdbx_auth_asym_id'      
5 3 'Structure model' '_struct_site.pdbx_auth_comp_id'      
6 3 'Structure model' '_struct_site.pdbx_auth_seq_id'       
# 
_pdbx_database_status.status_code                     REL 
_pdbx_database_status.entry_id                        2I4D 
_pdbx_database_status.recvd_initial_deposition_date   2006-08-21 
_pdbx_database_status.deposit_site                    RCSB 
_pdbx_database_status.process_site                    RCSB 
_pdbx_database_status.status_code_sf                  ? 
_pdbx_database_status.status_code_mr                  ? 
_pdbx_database_status.SG_entry                        ? 
_pdbx_database_status.pdb_format_compatible           Y 
_pdbx_database_status.status_code_cs                  ? 
_pdbx_database_status.status_code_nmr_data            ? 
_pdbx_database_status.methods_development_category    ? 
# 
loop_
_pdbx_database_related.db_name 
_pdbx_database_related.db_id 
_pdbx_database_related.details 
_pdbx_database_related.content_type 
PDB 2I4U . unspecified 
PDB 2I4V . unspecified 
PDB 2I4W . unspecified 
PDB 2I4X . unspecified 
# 
_audit_author.name           'Hatada, M.' 
_audit_author.pdbx_ordinal   1 
# 
_citation.id                        primary 
_citation.title                     'Suppression of HIV-1 Protease Inhibitor Resistance by Phosphonate-mediated Solvent Anchoring.' 
_citation.journal_abbrev            J.Mol.Biol. 
_citation.journal_volume            363 
_citation.page_first                635 
_citation.page_last                 647 
_citation.year                      2006 
_citation.journal_id_ASTM           JMOBAK 
_citation.country                   UK 
_citation.journal_id_ISSN           0022-2836 
_citation.journal_id_CSD            0070 
_citation.book_publisher            ? 
_citation.pdbx_database_id_PubMed   16979654 
_citation.pdbx_database_id_DOI      10.1016/j.jmb.2006.07.073 
# 
loop_
_citation_author.citation_id 
_citation_author.name 
_citation_author.ordinal 
_citation_author.identifier_ORCID 
primary 'Cihlar, T.'      1  ? 
primary 'He, G.X.'        2  ? 
primary 'Liu, X.'         3  ? 
primary 'Chen, J.M.'      4  ? 
primary 'Hatada, M.'      5  ? 
primary 'Swaminathan, S.' 6  ? 
primary 'McDermott, M.J.' 7  ? 
primary 'Yang, Z.Y.'      8  ? 
primary 'Mulato, A.S.'    9  ? 
primary 'Chen, X.'        10 ? 
primary 'Leavitt, S.A.'   11 ? 
primary 'Stray, K.M.'     12 ? 
primary 'Lee, W.A.'       13 ? 
# 
loop_
_entity.id 
_entity.type 
_entity.src_method 
_entity.pdbx_description 
_entity.formula_weight 
_entity.pdbx_number_of_molecules 
_entity.pdbx_ec 
_entity.pdbx_mutation 
_entity.pdbx_fragment 
_entity.details 
1 polymer     man Protease 10831.809 2   3.4.23.16 ? ? ? 
2 non-polymer syn 
;({4-[(2S,3R)-2-({[(3R,3AS,6AR)-HEXAHYDROFURO[2,3-B]FURAN-3-YLOXY]CARBONYL}AMINO)-3-HYDROXY-4-{ISOBUTYL[(4-METHOXYPHENYL)SULFONYL]AMINO}BUTYL]PHENOXY}METHYL)PHOSPHONIC ACID
;
672.681   1   ?         ? ? ? 
3 water       nat water 18.015    174 ?         ? ? ? 
# 
_entity_poly.entity_id                      1 
_entity_poly.type                           'polypeptide(L)' 
_entity_poly.nstd_linkage                   no 
_entity_poly.nstd_monomer                   no 
_entity_poly.pdbx_seq_one_letter_code       
;PQITLWQRPLVTIKIGGQLKEALLDTGADDTVLEEMSLPGRWKPKMIGGIGGFIKVRQYDQILIEICGHKAIGTVLVGPT
PVNIIGRNLLTQIGMTLNF
;
_entity_poly.pdbx_seq_one_letter_code_can   
;PQITLWQRPLVTIKIGGQLKEALLDTGADDTVLEEMSLPGRWKPKMIGGIGGFIKVRQYDQILIEICGHKAIGTVLVGPT
PVNIIGRNLLTQIGMTLNF
;
_entity_poly.pdbx_strand_id                 A,B 
_entity_poly.pdbx_target_identifier         ? 
# 
loop_
_pdbx_entity_nonpoly.entity_id 
_pdbx_entity_nonpoly.name 
_pdbx_entity_nonpoly.comp_id 
2 
;({4-[(2S,3R)-2-({[(3R,3AS,6AR)-HEXAHYDROFURO[2,3-B]FURAN-3-YLOXY]CARBONYL}AMINO)-3-HYDROXY-4-{ISOBUTYL[(4-METHOXYPHENYL)SULFONYL]AMINO}BUTYL]PHENOXY}METHYL)PHOSPHONIC ACID
;
QFI 
3 water HOH 
# 
loop_
_entity_poly_seq.entity_id 
_entity_poly_seq.num 
_entity_poly_seq.mon_id 
_entity_poly_seq.hetero 
1 1  PRO n 
1 2  GLN n 
1 3  ILE n 
1 4  THR n 
1 5  LEU n 
1 6  TRP n 
1 7  GLN n 
1 8  ARG n 
1 9  PRO n 
1 10 LEU n 
1 11 VAL n 
1 12 THR n 
1 13 ILE n 
1 14 LYS n 
1 15 ILE n 
1 16 GLY n 
1 17 GLY n 
1 18 GLN n 
1 19 LEU n 
1 20 LYS n 
1 21 GLU n 
1 22 ALA n 
1 23 LEU n 
1 24 LEU n 
1 25 ASP n 
1 26 THR n 
1 27 GLY n 
1 28 ALA n 
1 29 ASP n 
1 30 ASP n 
1 31 THR n 
1 32 VAL n 
1 33 LEU n 
1 34 GLU n 
1 35 GLU n 
1 36 MET n 
1 37 SER n 
1 38 LEU n 
1 39 PRO n 
1 40 GLY n 
1 41 ARG n 
1 42 TRP n 
1 43 LYS n 
1 44 PRO n 
1 45 LYS n 
1 46 MET n 
1 47 ILE n 
1 48 GLY n 
1 49 GLY n 
1 50 ILE n 
1 51 GLY n 
1 52 GLY n 
1 53 PHE n 
1 54 ILE n 
1 55 LYS n 
1 56 VAL n 
1 57 ARG n 
1 58 GLN n 
1 59 TYR n 
1 60 ASP n 
1 61 GLN n 
1 62 ILE n 
1 63 LEU n 
1 64 ILE n 
1 65 GLU n 
1 66 ILE n 
1 67 CYS n 
1 68 GLY n 
1 69 HIS n 
1 70 LYS n 
1 71 ALA n 
1 72 ILE n 
1 73 GLY n 
1 74 THR n 
1 75 VAL n 
1 76 LEU n 
1 77 VAL n 
1 78 GLY n 
1 79 PRO n 
1 80 THR n 
1 81 PRO n 
1 82 VAL n 
1 83 ASN n 
1 84 ILE n 
1 85 ILE n 
1 86 GLY n 
1 87 ARG n 
1 88 ASN n 
1 89 LEU n 
1 90 LEU n 
1 91 THR n 
1 92 GLN n 
1 93 ILE n 
1 94 GLY n 
1 95 MET n 
1 96 THR n 
1 97 LEU n 
1 98 ASN n 
1 99 PHE n 
# 
_entity_src_gen.entity_id                          1 
_entity_src_gen.pdbx_src_id                        1 
_entity_src_gen.pdbx_alt_source_flag               sample 
_entity_src_gen.pdbx_seq_type                      ? 
_entity_src_gen.pdbx_beg_seq_num                   ? 
_entity_src_gen.pdbx_end_seq_num                   ? 
_entity_src_gen.gene_src_common_name               ? 
_entity_src_gen.gene_src_genus                     Lentivirus 
_entity_src_gen.pdbx_gene_src_gene                 gag 
_entity_src_gen.gene_src_species                   ? 
_entity_src_gen.gene_src_strain                    ? 
_entity_src_gen.gene_src_tissue                    ? 
_entity_src_gen.gene_src_tissue_fraction           ? 
_entity_src_gen.gene_src_details                   ? 
_entity_src_gen.pdbx_gene_src_fragment             ? 
_entity_src_gen.pdbx_gene_src_scientific_name      'Human immunodeficiency virus 1' 
_entity_src_gen.pdbx_gene_src_ncbi_taxonomy_id     11676 
_entity_src_gen.pdbx_gene_src_variant              ? 
_entity_src_gen.pdbx_gene_src_cell_line            ? 
_entity_src_gen.pdbx_gene_src_atcc                 ? 
_entity_src_gen.pdbx_gene_src_organ                ? 
_entity_src_gen.pdbx_gene_src_organelle            ? 
_entity_src_gen.pdbx_gene_src_cell                 ? 
_entity_src_gen.pdbx_gene_src_cellular_location    ? 
_entity_src_gen.host_org_common_name               ? 
_entity_src_gen.pdbx_host_org_scientific_name      'Escherichia coli' 
_entity_src_gen.pdbx_host_org_ncbi_taxonomy_id     562 
_entity_src_gen.host_org_genus                     Escherichia 
_entity_src_gen.pdbx_host_org_gene                 ? 
_entity_src_gen.pdbx_host_org_organ                ? 
_entity_src_gen.host_org_species                   ? 
_entity_src_gen.pdbx_host_org_tissue               ? 
_entity_src_gen.pdbx_host_org_tissue_fraction      ? 
_entity_src_gen.pdbx_host_org_strain               ? 
_entity_src_gen.pdbx_host_org_variant              ? 
_entity_src_gen.pdbx_host_org_cell_line            ? 
_entity_src_gen.pdbx_host_org_atcc                 ? 
_entity_src_gen.pdbx_host_org_culture_collection   ? 
_entity_src_gen.pdbx_host_org_cell                 ? 
_entity_src_gen.pdbx_host_org_organelle            ? 
_entity_src_gen.pdbx_host_org_cellular_location    ? 
_entity_src_gen.pdbx_host_org_vector_type          ? 
_entity_src_gen.pdbx_host_org_vector               ? 
_entity_src_gen.host_org_details                   ? 
_entity_src_gen.expression_system_id               ? 
_entity_src_gen.plasmid_name                       ? 
_entity_src_gen.plasmid_details                    ? 
_entity_src_gen.pdbx_description                   ? 
# 
loop_
_chem_comp.id 
_chem_comp.type 
_chem_comp.mon_nstd_flag 
_chem_comp.name 
_chem_comp.pdbx_synonyms 
_chem_comp.formula 
_chem_comp.formula_weight 
ALA 'L-peptide linking' y ALANINE ? 'C3 H7 N O2'         89.093  
ARG 'L-peptide linking' y ARGININE ? 'C6 H15 N4 O2 1'     175.209 
ASN 'L-peptide linking' y ASPARAGINE ? 'C4 H8 N2 O3'        132.118 
ASP 'L-peptide linking' y 'ASPARTIC ACID' ? 'C4 H7 N O4'         133.103 
CYS 'L-peptide linking' y CYSTEINE ? 'C3 H7 N O2 S'       121.158 
GLN 'L-peptide linking' y GLUTAMINE ? 'C5 H10 N2 O3'       146.144 
GLU 'L-peptide linking' y 'GLUTAMIC ACID' ? 'C5 H9 N O4'         147.129 
GLY 'peptide linking'   y GLYCINE ? 'C2 H5 N O2'         75.067  
HIS 'L-peptide linking' y HISTIDINE ? 'C6 H10 N3 O2 1'     156.162 
HOH non-polymer         . WATER ? 'H2 O'               18.015  
ILE 'L-peptide linking' y ISOLEUCINE ? 'C6 H13 N O2'        131.173 
LEU 'L-peptide linking' y LEUCINE ? 'C6 H13 N O2'        131.173 
LYS 'L-peptide linking' y LYSINE ? 'C6 H15 N2 O2 1'     147.195 
MET 'L-peptide linking' y METHIONINE ? 'C5 H11 N O2 S'      149.211 
PHE 'L-peptide linking' y PHENYLALANINE ? 'C9 H11 N O2'        165.189 
PRO 'L-peptide linking' y PROLINE ? 'C5 H9 N O2'         115.130 
QFI non-polymer         . 
;({4-[(2S,3R)-2-({[(3R,3AS,6AR)-HEXAHYDROFURO[2,3-B]FURAN-3-YLOXY]CARBONYL}AMINO)-3-HYDROXY-4-{ISOBUTYL[(4-METHOXYPHENYL)SULFONYL]AMINO}BUTYL]PHENOXY}METHYL)PHOSPHONIC ACID
;
? 'C29 H41 N2 O12 P S' 672.681 
SER 'L-peptide linking' y SERINE ? 'C3 H7 N O3'         105.093 
THR 'L-peptide linking' y THREONINE ? 'C4 H9 N O3'         119.119 
TRP 'L-peptide linking' y TRYPTOPHAN ? 'C11 H12 N2 O2'      204.225 
TYR 'L-peptide linking' y TYROSINE ? 'C9 H11 N O3'        181.189 
VAL 'L-peptide linking' y VALINE ? 'C5 H11 N O2'        117.146 
# 
loop_
_pdbx_poly_seq_scheme.asym_id 
_pdbx_poly_seq_scheme.entity_id 
_pdbx_poly_seq_scheme.seq_id 
_pdbx_poly_seq_scheme.mon_id 
_pdbx_poly_seq_scheme.ndb_seq_num 
_pdbx_poly_seq_scheme.pdb_seq_num 
_pdbx_poly_seq_scheme.auth_seq_num 
_pdbx_poly_seq_scheme.pdb_mon_id 
_pdbx_poly_seq_scheme.auth_mon_id 
_pdbx_poly_seq_scheme.pdb_strand_id 
_pdbx_poly_seq_scheme.pdb_ins_code 
_pdbx_poly_seq_scheme.hetero 
A 1 1  PRO 1  1   1   PRO PRO A . n 
A 1 2  GLN 2  2   2   GLN GLN A . n 
A 1 3  ILE 3  3   3   ILE ILE A . n 
A 1 4  THR 4  4   4   THR THR A . n 
A 1 5  LEU 5  5   5   LEU LEU A . n 
A 1 6  TRP 6  6   6   TRP TRP A . n 
A 1 7  GLN 7  7   7   GLN GLN A . n 
A 1 8  ARG 8  8   8   ARG ARG A . n 
A 1 9  PRO 9  9   9   PRO PRO A . n 
A 1 10 LEU 10 10  10  LEU LEU A . n 
A 1 11 VAL 11 11  11  VAL VAL A . n 
A 1 12 THR 12 12  12  THR THR A . n 
A 1 13 ILE 13 13  13  ILE ILE A . n 
A 1 14 LYS 14 14  14  LYS LYS A . n 
A 1 15 ILE 15 15  15  ILE ILE A . n 
A 1 16 GLY 16 16  16  GLY GLY A . n 
A 1 17 GLY 17 17  17  GLY GLY A . n 
A 1 18 GLN 18 18  18  GLN GLN A . n 
A 1 19 LEU 19 19  19  LEU LEU A . n 
A 1 20 LYS 20 20  20  LYS LYS A . n 
A 1 21 GLU 21 21  21  GLU GLU A . n 
A 1 22 ALA 22 22  22  ALA ALA A . n 
A 1 23 LEU 23 23  23  LEU LEU A . n 
A 1 24 LEU 24 24  24  LEU LEU A . n 
A 1 25 ASP 25 25  25  ASP ASP A . n 
A 1 26 THR 26 26  26  THR THR A . n 
A 1 27 GLY 27 27  27  GLY GLY A . n 
A 1 28 ALA 28 28  28  ALA ALA A . n 
A 1 29 ASP 29 29  29  ASP ASP A . n 
A 1 30 ASP 30 30  30  ASP ASP A . n 
A 1 31 THR 31 31  31  THR THR A . n 
A 1 32 VAL 32 32  32  VAL VAL A . n 
A 1 33 LEU 33 33  33  LEU LEU A . n 
A 1 34 GLU 34 34  34  GLU GLU A . n 
A 1 35 GLU 35 35  35  GLU GLU A . n 
A 1 36 MET 36 36  36  MET MET A . n 
A 1 37 SER 37 37  37  SER SER A . n 
A 1 38 LEU 38 38  38  LEU LEU A . n 
A 1 39 PRO 39 39  39  PRO PRO A . n 
A 1 40 GLY 40 40  40  GLY GLY A . n 
A 1 41 ARG 41 41  41  ARG ARG A . n 
A 1 42 TRP 42 42  42  TRP TRP A . n 
A 1 43 LYS 43 43  43  LYS LYS A . n 
A 1 44 PRO 44 44  44  PRO PRO A . n 
A 1 45 LYS 45 45  45  LYS LYS A . n 
A 1 46 MET 46 46  46  MET MET A . n 
A 1 47 ILE 47 47  47  ILE ILE A . n 
A 1 48 GLY 48 48  48  GLY GLY A . n 
A 1 49 GLY 49 49  49  GLY GLY A . n 
A 1 50 ILE 50 50  50  ILE ILE A . n 
A 1 51 GLY 51 51  51  GLY GLY A . n 
A 1 52 GLY 52 52  52  GLY GLY A . n 
A 1 53 PHE 53 53  53  PHE PHE A . n 
A 1 54 ILE 54 54  54  ILE ILE A . n 
A 1 55 LYS 55 55  55  LYS LYS A . n 
A 1 56 VAL 56 56  56  VAL VAL A . n 
A 1 57 ARG 57 57  57  ARG ARG A . n 
A 1 58 GLN 58 58  58  GLN GLN A . n 
A 1 59 TYR 59 59  59  TYR TYR A . n 
A 1 60 ASP 60 60  60  ASP ASP A . n 
A 1 61 GLN 61 61  61  GLN GLN A . n 
A 1 62 ILE 62 62  62  ILE ILE A . n 
A 1 63 LEU 63 63  63  LEU LEU A . n 
A 1 64 ILE 64 64  64  ILE ILE A . n 
A 1 65 GLU 65 65  65  GLU GLU A . n 
A 1 66 ILE 66 66  66  ILE ILE A . n 
A 1 67 CYS 67 67  67  CYS CYS A . n 
A 1 68 GLY 68 68  68  GLY GLY A . n 
A 1 69 HIS 69 69  69  HIS HIS A . n 
A 1 70 LYS 70 70  70  LYS LYS A . n 
A 1 71 ALA 71 71  71  ALA ALA A . n 
A 1 72 ILE 72 72  72  ILE ILE A . n 
A 1 73 GLY 73 73  73  GLY GLY A . n 
A 1 74 THR 74 74  74  THR THR A . n 
A 1 75 VAL 75 75  75  VAL VAL A . n 
A 1 76 LEU 76 76  76  LEU LEU A . n 
A 1 77 VAL 77 77  77  VAL VAL A . n 
A 1 78 GLY 78 78  78  GLY GLY A . n 
A 1 79 PRO 79 79  79  PRO PRO A . n 
A 1 80 THR 80 80  80  THR THR A . n 
A 1 81 PRO 81 81  81  PRO PRO A . n 
A 1 82 VAL 82 82  82  VAL VAL A . n 
A 1 83 ASN 83 83  83  ASN ASN A . n 
A 1 84 ILE 84 84  84  ILE ILE A . n 
A 1 85 ILE 85 85  85  ILE ILE A . n 
A 1 86 GLY 86 86  86  GLY GLY A . n 
A 1 87 ARG 87 87  87  ARG ARG A . n 
A 1 88 ASN 88 88  88  ASN ASN A . n 
A 1 89 LEU 89 89  89  LEU LEU A . n 
A 1 90 LEU 90 90  90  LEU LEU A . n 
A 1 91 THR 91 91  91  THR THR A . n 
A 1 92 GLN 92 92  92  GLN GLN A . n 
A 1 93 ILE 93 93  93  ILE ILE A . n 
A 1 94 GLY 94 94  94  GLY GLY A . n 
A 1 95 MET 95 95  95  MET MET A . n 
A 1 96 THR 96 96  96  THR THR A . n 
A 1 97 LEU 97 97  97  LEU LEU A . n 
A 1 98 ASN 98 98  98  ASN ASN A . n 
A 1 99 PHE 99 99  99  PHE PHE A . n 
B 1 1  PRO 1  201 201 PRO PRO B . n 
B 1 2  GLN 2  202 202 GLN GLN B . n 
B 1 3  ILE 3  203 203 ILE ILE B . n 
B 1 4  THR 4  204 204 THR THR B . n 
B 1 5  LEU 5  205 205 LEU LEU B . n 
B 1 6  TRP 6  206 206 TRP TRP B . n 
B 1 7  GLN 7  207 207 GLN GLN B . n 
B 1 8  ARG 8  208 208 ARG ARG B . n 
B 1 9  PRO 9  209 209 PRO PRO B . n 
B 1 10 LEU 10 210 210 LEU LEU B . n 
B 1 11 VAL 11 211 211 VAL VAL B . n 
B 1 12 THR 12 212 212 THR THR B . n 
B 1 13 ILE 13 213 213 ILE ILE B . n 
B 1 14 LYS 14 214 214 LYS LYS B . n 
B 1 15 ILE 15 215 215 ILE ILE B . n 
B 1 16 GLY 16 216 216 GLY GLY B . n 
B 1 17 GLY 17 217 217 GLY GLY B . n 
B 1 18 GLN 18 218 218 GLN GLN B . n 
B 1 19 LEU 19 219 219 LEU LEU B . n 
B 1 20 LYS 20 220 220 LYS LYS B . n 
B 1 21 GLU 21 221 221 GLU GLU B . n 
B 1 22 ALA 22 222 222 ALA ALA B . n 
B 1 23 LEU 23 223 223 LEU LEU B . n 
B 1 24 LEU 24 224 224 LEU LEU B . n 
B 1 25 ASP 25 225 225 ASP ASP B . n 
B 1 26 THR 26 226 226 THR THR B . n 
B 1 27 GLY 27 227 227 GLY GLY B . n 
B 1 28 ALA 28 228 228 ALA ALA B . n 
B 1 29 ASP 29 229 229 ASP ASP B . n 
B 1 30 ASP 30 230 230 ASP ASP B . n 
B 1 31 THR 31 231 231 THR THR B . n 
B 1 32 VAL 32 232 232 VAL VAL B . n 
B 1 33 LEU 33 233 233 LEU LEU B . n 
B 1 34 GLU 34 234 234 GLU GLU B . n 
B 1 35 GLU 35 235 235 GLU GLU B . n 
B 1 36 MET 36 236 236 MET MET B . n 
B 1 37 SER 37 237 237 SER SER B . n 
B 1 38 LEU 38 238 238 LEU LEU B . n 
B 1 39 PRO 39 239 239 PRO PRO B . n 
B 1 40 GLY 40 240 240 GLY GLY B . n 
B 1 41 ARG 41 241 241 ARG ARG B . n 
B 1 42 TRP 42 242 242 TRP TRP B . n 
B 1 43 LYS 43 243 243 LYS LYS B . n 
B 1 44 PRO 44 244 244 PRO PRO B . n 
B 1 45 LYS 45 245 245 LYS LYS B . n 
B 1 46 MET 46 246 246 MET MET B . n 
B 1 47 ILE 47 247 247 ILE ILE B . n 
B 1 48 GLY 48 248 248 GLY GLY B . n 
B 1 49 GLY 49 249 249 GLY GLY B . n 
B 1 50 ILE 50 250 250 ILE ILE B . n 
B 1 51 GLY 51 251 251 GLY GLY B . n 
B 1 52 GLY 52 252 252 GLY GLY B . n 
B 1 53 PHE 53 253 253 PHE PHE B . n 
B 1 54 ILE 54 254 254 ILE ILE B . n 
B 1 55 LYS 55 255 255 LYS LYS B . n 
B 1 56 VAL 56 256 256 VAL VAL B . n 
B 1 57 ARG 57 257 257 ARG ARG B . n 
B 1 58 GLN 58 258 258 GLN GLN B . n 
B 1 59 TYR 59 259 259 TYR TYR B . n 
B 1 60 ASP 60 260 260 ASP ASP B . n 
B 1 61 GLN 61 261 261 GLN GLN B . n 
B 1 62 ILE 62 262 262 ILE ILE B . n 
B 1 63 LEU 63 263 263 LEU LEU B . n 
B 1 64 ILE 64 264 264 ILE ILE B . n 
B 1 65 GLU 65 265 265 GLU GLU B . n 
B 1 66 ILE 66 266 266 ILE ILE B . n 
B 1 67 CYS 67 267 267 CYS CYS B . n 
B 1 68 GLY 68 268 268 GLY GLY B . n 
B 1 69 HIS 69 269 269 HIS HIS B . n 
B 1 70 LYS 70 270 270 LYS LYS B . n 
B 1 71 ALA 71 271 271 ALA ALA B . n 
B 1 72 ILE 72 272 272 ILE ILE B . n 
B 1 73 GLY 73 273 273 GLY GLY B . n 
B 1 74 THR 74 274 274 THR THR B . n 
B 1 75 VAL 75 275 275 VAL VAL B . n 
B 1 76 LEU 76 276 276 LEU LEU B . n 
B 1 77 VAL 77 277 277 VAL VAL B . n 
B 1 78 GLY 78 278 278 GLY GLY B . n 
B 1 79 PRO 79 279 279 PRO PRO B . n 
B 1 80 THR 80 280 280 THR THR B . n 
B 1 81 PRO 81 281 281 PRO PRO B . n 
B 1 82 VAL 82 282 282 VAL VAL B . n 
B 1 83 ASN 83 283 283 ASN ASN B . n 
B 1 84 ILE 84 284 284 ILE ILE B . n 
B 1 85 ILE 85 285 285 ILE ILE B . n 
B 1 86 GLY 86 286 286 GLY GLY B . n 
B 1 87 ARG 87 287 287 ARG ARG B . n 
B 1 88 ASN 88 288 288 ASN ASN B . n 
B 1 89 LEU 89 289 289 LEU LEU B . n 
B 1 90 LEU 90 290 290 LEU LEU B . n 
B 1 91 THR 91 291 291 THR THR B . n 
B 1 92 GLN 92 292 292 GLN GLN B . n 
B 1 93 ILE 93 293 293 ILE ILE B . n 
B 1 94 GLY 94 294 294 GLY GLY B . n 
B 1 95 MET 95 295 295 MET MET B . n 
B 1 96 THR 96 296 296 THR THR B . n 
B 1 97 LEU 97 297 297 LEU LEU B . n 
B 1 98 ASN 98 298 298 ASN ASN B . n 
B 1 99 PHE 99 299 299 PHE PHE B . n 
# 
loop_
_pdbx_nonpoly_scheme.asym_id 
_pdbx_nonpoly_scheme.entity_id 
_pdbx_nonpoly_scheme.mon_id 
_pdbx_nonpoly_scheme.ndb_seq_num 
_pdbx_nonpoly_scheme.pdb_seq_num 
_pdbx_nonpoly_scheme.auth_seq_num 
_pdbx_nonpoly_scheme.pdb_mon_id 
_pdbx_nonpoly_scheme.auth_mon_id 
_pdbx_nonpoly_scheme.pdb_strand_id 
_pdbx_nonpoly_scheme.pdb_ins_code 
C 2 QFI 1  300 300 QFI QFI B . 
D 3 HOH 1  301 301 HOH H2O A . 
D 3 HOH 2  305 305 HOH H2O A . 
D 3 HOH 3  306 306 HOH H2O A . 
D 3 HOH 4  310 310 HOH H2O A . 
D 3 HOH 5  311 311 HOH H2O A . 
D 3 HOH 6  314 314 HOH H2O A . 
D 3 HOH 7  319 319 HOH H2O A . 
D 3 HOH 8  323 323 HOH H2O A . 
D 3 HOH 9  325 325 HOH H2O A . 
D 3 HOH 10 329 329 HOH H2O A . 
D 3 HOH 11 330 330 HOH H2O A . 
D 3 HOH 12 331 331 HOH H2O A . 
D 3 HOH 13 334 334 HOH H2O A . 
D 3 HOH 14 335 335 HOH H2O A . 
D 3 HOH 15 336 336 HOH H2O A . 
D 3 HOH 16 338 338 HOH H2O A . 
D 3 HOH 17 346 346 HOH H2O A . 
D 3 HOH 18 347 347 HOH H2O A . 
D 3 HOH 19 348 348 HOH H2O A . 
D 3 HOH 20 349 349 HOH H2O A . 
D 3 HOH 21 353 353 HOH H2O A . 
D 3 HOH 22 358 358 HOH H2O A . 
D 3 HOH 23 362 362 HOH H2O A . 
D 3 HOH 24 363 363 HOH H2O A . 
D 3 HOH 25 366 366 HOH H2O A . 
D 3 HOH 26 367 367 HOH H2O A . 
D 3 HOH 27 369 369 HOH H2O A . 
D 3 HOH 28 373 373 HOH H2O A . 
D 3 HOH 29 374 374 HOH H2O A . 
D 3 HOH 30 375 375 HOH H2O A . 
D 3 HOH 31 376 376 HOH H2O A . 
D 3 HOH 32 381 381 HOH H2O A . 
D 3 HOH 33 384 384 HOH H2O A . 
D 3 HOH 34 385 385 HOH H2O A . 
D 3 HOH 35 386 386 HOH H2O A . 
D 3 HOH 36 387 387 HOH H2O A . 
D 3 HOH 37 391 391 HOH H2O A . 
D 3 HOH 38 392 392 HOH H2O A . 
D 3 HOH 39 395 395 HOH H2O A . 
D 3 HOH 40 396 396 HOH H2O A . 
D 3 HOH 41 398 398 HOH H2O A . 
D 3 HOH 42 401 401 HOH H2O A . 
D 3 HOH 43 408 408 HOH H2O A . 
D 3 HOH 44 409 409 HOH H2O A . 
D 3 HOH 45 410 410 HOH H2O A . 
D 3 HOH 46 413 413 HOH H2O A . 
D 3 HOH 47 414 414 HOH H2O A . 
D 3 HOH 48 422 422 HOH H2O A . 
D 3 HOH 49 423 423 HOH H2O A . 
D 3 HOH 50 426 426 HOH H2O A . 
D 3 HOH 51 427 427 HOH H2O A . 
D 3 HOH 52 435 435 HOH H2O A . 
D 3 HOH 53 438 438 HOH H2O A . 
D 3 HOH 54 440 440 HOH H2O A . 
D 3 HOH 55 441 441 HOH H2O A . 
D 3 HOH 56 443 443 HOH H2O A . 
D 3 HOH 57 445 445 HOH H2O A . 
D 3 HOH 58 446 446 HOH H2O A . 
D 3 HOH 59 448 448 HOH H2O A . 
D 3 HOH 60 449 449 HOH H2O A . 
D 3 HOH 61 450 450 HOH H2O A . 
D 3 HOH 62 454 454 HOH H2O A . 
D 3 HOH 63 455 455 HOH H2O A . 
D 3 HOH 64 457 457 HOH H2O A . 
D 3 HOH 65 458 458 HOH H2O A . 
D 3 HOH 66 463 463 HOH H2O A . 
D 3 HOH 67 464 464 HOH H2O A . 
D 3 HOH 68 465 465 HOH H2O A . 
D 3 HOH 69 466 466 HOH H2O A . 
D 3 HOH 70 467 467 HOH H2O A . 
D 3 HOH 71 468 468 HOH H2O A . 
D 3 HOH 72 476 476 HOH H2O A . 
D 3 HOH 73 477 477 HOH H2O A . 
D 3 HOH 74 479 479 HOH H2O A . 
D 3 HOH 75 481 481 HOH H2O A . 
D 3 HOH 76 488 488 HOH H2O A . 
D 3 HOH 77 490 490 HOH H2O A . 
E 3 HOH 1  302 302 HOH H2O B . 
E 3 HOH 2  303 303 HOH H2O B . 
E 3 HOH 3  304 304 HOH H2O B . 
E 3 HOH 4  307 307 HOH H2O B . 
E 3 HOH 5  308 308 HOH H2O B . 
E 3 HOH 6  309 309 HOH H2O B . 
E 3 HOH 7  312 312 HOH H2O B . 
E 3 HOH 8  313 313 HOH H2O B . 
E 3 HOH 9  315 315 HOH H2O B . 
E 3 HOH 10 316 316 HOH H2O B . 
E 3 HOH 11 317 317 HOH H2O B . 
E 3 HOH 12 318 318 HOH H2O B . 
E 3 HOH 13 320 320 HOH H2O B . 
E 3 HOH 14 321 321 HOH H2O B . 
E 3 HOH 15 322 322 HOH H2O B . 
E 3 HOH 16 324 324 HOH H2O B . 
E 3 HOH 17 326 326 HOH H2O B . 
E 3 HOH 18 327 327 HOH H2O B . 
E 3 HOH 19 328 328 HOH H2O B . 
E 3 HOH 20 332 332 HOH H2O B . 
E 3 HOH 21 333 333 HOH H2O B . 
E 3 HOH 22 337 337 HOH H2O B . 
E 3 HOH 23 339 339 HOH H2O B . 
E 3 HOH 24 340 340 HOH H2O B . 
E 3 HOH 25 341 341 HOH H2O B . 
E 3 HOH 26 342 342 HOH H2O B . 
E 3 HOH 27 343 343 HOH H2O B . 
E 3 HOH 28 344 344 HOH H2O B . 
E 3 HOH 29 345 345 HOH H2O B . 
E 3 HOH 30 350 350 HOH H2O B . 
E 3 HOH 31 351 351 HOH H2O B . 
E 3 HOH 32 352 352 HOH H2O B . 
E 3 HOH 33 354 354 HOH H2O B . 
E 3 HOH 34 355 355 HOH H2O B . 
E 3 HOH 35 356 356 HOH H2O B . 
E 3 HOH 36 357 357 HOH H2O B . 
E 3 HOH 37 359 359 HOH H2O B . 
E 3 HOH 38 360 360 HOH H2O B . 
E 3 HOH 39 361 361 HOH H2O B . 
E 3 HOH 40 364 364 HOH H2O B . 
E 3 HOH 41 365 365 HOH H2O B . 
E 3 HOH 42 368 368 HOH H2O B . 
E 3 HOH 43 370 370 HOH H2O B . 
E 3 HOH 44 371 371 HOH H2O B . 
E 3 HOH 45 372 372 HOH H2O B . 
E 3 HOH 46 377 377 HOH H2O B . 
E 3 HOH 47 378 378 HOH H2O B . 
E 3 HOH 48 380 380 HOH H2O B . 
E 3 HOH 49 382 382 HOH H2O B . 
E 3 HOH 50 383 383 HOH H2O B . 
E 3 HOH 51 388 388 HOH H2O B . 
E 3 HOH 52 389 389 HOH H2O B . 
E 3 HOH 53 390 390 HOH H2O B . 
E 3 HOH 54 393 393 HOH H2O B . 
E 3 HOH 55 394 394 HOH H2O B . 
E 3 HOH 56 397 397 HOH H2O B . 
E 3 HOH 57 399 399 HOH H2O B . 
E 3 HOH 58 400 400 HOH H2O B . 
E 3 HOH 59 402 402 HOH H2O B . 
E 3 HOH 60 403 403 HOH H2O B . 
E 3 HOH 61 404 404 HOH H2O B . 
E 3 HOH 62 405 405 HOH H2O B . 
E 3 HOH 63 406 406 HOH H2O B . 
E 3 HOH 64 407 407 HOH H2O B . 
E 3 HOH 65 411 411 HOH H2O B . 
E 3 HOH 66 412 412 HOH H2O B . 
E 3 HOH 67 415 415 HOH H2O B . 
E 3 HOH 68 417 417 HOH H2O B . 
E 3 HOH 69 418 418 HOH H2O B . 
E 3 HOH 70 420 420 HOH H2O B . 
E 3 HOH 71 421 421 HOH H2O B . 
E 3 HOH 72 424 424 HOH H2O B . 
E 3 HOH 73 425 425 HOH H2O B . 
E 3 HOH 74 428 428 HOH H2O B . 
E 3 HOH 75 429 429 HOH H2O B . 
E 3 HOH 76 432 432 HOH H2O B . 
E 3 HOH 77 433 433 HOH H2O B . 
E 3 HOH 78 434 434 HOH H2O B . 
E 3 HOH 79 437 437 HOH H2O B . 
E 3 HOH 80 439 439 HOH H2O B . 
E 3 HOH 81 442 442 HOH H2O B . 
E 3 HOH 82 444 444 HOH H2O B . 
E 3 HOH 83 447 447 HOH H2O B . 
E 3 HOH 84 451 451 HOH H2O B . 
E 3 HOH 85 453 453 HOH H2O B . 
E 3 HOH 86 456 456 HOH H2O B . 
E 3 HOH 87 459 459 HOH H2O B . 
E 3 HOH 88 460 460 HOH H2O B . 
E 3 HOH 89 461 461 HOH H2O B . 
E 3 HOH 90 462 462 HOH H2O B . 
E 3 HOH 91 470 470 HOH H2O B . 
E 3 HOH 92 472 472 HOH H2O B . 
E 3 HOH 93 474 474 HOH H2O B . 
E 3 HOH 94 478 478 HOH H2O B . 
E 3 HOH 95 480 480 HOH H2O B . 
E 3 HOH 96 482 482 HOH H2O B . 
E 3 HOH 97 485 485 HOH H2O B . 
# 
loop_
_software.name 
_software.classification 
_software.version 
_software.citation_id 
_software.pdbx_ordinal 
CrystalClear 'data collection' .     ? 1 
AMoRE        phasing           .     ? 2 
X-PLOR       refinement        3.851 ? 3 
d*TREK       'data reduction'  .     ? 4 
d*TREK       'data scaling'    .     ? 5 
# 
_cell.entry_id           2I4D 
_cell.length_a           57.422 
_cell.length_b           86.114 
_cell.length_c           46.165 
_cell.angle_alpha        90. 
_cell.angle_beta         90. 
_cell.angle_gamma        90. 
_cell.pdbx_unique_axis   ? 
_cell.Z_PDB              8 
_cell.length_a_esd       ? 
_cell.length_b_esd       ? 
_cell.length_c_esd       ? 
_cell.angle_alpha_esd    ? 
_cell.angle_beta_esd     ? 
_cell.angle_gamma_esd    ? 
# 
_symmetry.entry_id                         2I4D 
_symmetry.space_group_name_H-M             'P 21 21 2' 
_symmetry.pdbx_full_space_group_name_H-M   ? 
_symmetry.Int_Tables_number                18 
_symmetry.cell_setting                     ? 
_symmetry.space_group_name_Hall            ? 
# 
_exptl.entry_id          2I4D 
_exptl.method            'X-RAY DIFFRACTION' 
_exptl.crystals_number   1 
# 
_exptl_crystal.id                    1 
_exptl_crystal.density_meas          ? 
_exptl_crystal.density_Matthews      2.63 
_exptl_crystal.density_percent_sol   53.28 
_exptl_crystal.description           ? 
_exptl_crystal.F_000                 ? 
_exptl_crystal.preparation           ? 
# 
_exptl_crystal_grow.crystal_id      1 
_exptl_crystal_grow.method          'VAPOR DIFFUSION, HANGING DROP' 
_exptl_crystal_grow.temp            298 
_exptl_crystal_grow.temp_details    ? 
_exptl_crystal_grow.pH              6.5 
_exptl_crystal_grow.pdbx_details    
'0.2M Mg Acetate, 0.1M Na cacodylate, 20% PEG 8000, pH 6.5, VAPOR DIFFUSION, HANGING DROP, temperature 298K' 
_exptl_crystal_grow.pdbx_pH_range   . 
# 
_diffrn.id                     1 
_diffrn.ambient_temp           100 
_diffrn.ambient_temp_details   ? 
_diffrn.crystal_id             1 
# 
_diffrn_detector.diffrn_id              1 
_diffrn_detector.detector               'IMAGE PLATE' 
_diffrn_detector.type                   'RIGAKU RAXIS IV' 
_diffrn_detector.pdbx_collection_date   2002-11-11 
_diffrn_detector.details                ? 
# 
_diffrn_radiation.diffrn_id                        1 
_diffrn_radiation.wavelength_id                    1 
_diffrn_radiation.pdbx_monochromatic_or_laue_m_l   M 
_diffrn_radiation.monochromator                    'Osmic mirrors' 
_diffrn_radiation.pdbx_diffrn_protocol             'SINGLE WAVELENGTH' 
_diffrn_radiation.pdbx_scattering_type             x-ray 
# 
_diffrn_radiation_wavelength.id           1 
_diffrn_radiation_wavelength.wavelength   1.5418 
_diffrn_radiation_wavelength.wt           1.0 
# 
_diffrn_source.diffrn_id                   1 
_diffrn_source.source                      'ROTATING ANODE' 
_diffrn_source.type                        'RIGAKU RU300' 
_diffrn_source.pdbx_synchrotron_site       ? 
_diffrn_source.pdbx_synchrotron_beamline   ? 
_diffrn_source.pdbx_wavelength             ? 
_diffrn_source.pdbx_wavelength_list        1.5418 
# 
_reflns.entry_id                     2I4D 
_reflns.observed_criterion_sigma_F   0.0 
_reflns.observed_criterion_sigma_I   0.0 
_reflns.d_resolution_high            1.5 
_reflns.d_resolution_low             25. 
_reflns.number_all                   43773 
_reflns.number_obs                   41445 
_reflns.percent_possible_obs         94.68 
_reflns.pdbx_Rmerge_I_obs            ? 
_reflns.pdbx_Rsym_value              ? 
_reflns.pdbx_netI_over_sigmaI        ? 
_reflns.B_iso_Wilson_estimate        ? 
_reflns.pdbx_redundancy              ? 
_reflns.R_free_details               ? 
_reflns.limit_h_max                  ? 
_reflns.limit_h_min                  ? 
_reflns.limit_k_max                  ? 
_reflns.limit_k_min                  ? 
_reflns.limit_l_max                  ? 
_reflns.limit_l_min                  ? 
_reflns.observed_criterion_F_max     ? 
_reflns.observed_criterion_F_min     ? 
_reflns.pdbx_chi_squared             ? 
_reflns.pdbx_scaling_rejects         ? 
_reflns.pdbx_ordinal                 1 
_reflns.pdbx_diffrn_id               1 
# 
_refine.entry_id                                 2I4D 
_refine.ls_d_res_high                            1.50 
_refine.ls_d_res_low                             10. 
_refine.pdbx_ls_sigma_F                          2.0 
_refine.pdbx_ls_sigma_I                          ? 
_refine.ls_number_reflns_all                     41445 
_refine.ls_number_reflns_obs                     36997 
_refine.ls_number_reflns_R_free                  3700 
_refine.ls_percent_reflns_obs                    ? 
_refine.ls_R_factor_all                          ? 
_refine.ls_R_factor_obs                          ? 
_refine.ls_R_factor_R_work                       0.241 
_refine.ls_R_factor_R_free                       0.274 
_refine.ls_redundancy_reflns_obs                 ? 
_refine.pdbx_data_cutoff_high_absF               ? 
_refine.pdbx_data_cutoff_low_absF                ? 
_refine.ls_number_parameters                     ? 
_refine.ls_number_restraints                     ? 
_refine.ls_percent_reflns_R_free                 ? 
_refine.ls_R_factor_R_free_error                 ? 
_refine.ls_R_factor_R_free_error_details         ? 
_refine.pdbx_method_to_determine_struct          'MOLECULAR REPLACEMENT' 
_refine.pdbx_starting_model                      ? 
_refine.pdbx_ls_cross_valid_method               THROUGHOUT 
_refine.pdbx_R_Free_selection_details            RANDOM 
_refine.pdbx_stereochem_target_val_spec_case     ? 
_refine.pdbx_stereochemistry_target_values       'Engh & Huber' 
_refine.solvent_model_details                    ? 
_refine.solvent_model_param_bsol                 ? 
_refine.solvent_model_param_ksol                 ? 
_refine.occupancy_max                            ? 
_refine.occupancy_min                            ? 
_refine.pdbx_isotropic_thermal_model             ? 
_refine.B_iso_mean                               ? 
_refine.aniso_B[1][1]                            ? 
_refine.aniso_B[1][2]                            ? 
_refine.aniso_B[1][3]                            ? 
_refine.aniso_B[2][2]                            ? 
_refine.aniso_B[2][3]                            ? 
_refine.aniso_B[3][3]                            ? 
_refine.details                                  ? 
_refine.B_iso_min                                ? 
_refine.B_iso_max                                ? 
_refine.correlation_coeff_Fo_to_Fc               ? 
_refine.correlation_coeff_Fo_to_Fc_free          ? 
_refine.pdbx_solvent_vdw_probe_radii             ? 
_refine.pdbx_solvent_ion_probe_radii             ? 
_refine.pdbx_solvent_shrinkage_radii             ? 
_refine.overall_SU_R_Cruickshank_DPI             ? 
_refine.overall_SU_R_free                        ? 
_refine.overall_SU_ML                            ? 
_refine.overall_SU_B                             ? 
_refine.pdbx_overall_ESU_R_Free                  ? 
_refine.pdbx_data_cutoff_high_rms_absF           ? 
_refine.pdbx_overall_ESU_R                       ? 
_refine.ls_wR_factor_R_free                      ? 
_refine.ls_wR_factor_R_work                      ? 
_refine.overall_FOM_free_R_set                   ? 
_refine.overall_FOM_work_R_set                   ? 
_refine.pdbx_refine_id                           'X-RAY DIFFRACTION' 
_refine.pdbx_diffrn_id                           1 
_refine.pdbx_TLS_residual_ADP_flag               ? 
_refine.pdbx_overall_phase_error                 ? 
_refine.pdbx_overall_SU_R_free_Cruickshank_DPI   ? 
_refine.pdbx_overall_SU_R_Blow_DPI               ? 
_refine.pdbx_overall_SU_R_free_Blow_DPI          ? 
# 
_refine_hist.pdbx_refine_id                   'X-RAY DIFFRACTION' 
_refine_hist.cycle_id                         LAST 
_refine_hist.pdbx_number_atoms_protein        1520 
_refine_hist.pdbx_number_atoms_nucleic_acid   0 
_refine_hist.pdbx_number_atoms_ligand         45 
_refine_hist.number_atoms_solvent             174 
_refine_hist.number_atoms_total               1739 
_refine_hist.d_res_high                       1.50 
_refine_hist.d_res_low                        10. 
# 
_struct.entry_id                  2I4D 
_struct.title                     'Crystal structure of WT HIV-1 protease with GS-8373' 
_struct.pdbx_model_details        ? 
_struct.pdbx_CASP_flag            ? 
_struct.pdbx_model_type_details   ? 
# 
_struct_keywords.entry_id        2I4D 
_struct_keywords.pdbx_keywords   HYDROLASE 
_struct_keywords.text            'HIV-1 Protease, hydrolase' 
# 
loop_
_struct_asym.id 
_struct_asym.pdbx_blank_PDB_chainid_flag 
_struct_asym.pdbx_modified 
_struct_asym.entity_id 
_struct_asym.details 
A N N 1 ? 
B N N 1 ? 
C N N 2 ? 
D N N 3 ? 
E N N 3 ? 
# 
_struct_ref.id                         1 
_struct_ref.db_name                    UNP 
_struct_ref.db_code                    POL_HV1PV 
_struct_ref.pdbx_db_accession          P03368 
_struct_ref.entity_id                  1 
_struct_ref.pdbx_seq_one_letter_code   
;PQITLWQRPLVTIKIGGQLKEALLDTGADDTVLEEMSLPGRWKPKMIGGIGGFIKVRQYDQILIEICGHKAIGTVLVGPT
PVNIIGRNLLTQIGCTLNF
;
_struct_ref.pdbx_align_begin           500 
_struct_ref.pdbx_db_isoform            ? 
# 
loop_
_struct_ref_seq.align_id 
_struct_ref_seq.ref_id 
_struct_ref_seq.pdbx_PDB_id_code 
_struct_ref_seq.pdbx_strand_id 
_struct_ref_seq.seq_align_beg 
_struct_ref_seq.pdbx_seq_align_beg_ins_code 
_struct_ref_seq.seq_align_end 
_struct_ref_seq.pdbx_seq_align_end_ins_code 
_struct_ref_seq.pdbx_db_accession 
_struct_ref_seq.db_align_beg 
_struct_ref_seq.pdbx_db_align_beg_ins_code 
_struct_ref_seq.db_align_end 
_struct_ref_seq.pdbx_db_align_end_ins_code 
_struct_ref_seq.pdbx_auth_seq_align_beg 
_struct_ref_seq.pdbx_auth_seq_align_end 
1 1 2I4D A 1 ? 99 ? P03368 500 ? 598 ? 1   99  
2 1 2I4D B 1 ? 99 ? P03368 500 ? 598 ? 201 299 
# 
loop_
_struct_ref_seq_dif.align_id 
_struct_ref_seq_dif.pdbx_pdb_id_code 
_struct_ref_seq_dif.mon_id 
_struct_ref_seq_dif.pdbx_pdb_strand_id 
_struct_ref_seq_dif.seq_num 
_struct_ref_seq_dif.pdbx_pdb_ins_code 
_struct_ref_seq_dif.pdbx_seq_db_name 
_struct_ref_seq_dif.pdbx_seq_db_accession_code 
_struct_ref_seq_dif.db_mon_id 
_struct_ref_seq_dif.pdbx_seq_db_seq_num 
_struct_ref_seq_dif.details 
_struct_ref_seq_dif.pdbx_auth_seq_num 
_struct_ref_seq_dif.pdbx_ordinal 
1 2I4D MET A 95 ? UNP P03368 CYS 594 conflict 95  1 
2 2I4D MET B 95 ? UNP P03368 CYS 594 conflict 295 2 
# 
_pdbx_struct_assembly.id                   1 
_pdbx_struct_assembly.details              author_and_software_defined_assembly 
_pdbx_struct_assembly.method_details       PISA,PQS 
_pdbx_struct_assembly.oligomeric_details   dimeric 
_pdbx_struct_assembly.oligomeric_count     2 
# 
loop_
_pdbx_struct_assembly_prop.biol_id 
_pdbx_struct_assembly_prop.type 
_pdbx_struct_assembly_prop.value 
_pdbx_struct_assembly_prop.details 
1 'ABSA (A^2)' 5090 ? 
1 MORE         -22  ? 
1 'SSA (A^2)'  9020 ? 
# 
_pdbx_struct_assembly_gen.assembly_id       1 
_pdbx_struct_assembly_gen.oper_expression   1 
_pdbx_struct_assembly_gen.asym_id_list      A,B,C,D,E 
# 
_pdbx_struct_oper_list.id                   1 
_pdbx_struct_oper_list.type                 'identity operation' 
_pdbx_struct_oper_list.name                 1_555 
_pdbx_struct_oper_list.symmetry_operation   x,y,z 
_pdbx_struct_oper_list.matrix[1][1]         1.0000000000 
_pdbx_struct_oper_list.matrix[1][2]         0.0000000000 
_pdbx_struct_oper_list.matrix[1][3]         0.0000000000 
_pdbx_struct_oper_list.vector[1]            0.0000000000 
_pdbx_struct_oper_list.matrix[2][1]         0.0000000000 
_pdbx_struct_oper_list.matrix[2][2]         1.0000000000 
_pdbx_struct_oper_list.matrix[2][3]         0.0000000000 
_pdbx_struct_oper_list.vector[2]            0.0000000000 
_pdbx_struct_oper_list.matrix[3][1]         0.0000000000 
_pdbx_struct_oper_list.matrix[3][2]         0.0000000000 
_pdbx_struct_oper_list.matrix[3][3]         1.0000000000 
_pdbx_struct_oper_list.vector[3]            0.0000000000 
# 
_struct_biol.id   1 
# 
loop_
_struct_conf.conf_type_id 
_struct_conf.id 
_struct_conf.pdbx_PDB_helix_id 
_struct_conf.beg_label_comp_id 
_struct_conf.beg_label_asym_id 
_struct_conf.beg_label_seq_id 
_struct_conf.pdbx_beg_PDB_ins_code 
_struct_conf.end_label_comp_id 
_struct_conf.end_label_asym_id 
_struct_conf.end_label_seq_id 
_struct_conf.pdbx_end_PDB_ins_code 
_struct_conf.beg_auth_comp_id 
_struct_conf.beg_auth_asym_id 
_struct_conf.beg_auth_seq_id 
_struct_conf.end_auth_comp_id 
_struct_conf.end_auth_asym_id 
_struct_conf.end_auth_seq_id 
_struct_conf.pdbx_PDB_helix_class 
_struct_conf.details 
_struct_conf.pdbx_PDB_helix_length 
HELX_P HELX_P1 1 GLY A 86 ? THR A 91 ? GLY A 86  THR A 91  1 ? 6 
HELX_P HELX_P2 2 GLN A 92 ? GLY A 94 ? GLN A 92  GLY A 94  5 ? 3 
HELX_P HELX_P3 3 GLY B 86 ? THR B 91 ? GLY B 286 THR B 291 1 ? 6 
# 
_struct_conf_type.id          HELX_P 
_struct_conf_type.criteria    ? 
_struct_conf_type.reference   ? 
# 
loop_
_struct_sheet.id 
_struct_sheet.type 
_struct_sheet.number_strands 
_struct_sheet.details 
A ? 4 ? 
B ? 8 ? 
C ? 8 ? 
# 
loop_
_struct_sheet_order.sheet_id 
_struct_sheet_order.range_id_1 
_struct_sheet_order.range_id_2 
_struct_sheet_order.offset 
_struct_sheet_order.sense 
A 1 2 ? anti-parallel 
A 2 3 ? anti-parallel 
A 3 4 ? anti-parallel 
B 1 2 ? anti-parallel 
B 2 3 ? anti-parallel 
B 3 4 ? parallel      
B 4 5 ? anti-parallel 
B 5 6 ? parallel      
B 6 7 ? anti-parallel 
B 7 8 ? anti-parallel 
C 1 2 ? anti-parallel 
C 2 3 ? anti-parallel 
C 3 4 ? parallel      
C 4 5 ? anti-parallel 
C 5 6 ? parallel      
C 6 7 ? anti-parallel 
C 7 8 ? anti-parallel 
# 
loop_
_struct_sheet_range.sheet_id 
_struct_sheet_range.id 
_struct_sheet_range.beg_label_comp_id 
_struct_sheet_range.beg_label_asym_id 
_struct_sheet_range.beg_label_seq_id 
_struct_sheet_range.pdbx_beg_PDB_ins_code 
_struct_sheet_range.end_label_comp_id 
_struct_sheet_range.end_label_asym_id 
_struct_sheet_range.end_label_seq_id 
_struct_sheet_range.pdbx_end_PDB_ins_code 
_struct_sheet_range.beg_auth_comp_id 
_struct_sheet_range.beg_auth_asym_id 
_struct_sheet_range.beg_auth_seq_id 
_struct_sheet_range.end_auth_comp_id 
_struct_sheet_range.end_auth_asym_id 
_struct_sheet_range.end_auth_seq_id 
A 1 GLN A 2  ? ILE A 3  ? GLN A 2   ILE A 3   
A 2 THR B 96 ? ASN B 98 ? THR B 296 ASN B 298 
A 3 THR A 96 ? ASN A 98 ? THR A 96  ASN A 98  
A 4 GLN B 2  ? ILE B 3  ? GLN B 202 ILE B 203 
B 1 LYS A 43 ? GLY A 49 ? LYS A 43  GLY A 49  
B 2 GLY A 52 ? ILE A 66 ? GLY A 52  ILE A 66  
B 3 HIS A 69 ? VAL A 77 ? HIS A 69  VAL A 77  
B 4 THR A 31 ? LEU A 33 ? THR A 31  LEU A 33  
B 5 ILE A 84 ? ILE A 85 ? ILE A 84  ILE A 85  
B 6 GLN A 18 ? LEU A 24 ? GLN A 18  LEU A 24  
B 7 LEU A 10 ? ILE A 15 ? LEU A 10  ILE A 15  
B 8 GLY A 52 ? ILE A 66 ? GLY A 52  ILE A 66  
C 1 LYS B 43 ? GLY B 48 ? LYS B 243 GLY B 248 
C 2 PHE B 53 ? ILE B 66 ? PHE B 253 ILE B 266 
C 3 HIS B 69 ? VAL B 77 ? HIS B 269 VAL B 277 
C 4 VAL B 32 ? LEU B 33 ? VAL B 232 LEU B 233 
C 5 ILE B 84 ? ILE B 85 ? ILE B 284 ILE B 285 
C 6 GLN B 18 ? LEU B 24 ? GLN B 218 LEU B 224 
C 7 LEU B 10 ? ILE B 15 ? LEU B 210 ILE B 215 
C 8 PHE B 53 ? ILE B 66 ? PHE B 253 ILE B 266 
# 
loop_
_pdbx_struct_sheet_hbond.sheet_id 
_pdbx_struct_sheet_hbond.range_id_1 
_pdbx_struct_sheet_hbond.range_id_2 
_pdbx_struct_sheet_hbond.range_1_label_atom_id 
_pdbx_struct_sheet_hbond.range_1_label_comp_id 
_pdbx_struct_sheet_hbond.range_1_label_asym_id 
_pdbx_struct_sheet_hbond.range_1_label_seq_id 
_pdbx_struct_sheet_hbond.range_1_PDB_ins_code 
_pdbx_struct_sheet_hbond.range_1_auth_atom_id 
_pdbx_struct_sheet_hbond.range_1_auth_comp_id 
_pdbx_struct_sheet_hbond.range_1_auth_asym_id 
_pdbx_struct_sheet_hbond.range_1_auth_seq_id 
_pdbx_struct_sheet_hbond.range_2_label_atom_id 
_pdbx_struct_sheet_hbond.range_2_label_comp_id 
_pdbx_struct_sheet_hbond.range_2_label_asym_id 
_pdbx_struct_sheet_hbond.range_2_label_seq_id 
_pdbx_struct_sheet_hbond.range_2_PDB_ins_code 
_pdbx_struct_sheet_hbond.range_2_auth_atom_id 
_pdbx_struct_sheet_hbond.range_2_auth_comp_id 
_pdbx_struct_sheet_hbond.range_2_auth_asym_id 
_pdbx_struct_sheet_hbond.range_2_auth_seq_id 
A 1 2 N ILE A 3  ? N ILE A 3   O LEU B 97 ? O LEU B 297 
A 2 3 O ASN B 98 ? O ASN B 298 N THR A 96 ? N THR A 96  
A 3 4 N LEU A 97 ? N LEU A 97  O ILE B 3  ? O ILE B 203 
B 1 2 N LYS A 43 ? N LYS A 43  O GLN A 58 ? O GLN A 58  
B 2 3 N TYR A 59 ? N TYR A 59  O VAL A 75 ? O VAL A 75  
B 3 4 O LEU A 76 ? O LEU A 76  N LEU A 33 ? N LEU A 33  
B 4 5 N VAL A 32 ? N VAL A 32  O ILE A 84 ? O ILE A 84  
B 5 6 O ILE A 85 ? O ILE A 85  N LEU A 23 ? N LEU A 23  
B 6 7 O ALA A 22 ? O ALA A 22  N VAL A 11 ? N VAL A 11  
B 7 8 N LYS A 14 ? N LYS A 14  O GLU A 65 ? O GLU A 65  
C 1 2 N LYS B 43 ? N LYS B 243 O GLN B 58 ? O GLN B 258 
C 2 3 N ILE B 62 ? N ILE B 262 O GLY B 73 ? O GLY B 273 
C 3 4 O LEU B 76 ? O LEU B 276 N LEU B 33 ? N LEU B 233 
C 4 5 N VAL B 32 ? N VAL B 232 O ILE B 84 ? O ILE B 284 
C 5 6 O ILE B 85 ? O ILE B 285 N LEU B 23 ? N LEU B 223 
C 6 7 O ALA B 22 ? O ALA B 222 N VAL B 11 ? N VAL B 211 
C 7 8 N LYS B 14 ? N LYS B 214 O GLU B 65 ? O GLU B 265 
# 
_struct_site.id                   AC1 
_struct_site.pdbx_evidence_code   Software 
_struct_site.pdbx_auth_asym_id    B 
_struct_site.pdbx_auth_comp_id    QFI 
_struct_site.pdbx_auth_seq_id     300 
_struct_site.pdbx_auth_ins_code   ? 
_struct_site.pdbx_num_residues    24 
_struct_site.details              'BINDING SITE FOR RESIDUE QFI B 300' 
# 
loop_
_struct_site_gen.id 
_struct_site_gen.site_id 
_struct_site_gen.pdbx_num_res 
_struct_site_gen.label_comp_id 
_struct_site_gen.label_asym_id 
_struct_site_gen.label_seq_id 
_struct_site_gen.pdbx_auth_ins_code 
_struct_site_gen.auth_comp_id 
_struct_site_gen.auth_asym_id 
_struct_site_gen.auth_seq_id 
_struct_site_gen.label_atom_id 
_struct_site_gen.label_alt_id 
_struct_site_gen.symmetry 
_struct_site_gen.details 
1  AC1 24 ARG A 8  ? ARG A 8   . ? 1_555 ? 
2  AC1 24 ASP A 25 ? ASP A 25  . ? 1_555 ? 
3  AC1 24 GLY A 27 ? GLY A 27  . ? 1_555 ? 
4  AC1 24 ALA A 28 ? ALA A 28  . ? 1_555 ? 
5  AC1 24 ASP A 30 ? ASP A 30  . ? 1_555 ? 
6  AC1 24 GLY A 48 ? GLY A 48  . ? 1_555 ? 
7  AC1 24 GLY A 49 ? GLY A 49  . ? 1_555 ? 
8  AC1 24 PRO A 81 ? PRO A 81  . ? 1_555 ? 
9  AC1 24 VAL A 82 ? VAL A 82  . ? 1_555 ? 
10 AC1 24 ILE A 84 ? ILE A 84  . ? 1_555 ? 
11 AC1 24 ASP B 25 ? ASP B 225 . ? 1_555 ? 
12 AC1 24 GLY B 27 ? GLY B 227 . ? 1_555 ? 
13 AC1 24 ALA B 28 ? ALA B 228 . ? 1_555 ? 
14 AC1 24 ASP B 29 ? ASP B 229 . ? 1_555 ? 
15 AC1 24 ASP B 30 ? ASP B 230 . ? 1_555 ? 
16 AC1 24 GLY B 48 ? GLY B 248 . ? 1_555 ? 
17 AC1 24 GLY B 49 ? GLY B 249 . ? 1_555 ? 
18 AC1 24 ILE B 50 ? ILE B 250 . ? 1_555 ? 
19 AC1 24 PHE B 53 ? PHE B 253 . ? 1_555 ? 
20 AC1 24 PRO B 81 ? PRO B 281 . ? 1_555 ? 
21 AC1 24 HOH E .  ? HOH B 307 . ? 1_555 ? 
22 AC1 24 HOH E .  ? HOH B 421 . ? 1_555 ? 
23 AC1 24 HOH E .  ? HOH B 459 . ? 1_555 ? 
24 AC1 24 HOH E .  ? HOH B 462 . ? 1_555 ? 
# 
_pdbx_validate_torsion.id              1 
_pdbx_validate_torsion.PDB_model_num   1 
_pdbx_validate_torsion.auth_comp_id    PRO 
_pdbx_validate_torsion.auth_asym_id    B 
_pdbx_validate_torsion.auth_seq_id     279 
_pdbx_validate_torsion.PDB_ins_code    ? 
_pdbx_validate_torsion.label_alt_id    ? 
_pdbx_validate_torsion.phi             -69.15 
_pdbx_validate_torsion.psi             89.86 
# 
loop_
_chem_comp_atom.comp_id 
_chem_comp_atom.atom_id 
_chem_comp_atom.type_symbol 
_chem_comp_atom.pdbx_aromatic_flag 
_chem_comp_atom.pdbx_stereo_config 
_chem_comp_atom.pdbx_ordinal 
ALA N    N N N 1   
ALA CA   C N S 2   
ALA C    C N N 3   
ALA O    O N N 4   
ALA CB   C N N 5   
ALA OXT  O N N 6   
ALA H    H N N 7   
ALA H2   H N N 8   
ALA HA   H N N 9   
ALA HB1  H N N 10  
ALA HB2  H N N 11  
ALA HB3  H N N 12  
ALA HXT  H N N 13  
ARG N    N N N 14  
ARG CA   C N S 15  
ARG C    C N N 16  
ARG O    O N N 17  
ARG CB   C N N 18  
ARG CG   C N N 19  
ARG CD   C N N 20  
ARG NE   N N N 21  
ARG CZ   C N N 22  
ARG NH1  N N N 23  
ARG NH2  N N N 24  
ARG OXT  O N N 25  
ARG H    H N N 26  
ARG H2   H N N 27  
ARG HA   H N N 28  
ARG HB2  H N N 29  
ARG HB3  H N N 30  
ARG HG2  H N N 31  
ARG HG3  H N N 32  
ARG HD2  H N N 33  
ARG HD3  H N N 34  
ARG HE   H N N 35  
ARG HH11 H N N 36  
ARG HH12 H N N 37  
ARG HH21 H N N 38  
ARG HH22 H N N 39  
ARG HXT  H N N 40  
ASN N    N N N 41  
ASN CA   C N S 42  
ASN C    C N N 43  
ASN O    O N N 44  
ASN CB   C N N 45  
ASN CG   C N N 46  
ASN OD1  O N N 47  
ASN ND2  N N N 48  
ASN OXT  O N N 49  
ASN H    H N N 50  
ASN H2   H N N 51  
ASN HA   H N N 52  
ASN HB2  H N N 53  
ASN HB3  H N N 54  
ASN HD21 H N N 55  
ASN HD22 H N N 56  
ASN HXT  H N N 57  
ASP N    N N N 58  
ASP CA   C N S 59  
ASP C    C N N 60  
ASP O    O N N 61  
ASP CB   C N N 62  
ASP CG   C N N 63  
ASP OD1  O N N 64  
ASP OD2  O N N 65  
ASP OXT  O N N 66  
ASP H    H N N 67  
ASP H2   H N N 68  
ASP HA   H N N 69  
ASP HB2  H N N 70  
ASP HB3  H N N 71  
ASP HD2  H N N 72  
ASP HXT  H N N 73  
CYS N    N N N 74  
CYS CA   C N R 75  
CYS C    C N N 76  
CYS O    O N N 77  
CYS CB   C N N 78  
CYS SG   S N N 79  
CYS OXT  O N N 80  
CYS H    H N N 81  
CYS H2   H N N 82  
CYS HA   H N N 83  
CYS HB2  H N N 84  
CYS HB3  H N N 85  
CYS HG   H N N 86  
CYS HXT  H N N 87  
GLN N    N N N 88  
GLN CA   C N S 89  
GLN C    C N N 90  
GLN O    O N N 91  
GLN CB   C N N 92  
GLN CG   C N N 93  
GLN CD   C N N 94  
GLN OE1  O N N 95  
GLN NE2  N N N 96  
GLN OXT  O N N 97  
GLN H    H N N 98  
GLN H2   H N N 99  
GLN HA   H N N 100 
GLN HB2  H N N 101 
GLN HB3  H N N 102 
GLN HG2  H N N 103 
GLN HG3  H N N 104 
GLN HE21 H N N 105 
GLN HE22 H N N 106 
GLN HXT  H N N 107 
GLU N    N N N 108 
GLU CA   C N S 109 
GLU C    C N N 110 
GLU O    O N N 111 
GLU CB   C N N 112 
GLU CG   C N N 113 
GLU CD   C N N 114 
GLU OE1  O N N 115 
GLU OE2  O N N 116 
GLU OXT  O N N 117 
GLU H    H N N 118 
GLU H2   H N N 119 
GLU HA   H N N 120 
GLU HB2  H N N 121 
GLU HB3  H N N 122 
GLU HG2  H N N 123 
GLU HG3  H N N 124 
GLU HE2  H N N 125 
GLU HXT  H N N 126 
GLY N    N N N 127 
GLY CA   C N N 128 
GLY C    C N N 129 
GLY O    O N N 130 
GLY OXT  O N N 131 
GLY H    H N N 132 
GLY H2   H N N 133 
GLY HA2  H N N 134 
GLY HA3  H N N 135 
GLY HXT  H N N 136 
HIS N    N N N 137 
HIS CA   C N S 138 
HIS C    C N N 139 
HIS O    O N N 140 
HIS CB   C N N 141 
HIS CG   C Y N 142 
HIS ND1  N Y N 143 
HIS CD2  C Y N 144 
HIS CE1  C Y N 145 
HIS NE2  N Y N 146 
HIS OXT  O N N 147 
HIS H    H N N 148 
HIS H2   H N N 149 
HIS HA   H N N 150 
HIS HB2  H N N 151 
HIS HB3  H N N 152 
HIS HD1  H N N 153 
HIS HD2  H N N 154 
HIS HE1  H N N 155 
HIS HE2  H N N 156 
HIS HXT  H N N 157 
HOH O    O N N 158 
HOH H1   H N N 159 
HOH H2   H N N 160 
ILE N    N N N 161 
ILE CA   C N S 162 
ILE C    C N N 163 
ILE O    O N N 164 
ILE CB   C N S 165 
ILE CG1  C N N 166 
ILE CG2  C N N 167 
ILE CD1  C N N 168 
ILE OXT  O N N 169 
ILE H    H N N 170 
ILE H2   H N N 171 
ILE HA   H N N 172 
ILE HB   H N N 173 
ILE HG12 H N N 174 
ILE HG13 H N N 175 
ILE HG21 H N N 176 
ILE HG22 H N N 177 
ILE HG23 H N N 178 
ILE HD11 H N N 179 
ILE HD12 H N N 180 
ILE HD13 H N N 181 
ILE HXT  H N N 182 
LEU N    N N N 183 
LEU CA   C N S 184 
LEU C    C N N 185 
LEU O    O N N 186 
LEU CB   C N N 187 
LEU CG   C N N 188 
LEU CD1  C N N 189 
LEU CD2  C N N 190 
LEU OXT  O N N 191 
LEU H    H N N 192 
LEU H2   H N N 193 
LEU HA   H N N 194 
LEU HB2  H N N 195 
LEU HB3  H N N 196 
LEU HG   H N N 197 
LEU HD11 H N N 198 
LEU HD12 H N N 199 
LEU HD13 H N N 200 
LEU HD21 H N N 201 
LEU HD22 H N N 202 
LEU HD23 H N N 203 
LEU HXT  H N N 204 
LYS N    N N N 205 
LYS CA   C N S 206 
LYS C    C N N 207 
LYS O    O N N 208 
LYS CB   C N N 209 
LYS CG   C N N 210 
LYS CD   C N N 211 
LYS CE   C N N 212 
LYS NZ   N N N 213 
LYS OXT  O N N 214 
LYS H    H N N 215 
LYS H2   H N N 216 
LYS HA   H N N 217 
LYS HB2  H N N 218 
LYS HB3  H N N 219 
LYS HG2  H N N 220 
LYS HG3  H N N 221 
LYS HD2  H N N 222 
LYS HD3  H N N 223 
LYS HE2  H N N 224 
LYS HE3  H N N 225 
LYS HZ1  H N N 226 
LYS HZ2  H N N 227 
LYS HZ3  H N N 228 
LYS HXT  H N N 229 
MET N    N N N 230 
MET CA   C N S 231 
MET C    C N N 232 
MET O    O N N 233 
MET CB   C N N 234 
MET CG   C N N 235 
MET SD   S N N 236 
MET CE   C N N 237 
MET OXT  O N N 238 
MET H    H N N 239 
MET H2   H N N 240 
MET HA   H N N 241 
MET HB2  H N N 242 
MET HB3  H N N 243 
MET HG2  H N N 244 
MET HG3  H N N 245 
MET HE1  H N N 246 
MET HE2  H N N 247 
MET HE3  H N N 248 
MET HXT  H N N 249 
PHE N    N N N 250 
PHE CA   C N S 251 
PHE C    C N N 252 
PHE O    O N N 253 
PHE CB   C N N 254 
PHE CG   C Y N 255 
PHE CD1  C Y N 256 
PHE CD2  C Y N 257 
PHE CE1  C Y N 258 
PHE CE2  C Y N 259 
PHE CZ   C Y N 260 
PHE OXT  O N N 261 
PHE H    H N N 262 
PHE H2   H N N 263 
PHE HA   H N N 264 
PHE HB2  H N N 265 
PHE HB3  H N N 266 
PHE HD1  H N N 267 
PHE HD2  H N N 268 
PHE HE1  H N N 269 
PHE HE2  H N N 270 
PHE HZ   H N N 271 
PHE HXT  H N N 272 
PRO N    N N N 273 
PRO CA   C N S 274 
PRO C    C N N 275 
PRO O    O N N 276 
PRO CB   C N N 277 
PRO CG   C N N 278 
PRO CD   C N N 279 
PRO OXT  O N N 280 
PRO H    H N N 281 
PRO HA   H N N 282 
PRO HB2  H N N 283 
PRO HB3  H N N 284 
PRO HG2  H N N 285 
PRO HG3  H N N 286 
PRO HD2  H N N 287 
PRO HD3  H N N 288 
PRO HXT  H N N 289 
QFI C    C N S 290 
QFI O    O N N 291 
QFI C5   C N S 292 
QFI O4   O N N 293 
QFI C4   C N N 294 
QFI N1   N N N 295 
QFI C6   C N S 296 
QFI C7   C N R 297 
QFI C15  C N N 298 
QFI N2   N N S 299 
QFI C16  C N N 300 
QFI C17  C N N 301 
QFI C24  C N N 302 
QFI C25  C N N 303 
QFI S    S N N 304 
QFI C18  C Y N 305 
QFI C19  C Y N 306 
QFI C20  C Y N 307 
QFI C21  C Y N 308 
QFI O1   O N N 309 
QFI C26  C N N 310 
QFI C22  C Y N 311 
QFI C23  C Y N 312 
QFI O7   O N N 313 
QFI O8   O N N 314 
QFI O6   O N N 315 
QFI C8   C N N 316 
QFI C9   C Y N 317 
QFI C10  C Y N 318 
QFI C12  C Y N 319 
QFI C14  C Y N 320 
QFI O40  O N N 321 
QFI C41  C N N 322 
QFI P42  P N N 323 
QFI O45  O N N 324 
QFI O44  O N N 325 
QFI O43  O N N 326 
QFI C13  C Y N 327 
QFI C11  C Y N 328 
QFI O5   O N N 329 
QFI C3   C N N 330 
QFI C27  C N R 331 
QFI O9   O N N 332 
QFI C2   C N N 333 
QFI C1   C N N 334 
QFI H    H N N 335 
QFI H5   H N N 336 
QFI HN1  H N N 337 
QFI H6   H N N 338 
QFI H7   H N N 339 
QFI H151 H N N 340 
QFI H152 H N N 341 
QFI H161 H N N 342 
QFI H162 H N N 343 
QFI H17  H N N 344 
QFI H241 H N N 345 
QFI H242 H N N 346 
QFI H243 H N N 347 
QFI H251 H N N 348 
QFI H252 H N N 349 
QFI H253 H N N 350 
QFI H19  H N N 351 
QFI H20  H N N 352 
QFI H261 H N N 353 
QFI H262 H N N 354 
QFI H263 H N N 355 
QFI H22  H N N 356 
QFI H23  H N N 357 
QFI HO6  H N N 358 
QFI H81  H N N 359 
QFI H82  H N N 360 
QFI H10  H N N 361 
QFI H12  H N N 362 
QFI H411 H N N 363 
QFI H412 H N N 364 
QFI HO45 H N N 365 
QFI HO44 H N N 366 
QFI H13  H N N 367 
QFI H11  H N N 368 
QFI H31  H N N 369 
QFI H32  H N N 370 
QFI H27  H N N 371 
QFI H21  H N N 372 
QFI H22A H N N 373 
QFI H11A H N N 374 
QFI H12A H N N 375 
SER N    N N N 376 
SER CA   C N S 377 
SER C    C N N 378 
SER O    O N N 379 
SER CB   C N N 380 
SER OG   O N N 381 
SER OXT  O N N 382 
SER H    H N N 383 
SER H2   H N N 384 
SER HA   H N N 385 
SER HB2  H N N 386 
SER HB3  H N N 387 
SER HG   H N N 388 
SER HXT  H N N 389 
THR N    N N N 390 
THR CA   C N S 391 
THR C    C N N 392 
THR O    O N N 393 
THR CB   C N R 394 
THR OG1  O N N 395 
THR CG2  C N N 396 
THR OXT  O N N 397 
THR H    H N N 398 
THR H2   H N N 399 
THR HA   H N N 400 
THR HB   H N N 401 
THR HG1  H N N 402 
THR HG21 H N N 403 
THR HG22 H N N 404 
THR HG23 H N N 405 
THR HXT  H N N 406 
TRP N    N N N 407 
TRP CA   C N S 408 
TRP C    C N N 409 
TRP O    O N N 410 
TRP CB   C N N 411 
TRP CG   C Y N 412 
TRP CD1  C Y N 413 
TRP CD2  C Y N 414 
TRP NE1  N Y N 415 
TRP CE2  C Y N 416 
TRP CE3  C Y N 417 
TRP CZ2  C Y N 418 
TRP CZ3  C Y N 419 
TRP CH2  C Y N 420 
TRP OXT  O N N 421 
TRP H    H N N 422 
TRP H2   H N N 423 
TRP HA   H N N 424 
TRP HB2  H N N 425 
TRP HB3  H N N 426 
TRP HD1  H N N 427 
TRP HE1  H N N 428 
TRP HE3  H N N 429 
TRP HZ2  H N N 430 
TRP HZ3  H N N 431 
TRP HH2  H N N 432 
TRP HXT  H N N 433 
TYR N    N N N 434 
TYR CA   C N S 435 
TYR C    C N N 436 
TYR O    O N N 437 
TYR CB   C N N 438 
TYR CG   C Y N 439 
TYR CD1  C Y N 440 
TYR CD2  C Y N 441 
TYR CE1  C Y N 442 
TYR CE2  C Y N 443 
TYR CZ   C Y N 444 
TYR OH   O N N 445 
TYR OXT  O N N 446 
TYR H    H N N 447 
TYR H2   H N N 448 
TYR HA   H N N 449 
TYR HB2  H N N 450 
TYR HB3  H N N 451 
TYR HD1  H N N 452 
TYR HD2  H N N 453 
TYR HE1  H N N 454 
TYR HE2  H N N 455 
TYR HH   H N N 456 
TYR HXT  H N N 457 
VAL N    N N N 458 
VAL CA   C N S 459 
VAL C    C N N 460 
VAL O    O N N 461 
VAL CB   C N N 462 
VAL CG1  C N N 463 
VAL CG2  C N N 464 
VAL OXT  O N N 465 
VAL H    H N N 466 
VAL H2   H N N 467 
VAL HA   H N N 468 
VAL HB   H N N 469 
VAL HG11 H N N 470 
VAL HG12 H N N 471 
VAL HG13 H N N 472 
VAL HG21 H N N 473 
VAL HG22 H N N 474 
VAL HG23 H N N 475 
VAL HXT  H N N 476 
# 
loop_
_chem_comp_bond.comp_id 
_chem_comp_bond.atom_id_1 
_chem_comp_bond.atom_id_2 
_chem_comp_bond.value_order 
_chem_comp_bond.pdbx_aromatic_flag 
_chem_comp_bond.pdbx_stereo_config 
_chem_comp_bond.pdbx_ordinal 
ALA N   CA   sing N N 1   
ALA N   H    sing N N 2   
ALA N   H2   sing N N 3   
ALA CA  C    sing N N 4   
ALA CA  CB   sing N N 5   
ALA CA  HA   sing N N 6   
ALA C   O    doub N N 7   
ALA C   OXT  sing N N 8   
ALA CB  HB1  sing N N 9   
ALA CB  HB2  sing N N 10  
ALA CB  HB3  sing N N 11  
ALA OXT HXT  sing N N 12  
ARG N   CA   sing N N 13  
ARG N   H    sing N N 14  
ARG N   H2   sing N N 15  
ARG CA  C    sing N N 16  
ARG CA  CB   sing N N 17  
ARG CA  HA   sing N N 18  
ARG C   O    doub N N 19  
ARG C   OXT  sing N N 20  
ARG CB  CG   sing N N 21  
ARG CB  HB2  sing N N 22  
ARG CB  HB3  sing N N 23  
ARG CG  CD   sing N N 24  
ARG CG  HG2  sing N N 25  
ARG CG  HG3  sing N N 26  
ARG CD  NE   sing N N 27  
ARG CD  HD2  sing N N 28  
ARG CD  HD3  sing N N 29  
ARG NE  CZ   sing N N 30  
ARG NE  HE   sing N N 31  
ARG CZ  NH1  sing N N 32  
ARG CZ  NH2  doub N N 33  
ARG NH1 HH11 sing N N 34  
ARG NH1 HH12 sing N N 35  
ARG NH2 HH21 sing N N 36  
ARG NH2 HH22 sing N N 37  
ARG OXT HXT  sing N N 38  
ASN N   CA   sing N N 39  
ASN N   H    sing N N 40  
ASN N   H2   sing N N 41  
ASN CA  C    sing N N 42  
ASN CA  CB   sing N N 43  
ASN CA  HA   sing N N 44  
ASN C   O    doub N N 45  
ASN C   OXT  sing N N 46  
ASN CB  CG   sing N N 47  
ASN CB  HB2  sing N N 48  
ASN CB  HB3  sing N N 49  
ASN CG  OD1  doub N N 50  
ASN CG  ND2  sing N N 51  
ASN ND2 HD21 sing N N 52  
ASN ND2 HD22 sing N N 53  
ASN OXT HXT  sing N N 54  
ASP N   CA   sing N N 55  
ASP N   H    sing N N 56  
ASP N   H2   sing N N 57  
ASP CA  C    sing N N 58  
ASP CA  CB   sing N N 59  
ASP CA  HA   sing N N 60  
ASP C   O    doub N N 61  
ASP C   OXT  sing N N 62  
ASP CB  CG   sing N N 63  
ASP CB  HB2  sing N N 64  
ASP CB  HB3  sing N N 65  
ASP CG  OD1  doub N N 66  
ASP CG  OD2  sing N N 67  
ASP OD2 HD2  sing N N 68  
ASP OXT HXT  sing N N 69  
CYS N   CA   sing N N 70  
CYS N   H    sing N N 71  
CYS N   H2   sing N N 72  
CYS CA  C    sing N N 73  
CYS CA  CB   sing N N 74  
CYS CA  HA   sing N N 75  
CYS C   O    doub N N 76  
CYS C   OXT  sing N N 77  
CYS CB  SG   sing N N 78  
CYS CB  HB2  sing N N 79  
CYS CB  HB3  sing N N 80  
CYS SG  HG   sing N N 81  
CYS OXT HXT  sing N N 82  
GLN N   CA   sing N N 83  
GLN N   H    sing N N 84  
GLN N   H2   sing N N 85  
GLN CA  C    sing N N 86  
GLN CA  CB   sing N N 87  
GLN CA  HA   sing N N 88  
GLN C   O    doub N N 89  
GLN C   OXT  sing N N 90  
GLN CB  CG   sing N N 91  
GLN CB  HB2  sing N N 92  
GLN CB  HB3  sing N N 93  
GLN CG  CD   sing N N 94  
GLN CG  HG2  sing N N 95  
GLN CG  HG3  sing N N 96  
GLN CD  OE1  doub N N 97  
GLN CD  NE2  sing N N 98  
GLN NE2 HE21 sing N N 99  
GLN NE2 HE22 sing N N 100 
GLN OXT HXT  sing N N 101 
GLU N   CA   sing N N 102 
GLU N   H    sing N N 103 
GLU N   H2   sing N N 104 
GLU CA  C    sing N N 105 
GLU CA  CB   sing N N 106 
GLU CA  HA   sing N N 107 
GLU C   O    doub N N 108 
GLU C   OXT  sing N N 109 
GLU CB  CG   sing N N 110 
GLU CB  HB2  sing N N 111 
GLU CB  HB3  sing N N 112 
GLU CG  CD   sing N N 113 
GLU CG  HG2  sing N N 114 
GLU CG  HG3  sing N N 115 
GLU CD  OE1  doub N N 116 
GLU CD  OE2  sing N N 117 
GLU OE2 HE2  sing N N 118 
GLU OXT HXT  sing N N 119 
GLY N   CA   sing N N 120 
GLY N   H    sing N N 121 
GLY N   H2   sing N N 122 
GLY CA  C    sing N N 123 
GLY CA  HA2  sing N N 124 
GLY CA  HA3  sing N N 125 
GLY C   O    doub N N 126 
GLY C   OXT  sing N N 127 
GLY OXT HXT  sing N N 128 
HIS N   CA   sing N N 129 
HIS N   H    sing N N 130 
HIS N   H2   sing N N 131 
HIS CA  C    sing N N 132 
HIS CA  CB   sing N N 133 
HIS CA  HA   sing N N 134 
HIS C   O    doub N N 135 
HIS C   OXT  sing N N 136 
HIS CB  CG   sing N N 137 
HIS CB  HB2  sing N N 138 
HIS CB  HB3  sing N N 139 
HIS CG  ND1  sing Y N 140 
HIS CG  CD2  doub Y N 141 
HIS ND1 CE1  doub Y N 142 
HIS ND1 HD1  sing N N 143 
HIS CD2 NE2  sing Y N 144 
HIS CD2 HD2  sing N N 145 
HIS CE1 NE2  sing Y N 146 
HIS CE1 HE1  sing N N 147 
HIS NE2 HE2  sing N N 148 
HIS OXT HXT  sing N N 149 
HOH O   H1   sing N N 150 
HOH O   H2   sing N N 151 
ILE N   CA   sing N N 152 
ILE N   H    sing N N 153 
ILE N   H2   sing N N 154 
ILE CA  C    sing N N 155 
ILE CA  CB   sing N N 156 
ILE CA  HA   sing N N 157 
ILE C   O    doub N N 158 
ILE C   OXT  sing N N 159 
ILE CB  CG1  sing N N 160 
ILE CB  CG2  sing N N 161 
ILE CB  HB   sing N N 162 
ILE CG1 CD1  sing N N 163 
ILE CG1 HG12 sing N N 164 
ILE CG1 HG13 sing N N 165 
ILE CG2 HG21 sing N N 166 
ILE CG2 HG22 sing N N 167 
ILE CG2 HG23 sing N N 168 
ILE CD1 HD11 sing N N 169 
ILE CD1 HD12 sing N N 170 
ILE CD1 HD13 sing N N 171 
ILE OXT HXT  sing N N 172 
LEU N   CA   sing N N 173 
LEU N   H    sing N N 174 
LEU N   H2   sing N N 175 
LEU CA  C    sing N N 176 
LEU CA  CB   sing N N 177 
LEU CA  HA   sing N N 178 
LEU C   O    doub N N 179 
LEU C   OXT  sing N N 180 
LEU CB  CG   sing N N 181 
LEU CB  HB2  sing N N 182 
LEU CB  HB3  sing N N 183 
LEU CG  CD1  sing N N 184 
LEU CG  CD2  sing N N 185 
LEU CG  HG   sing N N 186 
LEU CD1 HD11 sing N N 187 
LEU CD1 HD12 sing N N 188 
LEU CD1 HD13 sing N N 189 
LEU CD2 HD21 sing N N 190 
LEU CD2 HD22 sing N N 191 
LEU CD2 HD23 sing N N 192 
LEU OXT HXT  sing N N 193 
LYS N   CA   sing N N 194 
LYS N   H    sing N N 195 
LYS N   H2   sing N N 196 
LYS CA  C    sing N N 197 
LYS CA  CB   sing N N 198 
LYS CA  HA   sing N N 199 
LYS C   O    doub N N 200 
LYS C   OXT  sing N N 201 
LYS CB  CG   sing N N 202 
LYS CB  HB2  sing N N 203 
LYS CB  HB3  sing N N 204 
LYS CG  CD   sing N N 205 
LYS CG  HG2  sing N N 206 
LYS CG  HG3  sing N N 207 
LYS CD  CE   sing N N 208 
LYS CD  HD2  sing N N 209 
LYS CD  HD3  sing N N 210 
LYS CE  NZ   sing N N 211 
LYS CE  HE2  sing N N 212 
LYS CE  HE3  sing N N 213 
LYS NZ  HZ1  sing N N 214 
LYS NZ  HZ2  sing N N 215 
LYS NZ  HZ3  sing N N 216 
LYS OXT HXT  sing N N 217 
MET N   CA   sing N N 218 
MET N   H    sing N N 219 
MET N   H2   sing N N 220 
MET CA  C    sing N N 221 
MET CA  CB   sing N N 222 
MET CA  HA   sing N N 223 
MET C   O    doub N N 224 
MET C   OXT  sing N N 225 
MET CB  CG   sing N N 226 
MET CB  HB2  sing N N 227 
MET CB  HB3  sing N N 228 
MET CG  SD   sing N N 229 
MET CG  HG2  sing N N 230 
MET CG  HG3  sing N N 231 
MET SD  CE   sing N N 232 
MET CE  HE1  sing N N 233 
MET CE  HE2  sing N N 234 
MET CE  HE3  sing N N 235 
MET OXT HXT  sing N N 236 
PHE N   CA   sing N N 237 
PHE N   H    sing N N 238 
PHE N   H2   sing N N 239 
PHE CA  C    sing N N 240 
PHE CA  CB   sing N N 241 
PHE CA  HA   sing N N 242 
PHE C   O    doub N N 243 
PHE C   OXT  sing N N 244 
PHE CB  CG   sing N N 245 
PHE CB  HB2  sing N N 246 
PHE CB  HB3  sing N N 247 
PHE CG  CD1  doub Y N 248 
PHE CG  CD2  sing Y N 249 
PHE CD1 CE1  sing Y N 250 
PHE CD1 HD1  sing N N 251 
PHE CD2 CE2  doub Y N 252 
PHE CD2 HD2  sing N N 253 
PHE CE1 CZ   doub Y N 254 
PHE CE1 HE1  sing N N 255 
PHE CE2 CZ   sing Y N 256 
PHE CE2 HE2  sing N N 257 
PHE CZ  HZ   sing N N 258 
PHE OXT HXT  sing N N 259 
PRO N   CA   sing N N 260 
PRO N   CD   sing N N 261 
PRO N   H    sing N N 262 
PRO CA  C    sing N N 263 
PRO CA  CB   sing N N 264 
PRO CA  HA   sing N N 265 
PRO C   O    doub N N 266 
PRO C   OXT  sing N N 267 
PRO CB  CG   sing N N 268 
PRO CB  HB2  sing N N 269 
PRO CB  HB3  sing N N 270 
PRO CG  CD   sing N N 271 
PRO CG  HG2  sing N N 272 
PRO CG  HG3  sing N N 273 
PRO CD  HD2  sing N N 274 
PRO CD  HD3  sing N N 275 
PRO OXT HXT  sing N N 276 
QFI C   C1   sing N N 277 
QFI C   C27  sing N N 278 
QFI C   C5   sing N N 279 
QFI C   H    sing N N 280 
QFI O   C27  sing N N 281 
QFI O   C3   sing N N 282 
QFI C5  O4   sing N N 283 
QFI C5  C3   sing N N 284 
QFI C5  H5   sing N N 285 
QFI O4  C4   sing N N 286 
QFI C4  N1   sing N N 287 
QFI C4  O5   doub N N 288 
QFI N1  C6   sing N N 289 
QFI N1  HN1  sing N N 290 
QFI C6  C8   sing N N 291 
QFI C6  C7   sing N N 292 
QFI C6  H6   sing N N 293 
QFI C7  C15  sing N N 294 
QFI C7  O6   sing N N 295 
QFI C7  H7   sing N N 296 
QFI C15 N2   sing N N 297 
QFI C15 H151 sing N N 298 
QFI C15 H152 sing N N 299 
QFI N2  S    sing N N 300 
QFI N2  C16  sing N N 301 
QFI C16 C17  sing N N 302 
QFI C16 H161 sing N N 303 
QFI C16 H162 sing N N 304 
QFI C17 C24  sing N N 305 
QFI C17 C25  sing N N 306 
QFI C17 H17  sing N N 307 
QFI C24 H241 sing N N 308 
QFI C24 H242 sing N N 309 
QFI C24 H243 sing N N 310 
QFI C25 H251 sing N N 311 
QFI C25 H252 sing N N 312 
QFI C25 H253 sing N N 313 
QFI S   O7   doub N N 314 
QFI S   C18  sing N N 315 
QFI S   O8   doub N N 316 
QFI C18 C19  doub Y N 317 
QFI C18 C23  sing Y N 318 
QFI C19 C20  sing Y N 319 
QFI C19 H19  sing N N 320 
QFI C20 C21  doub Y N 321 
QFI C20 H20  sing N N 322 
QFI C21 O1   sing N N 323 
QFI C21 C22  sing Y N 324 
QFI O1  C26  sing N N 325 
QFI C26 H261 sing N N 326 
QFI C26 H262 sing N N 327 
QFI C26 H263 sing N N 328 
QFI C22 C23  doub Y N 329 
QFI C22 H22  sing N N 330 
QFI C23 H23  sing N N 331 
QFI O6  HO6  sing N N 332 
QFI C8  C9   sing N N 333 
QFI C8  H81  sing N N 334 
QFI C8  H82  sing N N 335 
QFI C9  C10  doub Y N 336 
QFI C9  C11  sing Y N 337 
QFI C10 C12  sing Y N 338 
QFI C10 H10  sing N N 339 
QFI C12 C14  doub Y N 340 
QFI C12 H12  sing N N 341 
QFI C14 O40  sing N N 342 
QFI C14 C13  sing Y N 343 
QFI O40 C41  sing N N 344 
QFI C41 P42  sing N N 345 
QFI C41 H411 sing N N 346 
QFI C41 H412 sing N N 347 
QFI P42 O43  doub N N 348 
QFI P42 O45  sing N N 349 
QFI P42 O44  sing N N 350 
QFI O45 HO45 sing N N 351 
QFI O44 HO44 sing N N 352 
QFI C13 C11  doub Y N 353 
QFI C13 H13  sing N N 354 
QFI C11 H11  sing N N 355 
QFI C3  H31  sing N N 356 
QFI C3  H32  sing N N 357 
QFI C27 O9   sing N N 358 
QFI C27 H27  sing N N 359 
QFI O9  C2   sing N N 360 
QFI C2  C1   sing N N 361 
QFI C2  H21  sing N N 362 
QFI C2  H22A sing N N 363 
QFI C1  H11A sing N N 364 
QFI C1  H12A sing N N 365 
SER N   CA   sing N N 366 
SER N   H    sing N N 367 
SER N   H2   sing N N 368 
SER CA  C    sing N N 369 
SER CA  CB   sing N N 370 
SER CA  HA   sing N N 371 
SER C   O    doub N N 372 
SER C   OXT  sing N N 373 
SER CB  OG   sing N N 374 
SER CB  HB2  sing N N 375 
SER CB  HB3  sing N N 376 
SER OG  HG   sing N N 377 
SER OXT HXT  sing N N 378 
THR N   CA   sing N N 379 
THR N   H    sing N N 380 
THR N   H2   sing N N 381 
THR CA  C    sing N N 382 
THR CA  CB   sing N N 383 
THR CA  HA   sing N N 384 
THR C   O    doub N N 385 
THR C   OXT  sing N N 386 
THR CB  OG1  sing N N 387 
THR CB  CG2  sing N N 388 
THR CB  HB   sing N N 389 
THR OG1 HG1  sing N N 390 
THR CG2 HG21 sing N N 391 
THR CG2 HG22 sing N N 392 
THR CG2 HG23 sing N N 393 
THR OXT HXT  sing N N 394 
TRP N   CA   sing N N 395 
TRP N   H    sing N N 396 
TRP N   H2   sing N N 397 
TRP CA  C    sing N N 398 
TRP CA  CB   sing N N 399 
TRP CA  HA   sing N N 400 
TRP C   O    doub N N 401 
TRP C   OXT  sing N N 402 
TRP CB  CG   sing N N 403 
TRP CB  HB2  sing N N 404 
TRP CB  HB3  sing N N 405 
TRP CG  CD1  doub Y N 406 
TRP CG  CD2  sing Y N 407 
TRP CD1 NE1  sing Y N 408 
TRP CD1 HD1  sing N N 409 
TRP CD2 CE2  doub Y N 410 
TRP CD2 CE3  sing Y N 411 
TRP NE1 CE2  sing Y N 412 
TRP NE1 HE1  sing N N 413 
TRP CE2 CZ2  sing Y N 414 
TRP CE3 CZ3  doub Y N 415 
TRP CE3 HE3  sing N N 416 
TRP CZ2 CH2  doub Y N 417 
TRP CZ2 HZ2  sing N N 418 
TRP CZ3 CH2  sing Y N 419 
TRP CZ3 HZ3  sing N N 420 
TRP CH2 HH2  sing N N 421 
TRP OXT HXT  sing N N 422 
TYR N   CA   sing N N 423 
TYR N   H    sing N N 424 
TYR N   H2   sing N N 425 
TYR CA  C    sing N N 426 
TYR CA  CB   sing N N 427 
TYR CA  HA   sing N N 428 
TYR C   O    doub N N 429 
TYR C   OXT  sing N N 430 
TYR CB  CG   sing N N 431 
TYR CB  HB2  sing N N 432 
TYR CB  HB3  sing N N 433 
TYR CG  CD1  doub Y N 434 
TYR CG  CD2  sing Y N 435 
TYR CD1 CE1  sing Y N 436 
TYR CD1 HD1  sing N N 437 
TYR CD2 CE2  doub Y N 438 
TYR CD2 HD2  sing N N 439 
TYR CE1 CZ   doub Y N 440 
TYR CE1 HE1  sing N N 441 
TYR CE2 CZ   sing Y N 442 
TYR CE2 HE2  sing N N 443 
TYR CZ  OH   sing N N 444 
TYR OH  HH   sing N N 445 
TYR OXT HXT  sing N N 446 
VAL N   CA   sing N N 447 
VAL N   H    sing N N 448 
VAL N   H2   sing N N 449 
VAL CA  C    sing N N 450 
VAL CA  CB   sing N N 451 
VAL CA  HA   sing N N 452 
VAL C   O    doub N N 453 
VAL C   OXT  sing N N 454 
VAL CB  CG1  sing N N 455 
VAL CB  CG2  sing N N 456 
VAL CB  HB   sing N N 457 
VAL CG1 HG11 sing N N 458 
VAL CG1 HG12 sing N N 459 
VAL CG1 HG13 sing N N 460 
VAL CG2 HG21 sing N N 461 
VAL CG2 HG22 sing N N 462 
VAL CG2 HG23 sing N N 463 
VAL OXT HXT  sing N N 464 
# 
_atom_sites.entry_id                    2I4D 
_atom_sites.fract_transf_matrix[1][1]   0.01305415 
_atom_sites.fract_transf_matrix[1][2]   -0.01108497 
_atom_sites.fract_transf_matrix[1][3]   -0.00316148 
_atom_sites.fract_transf_matrix[2][1]   -0.00767128 
_atom_sites.fract_transf_matrix[2][2]   -0.00815319 
_atom_sites.fract_transf_matrix[2][3]   -0.00308849 
_atom_sites.fract_transf_matrix[3][1]   0.00090608 
_atom_sites.fract_transf_matrix[3][2]   0.00691581 
_atom_sites.fract_transf_matrix[3][3]   -0.02050731 
_atom_sites.fract_transf_vector[1]      0.230339 
_atom_sites.fract_transf_vector[2]      0.309273 
_atom_sites.fract_transf_vector[3]      0.420986 
# 
loop_
_atom_type.symbol 
C 
N 
O 
P 
S 
# 
loop_
_atom_site.group_PDB 
_atom_site.id 
_atom_site.type_symbol 
_atom_site.label_atom_id 
_atom_site.label_alt_id 
_atom_site.label_comp_id 
_atom_site.label_asym_id 
_atom_site.label_entity_id 
_atom_site.label_seq_id 
_atom_site.pdbx_PDB_ins_code 
_atom_site.Cartn_x 
_atom_site.Cartn_y 
_atom_site.Cartn_z 
_atom_site.occupancy 
_atom_site.B_iso_or_equiv 
_atom_site.pdbx_formal_charge 
_atom_site.auth_seq_id 
_atom_site.auth_comp_id 
_atom_site.auth_asym_id 
_atom_site.auth_atom_id 
_atom_site.pdbx_PDB_model_num 
ATOM   1    N N   . PRO A 1 1  ? -20.072 -1.499  -0.974  1.00 19.16 ? 1   PRO A N   1 
ATOM   2    C CA  . PRO A 1 1  ? -20.027 -0.029  -1.124  1.00 19.10 ? 1   PRO A CA  1 
ATOM   3    C C   . PRO A 1 1  ? -18.722 0.472   -1.733  1.00 18.78 ? 1   PRO A C   1 
ATOM   4    O O   . PRO A 1 1  ? -17.858 -0.313  -2.120  1.00 17.94 ? 1   PRO A O   1 
ATOM   5    C CB  . PRO A 1 1  ? -20.222 0.559   0.264   1.00 20.22 ? 1   PRO A CB  1 
ATOM   6    C CG  . PRO A 1 1  ? -19.713 -0.556  1.135   1.00 21.88 ? 1   PRO A CG  1 
ATOM   7    C CD  . PRO A 1 1  ? -20.208 -1.835  0.452   1.00 20.66 ? 1   PRO A CD  1 
ATOM   8    N N   . GLN A 1 2  ? -18.601 1.792   -1.808  1.00 18.34 ? 2   GLN A N   1 
ATOM   9    C CA  . GLN A 1 2  ? -17.430 2.441   -2.366  1.00 18.64 ? 2   GLN A CA  1 
ATOM   10   C C   . GLN A 1 2  ? -16.678 3.176   -1.250  1.00 19.17 ? 2   GLN A C   1 
ATOM   11   O O   . GLN A 1 2  ? -17.286 3.795   -0.372  1.00 20.31 ? 2   GLN A O   1 
ATOM   12   C CB  . GLN A 1 2  ? -17.869 3.410   -3.466  1.00 20.20 ? 2   GLN A CB  1 
ATOM   13   C CG  . GLN A 1 2  ? -16.736 4.014   -4.261  1.00 24.09 ? 2   GLN A CG  1 
ATOM   14   C CD  . GLN A 1 2  ? -17.226 4.807   -5.450  1.00 24.94 ? 2   GLN A CD  1 
ATOM   15   O OE1 . GLN A 1 2  ? -17.588 5.981   -5.326  1.00 27.03 ? 2   GLN A OE1 1 
ATOM   16   N NE2 . GLN A 1 2  ? -17.235 4.171   -6.618  1.00 23.75 ? 2   GLN A NE2 1 
ATOM   17   N N   . ILE A 1 3  ? -15.350 3.093   -1.287  1.00 18.09 ? 3   ILE A N   1 
ATOM   18   C CA  . ILE A 1 3  ? -14.492 3.727   -0.288  1.00 17.04 ? 3   ILE A CA  1 
ATOM   19   C C   . ILE A 1 3  ? -13.583 4.747   -0.962  1.00 16.98 ? 3   ILE A C   1 
ATOM   20   O O   . ILE A 1 3  ? -12.789 4.399   -1.834  1.00 17.94 ? 3   ILE A O   1 
ATOM   21   C CB  . ILE A 1 3  ? -13.626 2.676   0.446   1.00 16.08 ? 3   ILE A CB  1 
ATOM   22   C CG1 . ILE A 1 3  ? -14.529 1.688   1.186   1.00 17.13 ? 3   ILE A CG1 1 
ATOM   23   C CG2 . ILE A 1 3  ? -12.681 3.351   1.427   1.00 15.79 ? 3   ILE A CG2 1 
ATOM   24   C CD1 . ILE A 1 3  ? -13.794 0.561   1.846   1.00 17.95 ? 3   ILE A CD1 1 
ATOM   25   N N   . THR A 1 4  ? -13.721 6.006   -0.564  1.00 16.36 ? 4   THR A N   1 
ATOM   26   C CA  . THR A 1 4  ? -12.919 7.085   -1.123  1.00 17.47 ? 4   THR A CA  1 
ATOM   27   C C   . THR A 1 4  ? -11.455 6.970   -0.687  1.00 13.62 ? 4   THR A C   1 
ATOM   28   O O   . THR A 1 4  ? -11.141 6.329   0.314   1.00 13.41 ? 4   THR A O   1 
ATOM   29   C CB  . THR A 1 4  ? -13.463 8.469   -0.680  1.00 19.07 ? 4   THR A CB  1 
ATOM   30   O OG1 . THR A 1 4  ? -12.779 9.508   -1.391  1.00 25.08 ? 4   THR A OG1 1 
ATOM   31   C CG2 . THR A 1 4  ? -13.243 8.685   0.812   1.00 21.69 ? 4   THR A CG2 1 
ATOM   32   N N   . LEU A 1 5  ? -10.566 7.589   -1.450  1.00 12.69 ? 5   LEU A N   1 
ATOM   33   C CA  . LEU A 1 5  ? -9.151  7.559   -1.118  1.00 14.03 ? 5   LEU A CA  1 
ATOM   34   C C   . LEU A 1 5  ? -8.650  8.919   -0.647  1.00 14.74 ? 5   LEU A C   1 
ATOM   35   O O   . LEU A 1 5  ? -7.439  9.141   -0.560  1.00 14.33 ? 5   LEU A O   1 
ATOM   36   C CB  . LEU A 1 5  ? -8.323  7.043   -2.299  1.00 13.93 ? 5   LEU A CB  1 
ATOM   37   C CG  . LEU A 1 5  ? -8.591  5.576   -2.668  1.00 14.92 ? 5   LEU A CG  1 
ATOM   38   C CD1 . LEU A 1 5  ? -7.662  5.151   -3.784  1.00 13.51 ? 5   LEU A CD1 1 
ATOM   39   C CD2 . LEU A 1 5  ? -8.402  4.679   -1.456  1.00 12.99 ? 5   LEU A CD2 1 
ATOM   40   N N   . TRP A 1 6  ? -9.583  9.820   -0.335  1.00 13.69 ? 6   TRP A N   1 
ATOM   41   C CA  . TRP A 1 6  ? -9.246  11.159  0.153   1.00 14.43 ? 6   TRP A CA  1 
ATOM   42   C C   . TRP A 1 6  ? -8.507  11.059  1.491   1.00 14.10 ? 6   TRP A C   1 
ATOM   43   O O   . TRP A 1 6  ? -7.666  11.904  1.812   1.00 12.90 ? 6   TRP A O   1 
ATOM   44   C CB  . TRP A 1 6  ? -10.506 12.011  0.323   1.00 15.82 ? 6   TRP A CB  1 
ATOM   45   C CG  . TRP A 1 6  ? -11.089 12.585  -0.958  1.00 19.63 ? 6   TRP A CG  1 
ATOM   46   C CD1 . TRP A 1 6  ? -12.349 12.370  -1.448  1.00 17.80 ? 6   TRP A CD1 1 
ATOM   47   C CD2 . TRP A 1 6  ? -10.486 13.567  -1.829  1.00 20.01 ? 6   TRP A CD2 1 
ATOM   48   N NE1 . TRP A 1 6  ? -12.574 13.165  -2.546  1.00 21.07 ? 6   TRP A NE1 1 
ATOM   49   C CE2 . TRP A 1 6  ? -11.454 13.907  -2.804  1.00 21.22 ? 6   TRP A CE2 1 
ATOM   50   C CE3 . TRP A 1 6  ? -9.229  14.195  -1.871  1.00 20.87 ? 6   TRP A CE3 1 
ATOM   51   C CZ2 . TRP A 1 6  ? -11.203 14.853  -3.816  1.00 21.16 ? 6   TRP A CZ2 1 
ATOM   52   C CZ3 . TRP A 1 6  ? -8.983  15.138  -2.882  1.00 20.62 ? 6   TRP A CZ3 1 
ATOM   53   C CH2 . TRP A 1 6  ? -9.971  15.455  -3.837  1.00 19.38 ? 6   TRP A CH2 1 
ATOM   54   N N   . GLN A 1 7  ? -8.858  10.040  2.275   1.00 13.21 ? 7   GLN A N   1 
ATOM   55   C CA  . GLN A 1 7  ? -8.229  9.768   3.573   1.00 12.59 ? 7   GLN A CA  1 
ATOM   56   C C   . GLN A 1 7  ? -7.758  8.312   3.579   1.00 12.67 ? 7   GLN A C   1 
ATOM   57   O O   . GLN A 1 7  ? -8.144  7.530   2.706   1.00 12.80 ? 7   GLN A O   1 
ATOM   58   C CB  . GLN A 1 7  ? -9.220  9.969   4.730   1.00 13.89 ? 7   GLN A CB  1 
ATOM   59   C CG  . GLN A 1 7  ? -9.633  11.406  4.999   1.00 15.85 ? 7   GLN A CG  1 
ATOM   60   C CD  . GLN A 1 7  ? -10.716 11.895  4.062   1.00 18.48 ? 7   GLN A CD  1 
ATOM   61   O OE1 . GLN A 1 7  ? -11.665 11.167  3.758   1.00 19.08 ? 7   GLN A OE1 1 
ATOM   62   N NE2 . GLN A 1 7  ? -10.589 13.131  3.605   1.00 17.48 ? 7   GLN A NE2 1 
ATOM   63   N N   . ARG A 1 8  ? -6.925  7.948   4.551   1.00 11.69 ? 8   ARG A N   1 
ATOM   64   C CA  . ARG A 1 8  ? -6.445  6.576   4.656   1.00 12.14 ? 8   ARG A CA  1 
ATOM   65   C C   . ARG A 1 8  ? -7.659  5.656   4.822   1.00 12.09 ? 8   ARG A C   1 
ATOM   66   O O   . ARG A 1 8  ? -8.533  5.918   5.650   1.00 11.33 ? 8   ARG A O   1 
ATOM   67   C CB  . ARG A 1 8  ? -5.509  6.412   5.864   1.00 12.37 ? 8   ARG A CB  1 
ATOM   68   C CG  . ARG A 1 8  ? -4.213  7.215   5.790   1.00 15.26 ? 8   ARG A CG  1 
ATOM   69   C CD  . ARG A 1 8  ? -3.225  6.826   6.895   1.00 17.49 ? 8   ARG A CD  1 
ATOM   70   N NE  . ARG A 1 8  ? -1.940  7.521   6.763   1.00 18.25 ? 8   ARG A NE  1 
ATOM   71   C CZ  . ARG A 1 8  ? -0.852  7.251   7.485   1.00 21.42 ? 8   ARG A CZ  1 
ATOM   72   N NH1 . ARG A 1 8  ? -0.870  6.297   8.407   1.00 22.42 ? 8   ARG A NH1 1 
ATOM   73   N NH2 . ARG A 1 8  ? 0.268   7.931   7.283   1.00 17.47 ? 8   ARG A NH2 1 
ATOM   74   N N   . PRO A 1 9  ? -7.775  4.618   3.970   1.00 14.33 ? 9   PRO A N   1 
ATOM   75   C CA  . PRO A 1 9  ? -8.900  3.670   4.050   1.00 13.20 ? 9   PRO A CA  1 
ATOM   76   C C   . PRO A 1 9  ? -8.729  2.741   5.255   1.00 13.68 ? 9   PRO A C   1 
ATOM   77   O O   . PRO A 1 9  ? -8.218  1.621   5.141   1.00 13.70 ? 9   PRO A O   1 
ATOM   78   C CB  . PRO A 1 9  ? -8.811  2.925   2.717   1.00 13.06 ? 9   PRO A CB  1 
ATOM   79   C CG  . PRO A 1 9  ? -7.325  2.906   2.436   1.00 12.62 ? 9   PRO A CG  1 
ATOM   80   C CD  . PRO A 1 9  ? -6.915  4.323   2.805   1.00 14.04 ? 9   PRO A CD  1 
ATOM   81   N N   . LEU A 1 10 ? -9.114  3.252   6.421   1.00 14.67 ? 10  LEU A N   1 
ATOM   82   C CA  . LEU A 1 10 ? -9.001  2.517   7.676   1.00 15.85 ? 10  LEU A CA  1 
ATOM   83   C C   . LEU A 1 10 ? -10.277 1.767   8.005   1.00 16.81 ? 10  LEU A C   1 
ATOM   84   O O   . LEU A 1 10 ? -11.377 2.262   7.753   1.00 18.37 ? 10  LEU A O   1 
ATOM   85   C CB  . LEU A 1 10 ? -8.658  3.477   8.821   1.00 17.73 ? 10  LEU A CB  1 
ATOM   86   C CG  . LEU A 1 10 ? -7.280  4.147   8.791   1.00 18.78 ? 10  LEU A CG  1 
ATOM   87   C CD1 . LEU A 1 10 ? -7.169  5.163   9.914   1.00 20.29 ? 10  LEU A CD1 1 
ATOM   88   C CD2 . LEU A 1 10 ? -6.180  3.103   8.919   1.00 18.93 ? 10  LEU A CD2 1 
ATOM   89   N N   . VAL A 1 11 ? -10.123 0.567   8.558   1.00 16.74 ? 11  VAL A N   1 
ATOM   90   C CA  . VAL A 1 11 ? -11.255 -0.274  8.942   1.00 17.60 ? 11  VAL A CA  1 
ATOM   91   C C   . VAL A 1 11 ? -10.980 -1.001  10.258  1.00 18.31 ? 11  VAL A C   1 
ATOM   92   O O   . VAL A 1 11 ? -9.845  -1.047  10.728  1.00 16.96 ? 11  VAL A O   1 
ATOM   93   C CB  . VAL A 1 11 ? -11.568 -1.339  7.870   1.00 17.49 ? 11  VAL A CB  1 
ATOM   94   C CG1 . VAL A 1 11 ? -11.995 -0.676  6.565   1.00 18.48 ? 11  VAL A CG1 1 
ATOM   95   C CG2 . VAL A 1 11 ? -10.360 -2.250  7.660   1.00 17.47 ? 11  VAL A CG2 1 
ATOM   96   N N   . THR A 1 12 ? -12.027 -1.560  10.852  1.00 18.87 ? 12  THR A N   1 
ATOM   97   C CA  . THR A 1 12 ? -11.883 -2.294  12.104  1.00 21.64 ? 12  THR A CA  1 
ATOM   98   C C   . THR A 1 12 ? -11.980 -3.784  11.807  1.00 20.50 ? 12  THR A C   1 
ATOM   99   O O   . THR A 1 12 ? -12.948 -4.241  11.201  1.00 23.30 ? 12  THR A O   1 
ATOM   100  C CB  . THR A 1 12 ? -13.007 -1.951  13.128  1.00 23.82 ? 12  THR A CB  1 
ATOM   101  O OG1 . THR A 1 12 ? -13.168 -0.530  13.232  1.00 26.04 ? 12  THR A OG1 1 
ATOM   102  C CG2 . THR A 1 12 ? -12.657 -2.507  14.494  1.00 24.79 ? 12  THR A CG2 1 
ATOM   103  N N   . ILE A 1 13 ? -10.956 -4.533  12.196  1.00 19.60 ? 13  ILE A N   1 
ATOM   104  C CA  . ILE A 1 13 ? -10.962 -5.974  11.997  1.00 19.09 ? 13  ILE A CA  1 
ATOM   105  C C   . ILE A 1 13 ? -11.102 -6.667  13.342  1.00 19.45 ? 13  ILE A C   1 
ATOM   106  O O   . ILE A 1 13 ? -10.861 -6.076  14.393  1.00 19.36 ? 13  ILE A O   1 
ATOM   107  C CB  . ILE A 1 13 ? -9.670  -6.495  11.323  1.00 17.80 ? 13  ILE A CB  1 
ATOM   108  C CG1 . ILE A 1 13 ? -8.452  -6.179  12.197  1.00 18.64 ? 13  ILE A CG1 1 
ATOM   109  C CG2 . ILE A 1 13 ? -9.537  -5.912  9.927   1.00 18.92 ? 13  ILE A CG2 1 
ATOM   110  C CD1 . ILE A 1 13 ? -7.208  -6.917  11.795  1.00 19.34 ? 13  ILE A CD1 1 
ATOM   111  N N   . LYS A 1 14 ? -11.497 -7.929  13.294  1.00 20.53 ? 14  LYS A N   1 
ATOM   112  C CA  . LYS A 1 14 ? -11.657 -8.729  14.489  1.00 22.69 ? 14  LYS A CA  1 
ATOM   113  C C   . LYS A 1 14 ? -10.790 -9.953  14.271  1.00 21.27 ? 14  LYS A C   1 
ATOM   114  O O   . LYS A 1 14 ? -10.918 -10.635 13.256  1.00 21.70 ? 14  LYS A O   1 
ATOM   115  C CB  . LYS A 1 14 ? -13.121 -9.135  14.662  1.00 27.65 ? 14  LYS A CB  1 
ATOM   116  C CG  . LYS A 1 14 ? -13.401 -10.005 15.878  1.00 33.62 ? 14  LYS A CG  1 
ATOM   117  C CD  . LYS A 1 14 ? -13.110 -9.265  17.162  1.00 37.14 ? 14  LYS A CD  1 
ATOM   118  C CE  . LYS A 1 14 ? -13.620 -10.041 18.361  1.00 41.00 ? 14  LYS A CE  1 
ATOM   119  N NZ  . LYS A 1 14 ? -13.390 -9.278  19.617  1.00 42.81 ? 14  LYS A NZ  1 
ATOM   120  N N   . ILE A 1 15 ? -9.881  -10.205 15.205  1.00 21.93 ? 15  ILE A N   1 
ATOM   121  C CA  . ILE A 1 15 ? -8.978  -11.344 15.104  1.00 23.10 ? 15  ILE A CA  1 
ATOM   122  C C   . ILE A 1 15 ? -8.512  -11.749 16.496  1.00 25.06 ? 15  ILE A C   1 
ATOM   123  O O   . ILE A 1 15 ? -8.118  -10.897 17.300  1.00 24.36 ? 15  ILE A O   1 
ATOM   124  C CB  . ILE A 1 15 ? -7.756  -10.997 14.220  1.00 21.45 ? 15  ILE A CB  1 
ATOM   125  C CG1 . ILE A 1 15 ? -6.853  -12.217 14.045  1.00 22.22 ? 15  ILE A CG1 1 
ATOM   126  C CG2 . ILE A 1 15 ? -6.984  -9.814  14.813  1.00 23.64 ? 15  ILE A CG2 1 
ATOM   127  C CD1 . ILE A 1 15 ? -5.584  -11.922 13.263  1.00 22.09 ? 15  ILE A CD1 1 
ATOM   128  N N   . GLY A 1 16 ? -8.610  -13.042 16.791  1.00 27.56 ? 16  GLY A N   1 
ATOM   129  C CA  . GLY A 1 16 ? -8.189  -13.552 18.088  1.00 29.58 ? 16  GLY A CA  1 
ATOM   130  C C   . GLY A 1 16 ? -8.937  -12.939 19.258  1.00 30.94 ? 16  GLY A C   1 
ATOM   131  O O   . GLY A 1 16 ? -8.426  -12.893 20.373  1.00 31.79 ? 16  GLY A O   1 
ATOM   132  N N   . GLY A 1 17 ? -10.145 -12.448 18.994  1.00 32.23 ? 17  GLY A N   1 
ATOM   133  C CA  . GLY A 1 17 ? -10.954 -11.838 20.033  1.00 34.37 ? 17  GLY A CA  1 
ATOM   134  C C   . GLY A 1 17 ? -10.595 -10.395 20.354  1.00 35.19 ? 17  GLY A C   1 
ATOM   135  O O   . GLY A 1 17 ? -11.038 -9.859  21.373  1.00 36.00 ? 17  GLY A O   1 
ATOM   136  N N   . GLN A 1 18 ? -9.837  -9.750  19.469  1.00 35.03 ? 18  GLN A N   1 
ATOM   137  C CA  . GLN A 1 18 ? -9.413  -8.360  19.671  1.00 35.14 ? 18  GLN A CA  1 
ATOM   138  C C   . GLN A 1 18 ? -9.819  -7.457  18.501  1.00 33.43 ? 18  GLN A C   1 
ATOM   139  O O   . GLN A 1 18 ? -9.836  -7.894  17.348  1.00 32.59 ? 18  GLN A O   1 
ATOM   140  C CB  . GLN A 1 18 ? -7.884  -8.298  19.828  1.00 36.51 ? 18  GLN A CB  1 
ATOM   141  C CG  . GLN A 1 18 ? -7.298  -9.184  20.923  1.00 39.07 ? 18  GLN A CG  1 
ATOM   142  C CD  . GLN A 1 18 ? -5.792  -9.381  20.778  1.00 41.79 ? 18  GLN A CD  1 
ATOM   143  O OE1 . GLN A 1 18 ? -5.037  -8.419  20.610  1.00 41.40 ? 18  GLN A OE1 1 
ATOM   144  N NE2 . GLN A 1 18 ? -5.350  -10.637 20.842  1.00 42.44 ? 18  GLN A NE2 1 
ATOM   145  N N   . LEU A 1 19 ? -10.165 -6.207  18.806  1.00 31.37 ? 19  LEU A N   1 
ATOM   146  C CA  . LEU A 1 19 ? -10.533 -5.236  17.771  1.00 30.03 ? 19  LEU A CA  1 
ATOM   147  C C   . LEU A 1 19 ? -9.322  -4.364  17.471  1.00 28.13 ? 19  LEU A C   1 
ATOM   148  O O   . LEU A 1 19 ? -8.723  -3.788  18.381  1.00 28.57 ? 19  LEU A O   1 
ATOM   149  C CB  . LEU A 1 19 ? -11.697 -4.347  18.213  1.00 31.49 ? 19  LEU A CB  1 
ATOM   150  C CG  . LEU A 1 19 ? -13.119 -4.909  18.173  1.00 35.50 ? 19  LEU A CG  1 
ATOM   151  C CD1 . LEU A 1 19 ? -13.415 -5.456  16.781  1.00 36.19 ? 19  LEU A CD1 1 
ATOM   152  C CD2 . LEU A 1 19 ? -13.297 -5.993  19.225  1.00 39.36 ? 19  LEU A CD2 1 
ATOM   153  N N   . LYS A 1 20 ? -8.958  -4.284  16.193  1.00 25.20 ? 20  LYS A N   1 
ATOM   154  C CA  . LYS A 1 20 ? -7.811  -3.493  15.759  1.00 22.81 ? 20  LYS A CA  1 
ATOM   155  C C   . LYS A 1 20 ? -8.176  -2.628  14.566  1.00 21.34 ? 20  LYS A C   1 
ATOM   156  O O   . LYS A 1 20 ? -9.054  -2.981  13.782  1.00 21.71 ? 20  LYS A O   1 
ATOM   157  C CB  . LYS A 1 20 ? -6.659  -4.413  15.344  1.00 24.01 ? 20  LYS A CB  1 
ATOM   158  C CG  . LYS A 1 20 ? -6.003  -5.182  16.472  1.00 27.10 ? 20  LYS A CG  1 
ATOM   159  C CD  . LYS A 1 20 ? -4.849  -6.030  15.953  1.00 30.46 ? 20  LYS A CD  1 
ATOM   160  C CE  . LYS A 1 20 ? -3.543  -5.709  16.673  1.00 32.35 ? 20  LYS A CE  1 
ATOM   161  N NZ  . LYS A 1 20 ? -3.620  -5.938  18.147  1.00 32.08 ? 20  LYS A NZ  1 
ATOM   162  N N   . GLU A 1 21 ? -7.522  -1.481  14.440  1.00 19.39 ? 21  GLU A N   1 
ATOM   163  C CA  . GLU A 1 21 ? -7.766  -0.616  13.295  1.00 18.52 ? 21  GLU A CA  1 
ATOM   164  C C   . GLU A 1 21 ? -6.668  -0.957  12.289  1.00 16.55 ? 21  GLU A C   1 
ATOM   165  O O   . GLU A 1 21 ? -5.490  -1.051  12.653  1.00 15.22 ? 21  GLU A O   1 
ATOM   166  C CB  . GLU A 1 21 ? -7.715  0.862   13.681  1.00 22.03 ? 21  GLU A CB  1 
ATOM   167  C CG  . GLU A 1 21 ? -8.177  1.786   12.560  1.00 26.68 ? 21  GLU A CG  1 
ATOM   168  C CD  . GLU A 1 21 ? -8.282  3.237   12.985  1.00 29.93 ? 21  GLU A CD  1 
ATOM   169  O OE1 . GLU A 1 21 ? -7.230  3.864   13.241  1.00 29.55 ? 21  GLU A OE1 1 
ATOM   170  O OE2 . GLU A 1 21 ? -9.422  3.747   13.048  1.00 30.98 ? 21  GLU A OE2 1 
ATOM   171  N N   . ALA A 1 22 ? -7.060  -1.175  11.037  1.00 14.79 ? 22  ALA A N   1 
ATOM   172  C CA  . ALA A 1 22 ? -6.110  -1.551  10.002  1.00 13.95 ? 22  ALA A CA  1 
ATOM   173  C C   . ALA A 1 22 ? -6.309  -0.812  8.683   1.00 13.92 ? 22  ALA A C   1 
ATOM   174  O O   . ALA A 1 22 ? -7.393  -0.306  8.388   1.00 13.10 ? 22  ALA A O   1 
ATOM   175  C CB  . ALA A 1 22 ? -6.144  -3.056  9.789   1.00 13.11 ? 22  ALA A CB  1 
ATOM   176  N N   . LEU A 1 23 ? -5.257  -0.813  7.870   1.00 13.16 ? 23  LEU A N   1 
ATOM   177  C CA  . LEU A 1 23 ? -5.243  -0.118  6.590   1.00 13.90 ? 23  LEU A CA  1 
ATOM   178  C C   . LEU A 1 23 ? -5.477  -1.034  5.387   1.00 12.84 ? 23  LEU A C   1 
ATOM   179  O O   . LEU A 1 23 ? -4.738  -1.994  5.191   1.00 13.20 ? 23  LEU A O   1 
ATOM   180  C CB  . LEU A 1 23 ? -3.885  0.579   6.459   1.00 14.18 ? 23  LEU A CB  1 
ATOM   181  C CG  . LEU A 1 23 ? -3.590  1.558   5.337   1.00 15.44 ? 23  LEU A CG  1 
ATOM   182  C CD1 . LEU A 1 23 ? -4.520  2.749   5.431   1.00 14.90 ? 23  LEU A CD1 1 
ATOM   183  C CD2 . LEU A 1 23 ? -2.135  1.997   5.463   1.00 14.64 ? 23  LEU A CD2 1 
ATOM   184  N N   . LEU A 1 24 ? -6.527  -0.757  4.608   1.00 12.61 ? 24  LEU A N   1 
ATOM   185  C CA  . LEU A 1 24 ? -6.815  -1.540  3.398   1.00 11.50 ? 24  LEU A CA  1 
ATOM   186  C C   . LEU A 1 24 ? -5.713  -1.138  2.415   1.00 11.46 ? 24  LEU A C   1 
ATOM   187  O O   . LEU A 1 24 ? -5.755  -0.063  1.810   1.00 10.56 ? 24  LEU A O   1 
ATOM   188  C CB  . LEU A 1 24 ? -8.189  -1.187  2.836   1.00 11.64 ? 24  LEU A CB  1 
ATOM   189  C CG  . LEU A 1 24 ? -9.379  -1.475  3.750   1.00 11.13 ? 24  LEU A CG  1 
ATOM   190  C CD1 . LEU A 1 24 ? -10.645 -0.940  3.104   1.00 12.51 ? 24  LEU A CD1 1 
ATOM   191  C CD2 . LEU A 1 24 ? -9.506  -2.973  4.000   1.00 11.81 ? 24  LEU A CD2 1 
ATOM   192  N N   . ASP A 1 25 ? -4.742  -2.028  2.246   1.00 9.69  ? 25  ASP A N   1 
ATOM   193  C CA  . ASP A 1 25 ? -3.575  -1.739  1.433   1.00 10.04 ? 25  ASP A CA  1 
ATOM   194  C C   . ASP A 1 25 ? -3.329  -2.603  0.191   1.00 8.87  ? 25  ASP A C   1 
ATOM   195  O O   . ASP A 1 25 ? -2.810  -3.708  0.300   1.00 10.40 ? 25  ASP A O   1 
ATOM   196  C CB  . ASP A 1 25 ? -2.371  -1.809  2.372   1.00 10.51 ? 25  ASP A CB  1 
ATOM   197  C CG  . ASP A 1 25 ? -1.123  -1.200  1.786   1.00 12.04 ? 25  ASP A CG  1 
ATOM   198  O OD1 . ASP A 1 25 ? -1.150  -0.735  0.630   1.00 11.60 ? 25  ASP A OD1 1 
ATOM   199  O OD2 . ASP A 1 25 ? -0.108  -1.192  2.511   1.00 14.53 ? 25  ASP A OD2 1 
ATOM   200  N N   . THR A 1 26 ? -3.601  -2.043  -0.987  1.00 8.81  ? 26  THR A N   1 
ATOM   201  C CA  . THR A 1 26 ? -3.401  -2.749  -2.252  1.00 7.79  ? 26  THR A CA  1 
ATOM   202  C C   . THR A 1 26 ? -1.910  -2.919  -2.573  1.00 9.18  ? 26  THR A C   1 
ATOM   203  O O   . THR A 1 26 ? -1.543  -3.720  -3.434  1.00 10.19 ? 26  THR A O   1 
ATOM   204  C CB  . THR A 1 26 ? -4.086  -2.011  -3.431  1.00 10.22 ? 26  THR A CB  1 
ATOM   205  O OG1 . THR A 1 26 ? -3.547  -0.687  -3.552  1.00 9.35  ? 26  THR A OG1 1 
ATOM   206  C CG2 . THR A 1 26 ? -5.587  -1.914  -3.208  1.00 8.59  ? 26  THR A CG2 1 
ATOM   207  N N   . GLY A 1 27 ? -1.062  -2.126  -1.915  1.00 9.55  ? 27  GLY A N   1 
ATOM   208  C CA  . GLY A 1 27 ? 0.372   -2.211  -2.138  1.00 10.26 ? 27  GLY A CA  1 
ATOM   209  C C   . GLY A 1 27 ? 1.064   -3.258  -1.282  1.00 11.22 ? 27  GLY A C   1 
ATOM   210  O O   . GLY A 1 27 ? 2.265   -3.500  -1.436  1.00 12.29 ? 27  GLY A O   1 
ATOM   211  N N   . ALA A 1 28 ? 0.316   -3.859  -0.361  1.00 11.23 ? 28  ALA A N   1 
ATOM   212  C CA  . ALA A 1 28 ? 0.839   -4.891  0.535   1.00 10.77 ? 28  ALA A CA  1 
ATOM   213  C C   . ALA A 1 28 ? 0.450   -6.295  0.058   1.00 10.98 ? 28  ALA A C   1 
ATOM   214  O O   . ALA A 1 28 ? -0.737  -6.601  -0.040  1.00 11.22 ? 28  ALA A O   1 
ATOM   215  C CB  . ALA A 1 28 ? 0.313   -4.660  1.947   1.00 9.67  ? 28  ALA A CB  1 
ATOM   216  N N   . ASP A 1 29 ? 1.442   -7.145  -0.218  1.00 10.70 ? 29  ASP A N   1 
ATOM   217  C CA  . ASP A 1 29 ? 1.171   -8.515  -0.664  1.00 11.59 ? 29  ASP A CA  1 
ATOM   218  C C   . ASP A 1 29 ? 0.502   -9.277  0.470   1.00 13.07 ? 29  ASP A C   1 
ATOM   219  O O   . ASP A 1 29 ? -0.449  -10.031 0.248   1.00 13.87 ? 29  ASP A O   1 
ATOM   220  C CB  . ASP A 1 29 ? 2.462   -9.264  -1.028  1.00 13.25 ? 29  ASP A CB  1 
ATOM   221  C CG  . ASP A 1 29 ? 3.200   -8.651  -2.206  1.00 14.30 ? 29  ASP A CG  1 
ATOM   222  O OD1 . ASP A 1 29 ? 2.566   -7.975  -3.046  1.00 12.29 ? 29  ASP A OD1 1 
ATOM   223  O OD2 . ASP A 1 29 ? 4.431   -8.860  -2.286  1.00 15.95 ? 29  ASP A OD2 1 
ATOM   224  N N   . ASP A 1 30 ? 1.006   -9.065  1.686   1.00 12.38 ? 30  ASP A N   1 
ATOM   225  C CA  . ASP A 1 30 ? 0.487   -9.731  2.875   1.00 12.25 ? 30  ASP A CA  1 
ATOM   226  C C   . ASP A 1 30 ? -0.046  -8.786  3.937   1.00 13.32 ? 30  ASP A C   1 
ATOM   227  O O   . ASP A 1 30 ? 0.243   -7.590  3.932   1.00 13.47 ? 30  ASP A O   1 
ATOM   228  C CB  . ASP A 1 30 ? 1.573   -10.606 3.503   1.00 16.21 ? 30  ASP A CB  1 
ATOM   229  C CG  . ASP A 1 30 ? 1.869   -11.852 2.689   1.00 19.79 ? 30  ASP A CG  1 
ATOM   230  O OD1 . ASP A 1 30 ? 1.018   -12.761 2.672   1.00 22.89 ? 30  ASP A OD1 1 
ATOM   231  O OD2 . ASP A 1 30 ? 2.947   -11.919 2.066   1.00 22.81 ? 30  ASP A OD2 1 
ATOM   232  N N   . THR A 1 31 ? -0.841  -9.351  4.840   1.00 13.49 ? 31  THR A N   1 
ATOM   233  C CA  . THR A 1 31 ? -1.423  -8.627  5.953   1.00 12.49 ? 31  THR A CA  1 
ATOM   234  C C   . THR A 1 31 ? -0.373  -8.637  7.059   1.00 12.83 ? 31  THR A C   1 
ATOM   235  O O   . THR A 1 31 ? 0.230   -9.675  7.338   1.00 11.70 ? 31  THR A O   1 
ATOM   236  C CB  . THR A 1 31 ? -2.701  -9.329  6.434   1.00 15.25 ? 31  THR A CB  1 
ATOM   237  O OG1 . THR A 1 31 ? -3.701  -9.236  5.409   1.00 13.47 ? 31  THR A OG1 1 
ATOM   238  C CG2 . THR A 1 31 ? -3.210  -8.706  7.725   1.00 15.12 ? 31  THR A CG2 1 
ATOM   239  N N   . VAL A 1 32 ? -0.145  -7.482  7.673   1.00 11.37 ? 32  VAL A N   1 
ATOM   240  C CA  . VAL A 1 32 ? 0.857   -7.362  8.728   1.00 12.56 ? 32  VAL A CA  1 
ATOM   241  C C   . VAL A 1 32 ? 0.282   -6.616  9.937   1.00 12.45 ? 32  VAL A C   1 
ATOM   242  O O   . VAL A 1 32 ? -0.176  -5.483  9.812   1.00 12.66 ? 32  VAL A O   1 
ATOM   243  C CB  . VAL A 1 32 ? 2.109   -6.585  8.211   1.00 12.16 ? 32  VAL A CB  1 
ATOM   244  C CG1 . VAL A 1 32 ? 3.279   -6.749  9.171   1.00 10.85 ? 32  VAL A CG1 1 
ATOM   245  C CG2 . VAL A 1 32 ? 2.480   -7.033  6.806   1.00 11.28 ? 32  VAL A CG2 1 
ATOM   246  N N   . LEU A 1 33 ? 0.300   -7.254  11.101  1.00 12.10 ? 33  LEU A N   1 
ATOM   247  C CA  . LEU A 1 33 ? -0.214  -6.625  12.315  1.00 13.09 ? 33  LEU A CA  1 
ATOM   248  C C   . LEU A 1 33 ? 0.874   -6.475  13.391  1.00 14.35 ? 33  LEU A C   1 
ATOM   249  O O   . LEU A 1 33 ? 1.854   -7.231  13.424  1.00 12.15 ? 33  LEU A O   1 
ATOM   250  C CB  . LEU A 1 33 ? -1.391  -7.425  12.889  1.00 13.76 ? 33  LEU A CB  1 
ATOM   251  C CG  . LEU A 1 33 ? -2.597  -7.706  11.985  1.00 16.23 ? 33  LEU A CG  1 
ATOM   252  C CD1 . LEU A 1 33 ? -3.664  -8.477  12.762  1.00 15.55 ? 33  LEU A CD1 1 
ATOM   253  C CD2 . LEU A 1 33 ? -3.158  -6.405  11.437  1.00 14.56 ? 33  LEU A CD2 1 
ATOM   254  N N   . GLU A 1 34 ? 0.686   -5.489  14.266  1.00 16.01 ? 34  GLU A N   1 
ATOM   255  C CA  . GLU A 1 34 ? 1.618   -5.236  15.363  1.00 17.10 ? 34  GLU A CA  1 
ATOM   256  C C   . GLU A 1 34 ? 1.615   -6.441  16.310  1.00 15.83 ? 34  GLU A C   1 
ATOM   257  O O   . GLU A 1 34 ? 0.683   -7.249  16.293  1.00 16.12 ? 34  GLU A O   1 
ATOM   258  C CB  . GLU A 1 34 ? 1.214   -3.955  16.097  1.00 19.83 ? 34  GLU A CB  1 
ATOM   259  C CG  . GLU A 1 34 ? -0.216  -3.970  16.622  1.00 25.89 ? 34  GLU A CG  1 
ATOM   260  C CD  . GLU A 1 34 ? -0.861  -2.590  16.662  1.00 30.28 ? 34  GLU A CD  1 
ATOM   261  O OE1 . GLU A 1 34 ? -0.186  -1.581  16.352  1.00 31.51 ? 34  GLU A OE1 1 
ATOM   262  O OE2 . GLU A 1 34 ? -2.067  -2.522  16.990  1.00 31.44 ? 34  GLU A OE2 1 
ATOM   263  N N   . GLU A 1 35 ? 2.660   -6.569  17.122  1.00 14.40 ? 35  GLU A N   1 
ATOM   264  C CA  . GLU A 1 35 ? 2.787   -7.689  18.051  1.00 16.56 ? 35  GLU A CA  1 
ATOM   265  C C   . GLU A 1 35 ? 1.517   -8.096  18.782  1.00 17.13 ? 35  GLU A C   1 
ATOM   266  O O   . GLU A 1 35 ? 0.814   -7.271  19.361  1.00 18.80 ? 35  GLU A O   1 
ATOM   267  C CB  . GLU A 1 35 ? 3.899   -7.435  19.063  1.00 16.65 ? 35  GLU A CB  1 
ATOM   268  C CG  . GLU A 1 35 ? 5.288   -7.558  18.484  1.00 19.01 ? 35  GLU A CG  1 
ATOM   269  C CD  . GLU A 1 35 ? 5.649   -8.979  18.081  1.00 19.54 ? 35  GLU A CD  1 
ATOM   270  O OE1 . GLU A 1 35 ? 5.055   -9.942  18.613  1.00 20.15 ? 35  GLU A OE1 1 
ATOM   271  O OE2 . GLU A 1 35 ? 6.543   -9.129  17.227  1.00 20.62 ? 35  GLU A OE2 1 
ATOM   272  N N   . MET A 1 36 ? 1.232   -9.387  18.723  1.00 18.62 ? 36  MET A N   1 
ATOM   273  C CA  . MET A 1 36 ? 0.066   -9.969  19.365  1.00 20.57 ? 36  MET A CA  1 
ATOM   274  C C   . MET A 1 36 ? 0.289   -11.473 19.315  1.00 23.28 ? 36  MET A C   1 
ATOM   275  O O   . MET A 1 36 ? 1.057   -11.964 18.478  1.00 23.57 ? 36  MET A O   1 
ATOM   276  C CB  . MET A 1 36 ? -1.208  -9.616  18.589  1.00 19.91 ? 36  MET A CB  1 
ATOM   277  C CG  . MET A 1 36 ? -1.337  -10.319 17.231  1.00 19.86 ? 36  MET A CG  1 
ATOM   278  S SD  . MET A 1 36 ? -2.881  -9.944  16.357  1.00 21.73 ? 36  MET A SD  1 
ATOM   279  C CE  . MET A 1 36 ? -4.108  -10.663 17.495  1.00 18.12 ? 36  MET A CE  1 
ATOM   280  N N   . SER A 1 37 ? -0.341  -12.207 20.225  1.00 24.21 ? 37  SER A N   1 
ATOM   281  C CA  . SER A 1 37 ? -0.194  -13.652 20.216  1.00 25.47 ? 37  SER A CA  1 
ATOM   282  C C   . SER A 1 37 ? -1.296  -14.278 19.360  1.00 25.16 ? 37  SER A C   1 
ATOM   283  O O   . SER A 1 37 ? -2.439  -13.820 19.356  1.00 25.96 ? 37  SER A O   1 
ATOM   284  C CB  . SER A 1 37 ? -0.223  -14.222 21.635  1.00 27.02 ? 37  SER A CB  1 
ATOM   285  O OG  . SER A 1 37 ? -1.451  -13.933 22.276  1.00 30.63 ? 37  SER A OG  1 
ATOM   286  N N   . LEU A 1 38 ? -0.915  -15.275 18.572  1.00 24.84 ? 38  LEU A N   1 
ATOM   287  C CA  . LEU A 1 38 ? -1.850  -15.992 17.720  1.00 25.70 ? 38  LEU A CA  1 
ATOM   288  C C   . LEU A 1 38 ? -1.559  -17.477 17.906  1.00 27.69 ? 38  LEU A C   1 
ATOM   289  O O   . LEU A 1 38 ? -0.412  -17.869 18.122  1.00 27.42 ? 38  LEU A O   1 
ATOM   290  C CB  . LEU A 1 38 ? -1.677  -15.588 16.248  1.00 23.84 ? 38  LEU A CB  1 
ATOM   291  C CG  . LEU A 1 38 ? -2.241  -14.236 15.792  1.00 20.60 ? 38  LEU A CG  1 
ATOM   292  C CD1 . LEU A 1 38 ? -1.817  -13.956 14.370  1.00 20.10 ? 38  LEU A CD1 1 
ATOM   293  C CD2 . LEU A 1 38 ? -3.757  -14.234 15.897  1.00 19.06 ? 38  LEU A CD2 1 
ATOM   294  N N   . PRO A 1 39 ? -2.604  -18.318 17.888  1.00 29.46 ? 39  PRO A N   1 
ATOM   295  C CA  . PRO A 1 39 ? -2.413  -19.756 18.060  1.00 30.76 ? 39  PRO A CA  1 
ATOM   296  C C   . PRO A 1 39 ? -1.832  -20.410 16.811  1.00 31.52 ? 39  PRO A C   1 
ATOM   297  O O   . PRO A 1 39 ? -1.842  -19.825 15.722  1.00 31.24 ? 39  PRO A O   1 
ATOM   298  C CB  . PRO A 1 39 ? -3.834  -20.244 18.341  1.00 31.71 ? 39  PRO A CB  1 
ATOM   299  C CG  . PRO A 1 39 ? -4.659  -19.340 17.487  1.00 31.98 ? 39  PRO A CG  1 
ATOM   300  C CD  . PRO A 1 39 ? -4.038  -17.991 17.774  1.00 31.67 ? 39  PRO A CD  1 
ATOM   301  N N   . GLY A 1 40 ? -1.316  -21.622 16.985  1.00 32.75 ? 40  GLY A N   1 
ATOM   302  C CA  . GLY A 1 40 ? -0.750  -22.352 15.871  1.00 35.21 ? 40  GLY A CA  1 
ATOM   303  C C   . GLY A 1 40 ? 0.749   -22.181 15.751  1.00 36.50 ? 40  GLY A C   1 
ATOM   304  O O   . GLY A 1 40 ? 1.394   -21.601 16.629  1.00 37.69 ? 40  GLY A O   1 
ATOM   305  N N   . ARG A 1 41 ? 1.305   -22.714 14.668  1.00 36.62 ? 41  ARG A N   1 
ATOM   306  C CA  . ARG A 1 41 ? 2.734   -22.622 14.424  1.00 36.70 ? 41  ARG A CA  1 
ATOM   307  C C   . ARG A 1 41 ? 3.030   -21.467 13.473  1.00 33.26 ? 41  ARG A C   1 
ATOM   308  O O   . ARG A 1 41 ? 2.175   -21.062 12.679  1.00 31.60 ? 41  ARG A O   1 
ATOM   309  C CB  . ARG A 1 41 ? 3.284   -23.945 13.865  1.00 41.24 ? 41  ARG A CB  1 
ATOM   310  C CG  . ARG A 1 41 ? 2.867   -24.300 12.432  1.00 48.57 ? 41  ARG A CG  1 
ATOM   311  C CD  . ARG A 1 41 ? 1.572   -25.120 12.354  1.00 54.61 ? 41  ARG A CD  1 
ATOM   312  N NE  . ARG A 1 41 ? 0.351   -24.308 12.408  1.00 59.84 ? 41  ARG A NE  1 
ATOM   313  C CZ  . ARG A 1 41 ? -0.178  -23.665 11.366  1.00 61.87 ? 41  ARG A CZ  1 
ATOM   314  N NH1 . ARG A 1 41 ? 0.403   -23.725 10.171  1.00 62.83 ? 41  ARG A NH1 1 
ATOM   315  N NH2 . ARG A 1 41 ? -1.310  -22.985 11.513  1.00 62.68 ? 41  ARG A NH2 1 
ATOM   316  N N   . TRP A 1 42 ? 4.239   -20.927 13.584  1.00 30.91 ? 42  TRP A N   1 
ATOM   317  C CA  . TRP A 1 42 ? 4.677   -19.812 12.748  1.00 27.79 ? 42  TRP A CA  1 
ATOM   318  C C   . TRP A 1 42 ? 6.082   -20.055 12.189  1.00 26.54 ? 42  TRP A C   1 
ATOM   319  O O   . TRP A 1 42 ? 6.823   -20.918 12.669  1.00 26.30 ? 42  TRP A O   1 
ATOM   320  C CB  . TRP A 1 42 ? 4.656   -18.507 13.556  1.00 25.88 ? 42  TRP A CB  1 
ATOM   321  C CG  . TRP A 1 42 ? 5.419   -18.605 14.838  1.00 26.85 ? 42  TRP A CG  1 
ATOM   322  C CD1 . TRP A 1 42 ? 4.940   -19.021 16.050  1.00 27.97 ? 42  TRP A CD1 1 
ATOM   323  C CD2 . TRP A 1 42 ? 6.809   -18.322 15.032  1.00 27.47 ? 42  TRP A CD2 1 
ATOM   324  N NE1 . TRP A 1 42 ? 5.947   -19.018 16.982  1.00 28.01 ? 42  TRP A NE1 1 
ATOM   325  C CE2 . TRP A 1 42 ? 7.105   -18.594 16.387  1.00 27.72 ? 42  TRP A CE2 1 
ATOM   326  C CE3 . TRP A 1 42 ? 7.835   -17.866 14.193  1.00 28.05 ? 42  TRP A CE3 1 
ATOM   327  C CZ2 . TRP A 1 42 ? 8.384   -18.425 16.923  1.00 28.29 ? 42  TRP A CZ2 1 
ATOM   328  C CZ3 . TRP A 1 42 ? 9.109   -17.699 14.726  1.00 28.89 ? 42  TRP A CZ3 1 
ATOM   329  C CH2 . TRP A 1 42 ? 9.371   -17.978 16.080  1.00 28.82 ? 42  TRP A CH2 1 
ATOM   330  N N   . LYS A 1 43 ? 6.427   -19.297 11.156  1.00 24.75 ? 43  LYS A N   1 
ATOM   331  C CA  . LYS A 1 43 ? 7.730   -19.393 10.517  1.00 23.26 ? 43  LYS A CA  1 
ATOM   332  C C   . LYS A 1 43 ? 8.305   -17.991 10.518  1.00 20.86 ? 43  LYS A C   1 
ATOM   333  O O   . LYS A 1 43 ? 7.566   -17.020 10.344  1.00 19.83 ? 43  LYS A O   1 
ATOM   334  C CB  . LYS A 1 43 ? 7.589   -19.843 9.054   1.00 25.38 ? 43  LYS A CB  1 
ATOM   335  C CG  . LYS A 1 43 ? 6.975   -21.215 8.844   1.00 31.31 ? 43  LYS A CG  1 
ATOM   336  C CD  . LYS A 1 43 ? 6.657   -21.467 7.371   1.00 32.63 ? 43  LYS A CD  1 
ATOM   337  C CE  . LYS A 1 43 ? 5.546   -20.555 6.877   1.00 35.86 ? 43  LYS A CE  1 
ATOM   338  N NZ  . LYS A 1 43 ? 4.267   -20.740 7.633   1.00 38.24 ? 43  LYS A NZ  1 
ATOM   339  N N   . PRO A 1 44 ? 9.609   -17.854 10.779  1.00 19.13 ? 44  PRO A N   1 
ATOM   340  C CA  . PRO A 1 44 ? 10.183  -16.506 10.768  1.00 18.43 ? 44  PRO A CA  1 
ATOM   341  C C   . PRO A 1 44 ? 10.281  -16.022 9.314   1.00 18.25 ? 44  PRO A C   1 
ATOM   342  O O   . PRO A 1 44 ? 10.530  -16.812 8.399   1.00 17.10 ? 44  PRO A O   1 
ATOM   343  C CB  . PRO A 1 44 ? 11.554  -16.713 11.412  1.00 18.31 ? 44  PRO A CB  1 
ATOM   344  C CG  . PRO A 1 44 ? 11.898  -18.121 11.040  1.00 19.10 ? 44  PRO A CG  1 
ATOM   345  C CD  . PRO A 1 44 ? 10.591  -18.848 11.246  1.00 19.61 ? 44  PRO A CD  1 
ATOM   346  N N   . LYS A 1 45 ? 10.023  -14.737 9.103   1.00 17.47 ? 45  LYS A N   1 
ATOM   347  C CA  . LYS A 1 45 ? 10.062  -14.152 7.772   1.00 16.06 ? 45  LYS A CA  1 
ATOM   348  C C   . LYS A 1 45 ? 10.583  -12.719 7.848   1.00 13.44 ? 45  LYS A C   1 
ATOM   349  O O   . LYS A 1 45 ? 10.513  -12.086 8.891   1.00 14.17 ? 45  LYS A O   1 
ATOM   350  C CB  . LYS A 1 45 ? 8.648   -14.159 7.165   1.00 16.07 ? 45  LYS A CB  1 
ATOM   351  C CG  . LYS A 1 45 ? 8.578   -13.782 5.693   1.00 18.69 ? 45  LYS A CG  1 
ATOM   352  C CD  . LYS A 1 45 ? 7.140   -13.687 5.215   1.00 20.60 ? 45  LYS A CD  1 
ATOM   353  C CE  . LYS A 1 45 ? 7.068   -13.392 3.730   1.00 22.29 ? 45  LYS A CE  1 
ATOM   354  N NZ  . LYS A 1 45 ? 7.679   -14.488 2.921   1.00 25.43 ? 45  LYS A NZ  1 
ATOM   355  N N   . MET A 1 46 ? 11.149  -12.242 6.744   1.00 13.87 ? 46  MET A N   1 
ATOM   356  C CA  . MET A 1 46 ? 11.659  -10.881 6.644   1.00 14.58 ? 46  MET A CA  1 
ATOM   357  C C   . MET A 1 46 ? 10.916  -10.203 5.505   1.00 13.61 ? 46  MET A C   1 
ATOM   358  O O   . MET A 1 46 ? 10.857  -10.734 4.398   1.00 13.88 ? 46  MET A O   1 
ATOM   359  C CB  . MET A 1 46 ? 13.163  -10.881 6.338   1.00 15.10 ? 46  MET A CB  1 
ATOM   360  C CG  . MET A 1 46 ? 14.061  -11.194 7.543   1.00 18.04 ? 46  MET A CG  1 
ATOM   361  S SD  . MET A 1 46 ? 14.304  -9.795  8.667   1.00 21.91 ? 46  MET A SD  1 
ATOM   362  C CE  . MET A 1 46 ? 15.492  -8.805  7.671   1.00 20.63 ? 46  MET A CE  1 
ATOM   363  N N   . ILE A 1 47 ? 10.302  -9.059  5.788   1.00 12.30 ? 47  ILE A N   1 
ATOM   364  C CA  . ILE A 1 47 ? 9.585   -8.321  4.756   1.00 13.12 ? 47  ILE A CA  1 
ATOM   365  C C   . ILE A 1 47 ? 10.168  -6.913  4.632   1.00 13.26 ? 47  ILE A C   1 
ATOM   366  O O   . ILE A 1 47 ? 10.576  -6.312  5.621   1.00 12.98 ? 47  ILE A O   1 
ATOM   367  C CB  . ILE A 1 47 ? 8.057   -8.267  5.023   1.00 13.93 ? 47  ILE A CB  1 
ATOM   368  C CG1 . ILE A 1 47 ? 7.774   -7.755  6.439   1.00 15.04 ? 47  ILE A CG1 1 
ATOM   369  C CG2 . ILE A 1 47 ? 7.426   -9.641  4.776   1.00 13.43 ? 47  ILE A CG2 1 
ATOM   370  C CD1 . ILE A 1 47 ? 6.304   -7.535  6.730   1.00 15.56 ? 47  ILE A CD1 1 
ATOM   371  N N   . GLY A 1 48 ? 10.227  -6.404  3.407   1.00 14.38 ? 48  GLY A N   1 
ATOM   372  C CA  . GLY A 1 48 ? 10.794  -5.089  3.199   1.00 14.66 ? 48  GLY A CA  1 
ATOM   373  C C   . GLY A 1 48 ? 9.909   -4.084  2.504   1.00 14.88 ? 48  GLY A C   1 
ATOM   374  O O   . GLY A 1 48 ? 9.023   -4.439  1.727   1.00 14.20 ? 48  GLY A O   1 
ATOM   375  N N   . GLY A 1 49 ? 10.162  -2.814  2.805   1.00 14.34 ? 49  GLY A N   1 
ATOM   376  C CA  . GLY A 1 49 ? 9.420   -1.723  2.203   1.00 14.32 ? 49  GLY A CA  1 
ATOM   377  C C   . GLY A 1 49 ? 10.252  -0.467  2.323   1.00 14.95 ? 49  GLY A C   1 
ATOM   378  O O   . GLY A 1 49 ? 11.484  -0.533  2.353   1.00 16.76 ? 49  GLY A O   1 
ATOM   379  N N   . ILE A 1 50 ? 9.598   0.685   2.359   1.00 14.46 ? 50  ILE A N   1 
ATOM   380  C CA  . ILE A 1 50 ? 10.323  1.941   2.513   1.00 14.41 ? 50  ILE A CA  1 
ATOM   381  C C   . ILE A 1 50 ? 10.960  1.923   3.905   1.00 13.73 ? 50  ILE A C   1 
ATOM   382  O O   . ILE A 1 50 ? 10.312  1.572   4.895   1.00 13.24 ? 50  ILE A O   1 
ATOM   383  C CB  . ILE A 1 50 ? 9.381   3.152   2.325   1.00 14.59 ? 50  ILE A CB  1 
ATOM   384  C CG1 . ILE A 1 50 ? 9.048   3.300   0.837   1.00 13.70 ? 50  ILE A CG1 1 
ATOM   385  C CG2 . ILE A 1 50 ? 10.006  4.429   2.879   1.00 14.91 ? 50  ILE A CG2 1 
ATOM   386  C CD1 . ILE A 1 50 ? 8.094   4.424   0.526   1.00 15.76 ? 50  ILE A CD1 1 
ATOM   387  N N   . GLY A 1 51 ? 12.254  2.225   3.954   1.00 15.53 ? 51  GLY A N   1 
ATOM   388  C CA  . GLY A 1 51 ? 12.967  2.216   5.215   1.00 15.12 ? 51  GLY A CA  1 
ATOM   389  C C   . GLY A 1 51 ? 13.652  0.891   5.503   1.00 15.56 ? 51  GLY A C   1 
ATOM   390  O O   . GLY A 1 51 ? 14.319  0.765   6.527   1.00 18.47 ? 51  GLY A O   1 
ATOM   391  N N   . GLY A 1 52 ? 13.481  -0.102  4.630   1.00 13.83 ? 52  GLY A N   1 
ATOM   392  C CA  . GLY A 1 52 ? 14.122  -1.388  4.851   1.00 13.92 ? 52  GLY A CA  1 
ATOM   393  C C   . GLY A 1 52 ? 13.234  -2.530  5.325   1.00 14.19 ? 52  GLY A C   1 
ATOM   394  O O   . GLY A 1 52 ? 12.008  -2.472  5.210   1.00 16.05 ? 52  GLY A O   1 
ATOM   395  N N   . PHE A 1 53 ? 13.862  -3.555  5.898   1.00 13.23 ? 53  PHE A N   1 
ATOM   396  C CA  . PHE A 1 53 ? 13.169  -4.758  6.368   1.00 13.73 ? 53  PHE A CA  1 
ATOM   397  C C   . PHE A 1 53 ? 12.881  -4.862  7.866   1.00 14.37 ? 53  PHE A C   1 
ATOM   398  O O   . PHE A 1 53 ? 13.546  -4.236  8.691   1.00 13.45 ? 53  PHE A O   1 
ATOM   399  C CB  . PHE A 1 53 ? 13.973  -6.011  5.975   1.00 14.01 ? 53  PHE A CB  1 
ATOM   400  C CG  . PHE A 1 53 ? 14.080  -6.243  4.491   1.00 14.13 ? 53  PHE A CG  1 
ATOM   401  C CD1 . PHE A 1 53 ? 14.883  -5.428  3.697   1.00 14.26 ? 53  PHE A CD1 1 
ATOM   402  C CD2 . PHE A 1 53 ? 13.401  -7.297  3.890   1.00 14.83 ? 53  PHE A CD2 1 
ATOM   403  C CE1 . PHE A 1 53 ? 15.007  -5.664  2.328   1.00 14.49 ? 53  PHE A CE1 1 
ATOM   404  C CE2 . PHE A 1 53 ? 13.520  -7.540  2.521   1.00 14.92 ? 53  PHE A CE2 1 
ATOM   405  C CZ  . PHE A 1 53 ? 14.326  -6.718  1.742   1.00 14.94 ? 53  PHE A CZ  1 
ATOM   406  N N   . ILE A 1 54 ? 11.872  -5.668  8.196   1.00 14.05 ? 54  ILE A N   1 
ATOM   407  C CA  . ILE A 1 54 ? 11.507  -5.970  9.584   1.00 14.51 ? 54  ILE A CA  1 
ATOM   408  C C   . ILE A 1 54 ? 11.235  -7.477  9.652   1.00 13.67 ? 54  ILE A C   1 
ATOM   409  O O   . ILE A 1 54 ? 10.767  -8.073  8.681   1.00 13.67 ? 54  ILE A O   1 
ATOM   410  C CB  . ILE A 1 54 ? 10.253  -5.186  10.120  1.00 13.86 ? 54  ILE A CB  1 
ATOM   411  C CG1 . ILE A 1 54 ? 8.991   -5.526  9.326   1.00 14.95 ? 54  ILE A CG1 1 
ATOM   412  C CG2 . ILE A 1 54 ? 10.520  -3.690  10.141  1.00 14.68 ? 54  ILE A CG2 1 
ATOM   413  C CD1 . ILE A 1 54 ? 7.707   -5.063  10.006  1.00 12.96 ? 54  ILE A CD1 1 
ATOM   414  N N   . LYS A 1 55 ? 11.607  -8.097  10.766  1.00 14.12 ? 55  LYS A N   1 
ATOM   415  C CA  . LYS A 1 55 ? 11.389  -9.525  10.959  1.00 13.78 ? 55  LYS A CA  1 
ATOM   416  C C   . LYS A 1 55 ? 9.986   -9.733  11.522  1.00 14.17 ? 55  LYS A C   1 
ATOM   417  O O   . LYS A 1 55 ? 9.544   -8.990  12.403  1.00 14.40 ? 55  LYS A O   1 
ATOM   418  C CB  . LYS A 1 55 ? 12.429  -10.105 11.921  1.00 15.80 ? 55  LYS A CB  1 
ATOM   419  C CG  . LYS A 1 55 ? 12.369  -11.623 12.052  1.00 17.60 ? 55  LYS A CG  1 
ATOM   420  C CD  . LYS A 1 55 ? 13.413  -12.130 13.019  1.00 23.23 ? 55  LYS A CD  1 
ATOM   421  C CE  . LYS A 1 55 ? 13.159  -11.593 14.410  1.00 27.17 ? 55  LYS A CE  1 
ATOM   422  N NZ  . LYS A 1 55 ? 14.257  -11.950 15.341  1.00 32.08 ? 55  LYS A NZ  1 
ATOM   423  N N   . VAL A 1 56 ? 9.289   -10.745 11.014  1.00 12.65 ? 56  VAL A N   1 
ATOM   424  C CA  . VAL A 1 56 ? 7.930   -11.041 11.451  1.00 13.00 ? 56  VAL A CA  1 
ATOM   425  C C   . VAL A 1 56 ? 7.716   -12.543 11.601  1.00 13.95 ? 56  VAL A C   1 
ATOM   426  O O   . VAL A 1 56 ? 8.549   -13.347 11.182  1.00 13.90 ? 56  VAL A O   1 
ATOM   427  C CB  . VAL A 1 56 ? 6.870   -10.506 10.443  1.00 14.21 ? 56  VAL A CB  1 
ATOM   428  C CG1 . VAL A 1 56 ? 6.922   -8.985  10.360  1.00 13.35 ? 56  VAL A CG1 1 
ATOM   429  C CG2 . VAL A 1 56 ? 7.083   -11.126 9.065   1.00 13.73 ? 56  VAL A CG2 1 
ATOM   430  N N   . ARG A 1 57 ? 6.605   -12.904 12.234  1.00 15.02 ? 57  ARG A N   1 
ATOM   431  C CA  . ARG A 1 57 ? 6.247   -14.302 12.438  1.00 16.27 ? 57  ARG A CA  1 
ATOM   432  C C   . ARG A 1 57 ? 5.058   -14.583 11.529  1.00 15.22 ? 57  ARG A C   1 
ATOM   433  O O   . ARG A 1 57 ? 4.037   -13.900 11.612  1.00 15.83 ? 57  ARG A O   1 
ATOM   434  C CB  . ARG A 1 57 ? 5.857   -14.567 13.899  1.00 17.36 ? 57  ARG A CB  1 
ATOM   435  C CG  . ARG A 1 57 ? 6.931   -14.233 14.924  1.00 18.08 ? 57  ARG A CG  1 
ATOM   436  C CD  . ARG A 1 57 ? 6.629   -14.857 16.283  1.00 19.96 ? 57  ARG A CD  1 
ATOM   437  N NE  . ARG A 1 57 ? 5.256   -14.623 16.733  1.00 23.38 ? 57  ARG A NE  1 
ATOM   438  C CZ  . ARG A 1 57 ? 4.829   -13.506 17.323  1.00 25.86 ? 57  ARG A CZ  1 
ATOM   439  N NH1 . ARG A 1 57 ? 5.661   -12.501 17.543  1.00 26.80 ? 57  ARG A NH1 1 
ATOM   440  N NH2 . ARG A 1 57 ? 3.563   -13.399 17.710  1.00 26.24 ? 57  ARG A NH2 1 
ATOM   441  N N   . GLN A 1 58 ? 5.200   -15.572 10.653  1.00 14.60 ? 58  GLN A N   1 
ATOM   442  C CA  . GLN A 1 58 ? 4.134   -15.924 9.726   1.00 16.44 ? 58  GLN A CA  1 
ATOM   443  C C   . GLN A 1 58 ? 3.159   -16.976 10.232  1.00 16.40 ? 58  GLN A C   1 
ATOM   444  O O   . GLN A 1 58 ? 3.545   -18.116 10.494  1.00 18.77 ? 58  GLN A O   1 
ATOM   445  C CB  . GLN A 1 58 ? 4.711   -16.397 8.398   1.00 16.68 ? 58  GLN A CB  1 
ATOM   446  C CG  . GLN A 1 58 ? 3.637   -16.872 7.438   1.00 19.54 ? 58  GLN A CG  1 
ATOM   447  C CD  . GLN A 1 58 ? 4.190   -17.314 6.109   1.00 23.69 ? 58  GLN A CD  1 
ATOM   448  O OE1 . GLN A 1 58 ? 5.403   -17.328 5.903   1.00 24.61 ? 58  GLN A OE1 1 
ATOM   449  N NE2 . GLN A 1 58 ? 3.299   -17.684 5.191   1.00 23.83 ? 58  GLN A NE2 1 
ATOM   450  N N   . TYR A 1 59 ? 1.892   -16.587 10.340  1.00 16.73 ? 59  TYR A N   1 
ATOM   451  C CA  . TYR A 1 59 ? 0.829   -17.490 10.775  1.00 16.73 ? 59  TYR A CA  1 
ATOM   452  C C   . TYR A 1 59 ? -0.091  -17.729 9.590   1.00 18.14 ? 59  TYR A C   1 
ATOM   453  O O   . TYR A 1 59 ? -0.468  -16.795 8.893   1.00 16.71 ? 59  TYR A O   1 
ATOM   454  C CB  . TYR A 1 59 ? 0.027   -16.882 11.923  1.00 15.79 ? 59  TYR A CB  1 
ATOM   455  C CG  . TYR A 1 59 ? 0.783   -16.810 13.223  1.00 18.04 ? 59  TYR A CG  1 
ATOM   456  C CD1 . TYR A 1 59 ? 1.563   -15.701 13.540  1.00 16.99 ? 59  TYR A CD1 1 
ATOM   457  C CD2 . TYR A 1 59 ? 0.701   -17.845 14.151  1.00 19.67 ? 59  TYR A CD2 1 
ATOM   458  C CE1 . TYR A 1 59 ? 2.239   -15.622 14.748  1.00 16.83 ? 59  TYR A CE1 1 
ATOM   459  C CE2 . TYR A 1 59 ? 1.375   -17.774 15.364  1.00 19.32 ? 59  TYR A CE2 1 
ATOM   460  C CZ  . TYR A 1 59 ? 2.139   -16.659 15.653  1.00 19.19 ? 59  TYR A CZ  1 
ATOM   461  O OH  . TYR A 1 59 ? 2.794   -16.588 16.856  1.00 23.67 ? 59  TYR A OH  1 
ATOM   462  N N   . ASP A 1 60 ? -0.429  -18.985 9.337   1.00 19.84 ? 60  ASP A N   1 
ATOM   463  C CA  . ASP A 1 60 ? -1.312  -19.296 8.221   1.00 21.62 ? 60  ASP A CA  1 
ATOM   464  C C   . ASP A 1 60 ? -2.664  -19.763 8.740   1.00 21.30 ? 60  ASP A C   1 
ATOM   465  O O   . ASP A 1 60 ? -2.796  -20.134 9.911   1.00 20.69 ? 60  ASP A O   1 
ATOM   466  C CB  . ASP A 1 60 ? -0.688  -20.381 7.331   1.00 24.90 ? 60  ASP A CB  1 
ATOM   467  C CG  . ASP A 1 60 ? 0.677   -19.984 6.780   1.00 26.17 ? 60  ASP A CG  1 
ATOM   468  O OD1 . ASP A 1 60 ? 0.911   -18.777 6.557   1.00 27.11 ? 60  ASP A OD1 1 
ATOM   469  O OD2 . ASP A 1 60 ? 1.514   -20.884 6.560   1.00 27.74 ? 60  ASP A OD2 1 
ATOM   470  N N   . GLN A 1 61 ? -3.667  -19.723 7.866   1.00 21.36 ? 61  GLN A N   1 
ATOM   471  C CA  . GLN A 1 61 ? -5.015  -20.163 8.210   1.00 22.27 ? 61  GLN A CA  1 
ATOM   472  C C   . GLN A 1 61 ? -5.607  -19.436 9.430   1.00 21.62 ? 61  GLN A C   1 
ATOM   473  O O   . GLN A 1 61 ? -6.136  -20.059 10.347  1.00 21.72 ? 61  GLN A O   1 
ATOM   474  C CB  . GLN A 1 61 ? -5.008  -21.682 8.431   1.00 24.05 ? 61  GLN A CB  1 
ATOM   475  C CG  . GLN A 1 61 ? -4.494  -22.486 7.237   1.00 28.98 ? 61  GLN A CG  1 
ATOM   476  C CD  . GLN A 1 61 ? -5.448  -22.453 6.053   1.00 33.41 ? 61  GLN A CD  1 
ATOM   477  O OE1 . GLN A 1 61 ? -5.056  -22.126 4.932   1.00 35.86 ? 61  GLN A OE1 1 
ATOM   478  N NE2 . GLN A 1 61 ? -6.708  -22.798 6.297   1.00 36.78 ? 61  GLN A NE2 1 
ATOM   479  N N   . ILE A 1 62 ? -5.508  -18.110 9.429   1.00 19.70 ? 62  ILE A N   1 
ATOM   480  C CA  . ILE A 1 62 ? -6.027  -17.286 10.516  1.00 18.58 ? 62  ILE A CA  1 
ATOM   481  C C   . ILE A 1 62 ? -7.382  -16.698 10.104  1.00 18.35 ? 62  ILE A C   1 
ATOM   482  O O   . ILE A 1 62 ? -7.538  -16.212 8.980   1.00 17.23 ? 62  ILE A O   1 
ATOM   483  C CB  . ILE A 1 62 ? -5.030  -16.134 10.856  1.00 17.83 ? 62  ILE A CB  1 
ATOM   484  C CG1 . ILE A 1 62 ? -3.728  -16.705 11.418  1.00 16.97 ? 62  ILE A CG1 1 
ATOM   485  C CG2 . ILE A 1 62 ? -5.643  -15.163 11.851  1.00 18.59 ? 62  ILE A CG2 1 
ATOM   486  C CD1 . ILE A 1 62 ? -3.861  -17.302 12.814  1.00 18.22 ? 62  ILE A CD1 1 
ATOM   487  N N   . LEU A 1 63 ? -8.366  -16.774 10.996  1.00 19.08 ? 63  LEU A N   1 
ATOM   488  C CA  . LEU A 1 63 ? -9.690  -16.234 10.702  1.00 21.04 ? 63  LEU A CA  1 
ATOM   489  C C   . LEU A 1 63 ? -9.758  -14.774 11.121  1.00 22.08 ? 63  LEU A C   1 
ATOM   490  O O   . LEU A 1 63 ? -9.377  -14.424 12.234  1.00 22.51 ? 63  LEU A O   1 
ATOM   491  C CB  . LEU A 1 63 ? -10.786 -17.035 11.411  1.00 23.87 ? 63  LEU A CB  1 
ATOM   492  C CG  . LEU A 1 63 ? -12.206 -16.443 11.354  1.00 28.14 ? 63  LEU A CG  1 
ATOM   493  C CD1 . LEU A 1 63 ? -12.685 -16.297 9.912   1.00 26.24 ? 63  LEU A CD1 1 
ATOM   494  C CD2 . LEU A 1 63 ? -13.172 -17.313 12.159  1.00 28.47 ? 63  LEU A CD2 1 
ATOM   495  N N   . ILE A 1 64 ? -10.242 -13.928 10.217  1.00 22.38 ? 64  ILE A N   1 
ATOM   496  C CA  . ILE A 1 64 ? -10.361 -12.498 10.473  1.00 24.09 ? 64  ILE A CA  1 
ATOM   497  C C   . ILE A 1 64 ? -11.676 -11.954 9.918   1.00 26.09 ? 64  ILE A C   1 
ATOM   498  O O   . ILE A 1 64 ? -11.989 -12.139 8.739   1.00 25.28 ? 64  ILE A O   1 
ATOM   499  C CB  . ILE A 1 64 ? -9.208  -11.696 9.806   1.00 23.29 ? 64  ILE A CB  1 
ATOM   500  C CG1 . ILE A 1 64 ? -7.854  -12.139 10.353  1.00 22.31 ? 64  ILE A CG1 1 
ATOM   501  C CG2 . ILE A 1 64 ? -9.383  -10.201 10.059  1.00 23.54 ? 64  ILE A CG2 1 
ATOM   502  C CD1 . ILE A 1 64 ? -6.696  -11.453 9.702   1.00 21.43 ? 64  ILE A CD1 1 
ATOM   503  N N   . GLU A 1 65 ? -12.449 -11.297 10.775  1.00 27.60 ? 65  GLU A N   1 
ATOM   504  C CA  . GLU A 1 65 ? -13.700 -10.696 10.335  1.00 29.89 ? 65  GLU A CA  1 
ATOM   505  C C   . GLU A 1 65 ? -13.374 -9.272  9.892   1.00 29.59 ? 65  GLU A C   1 
ATOM   506  O O   . GLU A 1 65 ? -12.693 -8.536  10.606  1.00 27.67 ? 65  GLU A O   1 
ATOM   507  C CB  . GLU A 1 65 ? -14.722 -10.676 11.464  1.00 31.96 ? 65  GLU A CB  1 
ATOM   508  C CG  . GLU A 1 65 ? -16.084 -10.178 11.021  1.00 37.33 ? 65  GLU A CG  1 
ATOM   509  C CD  . GLU A 1 65 ? -17.031 -9.947  12.178  1.00 41.03 ? 65  GLU A CD  1 
ATOM   510  O OE1 . GLU A 1 65 ? -18.200 -9.591  11.909  1.00 42.98 ? 65  GLU A OE1 1 
ATOM   511  O OE2 . GLU A 1 65 ? -16.610 -10.115 13.348  1.00 42.39 ? 65  GLU A OE2 1 
ATOM   512  N N   . ILE A 1 66 ? -13.860 -8.887  8.718   1.00 29.50 ? 66  ILE A N   1 
ATOM   513  C CA  . ILE A 1 66 ? -13.585 -7.559  8.183   1.00 31.64 ? 66  ILE A CA  1 
ATOM   514  C C   . ILE A 1 66 ? -14.680 -7.086  7.230   1.00 32.02 ? 66  ILE A C   1 
ATOM   515  O O   . ILE A 1 66 ? -14.966 -7.735  6.223   1.00 30.12 ? 66  ILE A O   1 
ATOM   516  C CB  . ILE A 1 66 ? -12.192 -7.525  7.476   1.00 32.05 ? 66  ILE A CB  1 
ATOM   517  C CG1 . ILE A 1 66 ? -11.938 -6.151  6.847   1.00 30.14 ? 66  ILE A CG1 1 
ATOM   518  C CG2 . ILE A 1 66 ? -12.076 -8.660  6.459   1.00 33.35 ? 66  ILE A CG2 1 
ATOM   519  C CD1 . ILE A 1 66 ? -10.608 -6.036  6.152   1.00 29.65 ? 66  ILE A CD1 1 
ATOM   520  N N   . CYS A 1 67 ? -15.274 -5.940  7.557   1.00 34.38 ? 67  CYS A N   1 
ATOM   521  C CA  . CYS A 1 67 ? -16.349 -5.351  6.756   1.00 37.35 ? 67  CYS A CA  1 
ATOM   522  C C   . CYS A 1 67 ? -17.553 -6.295  6.677   1.00 37.65 ? 67  CYS A C   1 
ATOM   523  O O   . CYS A 1 67 ? -18.299 -6.283  5.694   1.00 38.43 ? 67  CYS A O   1 
ATOM   524  C CB  . CYS A 1 67 ? -15.849 -4.992  5.342   1.00 38.16 ? 67  CYS A CB  1 
ATOM   525  S SG  . CYS A 1 67 ? -14.809 -3.493  5.218   1.00 41.98 ? 67  CYS A SG  1 
ATOM   526  N N   . GLY A 1 68 ? -17.736 -7.104  7.721   1.00 37.47 ? 68  GLY A N   1 
ATOM   527  C CA  . GLY A 1 68 ? -18.840 -8.053  7.760   1.00 37.73 ? 68  GLY A CA  1 
ATOM   528  C C   . GLY A 1 68 ? -18.542 -9.370  7.059   1.00 38.20 ? 68  GLY A C   1 
ATOM   529  O O   . GLY A 1 68 ? -19.419 -10.227 6.917   1.00 37.77 ? 68  GLY A O   1 
ATOM   530  N N   . HIS A 1 69 ? -17.294 -9.529  6.628   1.00 37.63 ? 69  HIS A N   1 
ATOM   531  C CA  . HIS A 1 69 ? -16.849 -10.728 5.931   1.00 36.83 ? 69  HIS A CA  1 
ATOM   532  C C   . HIS A 1 69 ? -15.877 -11.547 6.766   1.00 36.37 ? 69  HIS A C   1 
ATOM   533  O O   . HIS A 1 69 ? -14.876 -11.028 7.251   1.00 37.17 ? 69  HIS A O   1 
ATOM   534  C CB  . HIS A 1 69 ? -16.147 -10.353 4.624   1.00 37.62 ? 69  HIS A CB  1 
ATOM   535  C CG  . HIS A 1 69 ? -17.074 -9.984  3.507   1.00 40.17 ? 69  HIS A CG  1 
ATOM   536  N ND1 . HIS A 1 69 ? -17.081 -10.647 2.300   1.00 41.18 ? 69  HIS A ND1 1 
ATOM   537  C CD2 . HIS A 1 69 ? -18.005 -9.005  3.404   1.00 42.18 ? 69  HIS A CD2 1 
ATOM   538  C CE1 . HIS A 1 69 ? -17.974 -10.095 1.498   1.00 42.67 ? 69  HIS A CE1 1 
ATOM   539  N NE2 . HIS A 1 69 ? -18.550 -9.096  2.144   1.00 43.11 ? 69  HIS A NE2 1 
ATOM   540  N N   . LYS A 1 70 ? -16.173 -12.829 6.935   1.00 34.75 ? 70  LYS A N   1 
ATOM   541  C CA  . LYS A 1 70 ? -15.278 -13.711 7.670   1.00 34.29 ? 70  LYS A CA  1 
ATOM   542  C C   . LYS A 1 70 ? -14.340 -14.280 6.606   1.00 33.11 ? 70  LYS A C   1 
ATOM   543  O O   . LYS A 1 70 ? -14.784 -14.961 5.683   1.00 32.89 ? 70  LYS A O   1 
ATOM   544  C CB  . LYS A 1 70 ? -16.056 -14.834 8.372   1.00 37.14 ? 70  LYS A CB  1 
ATOM   545  C CG  . LYS A 1 70 ? -16.943 -14.375 9.539   1.00 41.23 ? 70  LYS A CG  1 
ATOM   546  C CD  . LYS A 1 70 ? -18.127 -13.528 9.058   1.00 45.31 ? 70  LYS A CD  1 
ATOM   547  C CE  . LYS A 1 70 ? -18.924 -12.926 10.211  1.00 45.30 ? 70  LYS A CE  1 
ATOM   548  N NZ  . LYS A 1 70 ? -19.990 -12.008 9.719   1.00 43.42 ? 70  LYS A NZ  1 
ATOM   549  N N   . ALA A 1 71 ? -13.058 -13.940 6.699   1.00 31.04 ? 71  ALA A N   1 
ATOM   550  C CA  . ALA A 1 71 ? -12.074 -14.405 5.728   1.00 29.58 ? 71  ALA A CA  1 
ATOM   551  C C   . ALA A 1 71 ? -10.866 -15.062 6.385   1.00 28.57 ? 71  ALA A C   1 
ATOM   552  O O   . ALA A 1 71 ? -10.491 -14.720 7.505   1.00 27.94 ? 71  ALA A O   1 
ATOM   553  C CB  . ALA A 1 71 ? -11.626 -13.245 4.845   1.00 28.56 ? 71  ALA A CB  1 
ATOM   554  N N   . ILE A 1 72 ? -10.262 -16.014 5.682   1.00 27.75 ? 72  ILE A N   1 
ATOM   555  C CA  . ILE A 1 72 ? -9.092  -16.715 6.202   1.00 26.99 ? 72  ILE A CA  1 
ATOM   556  C C   . ILE A 1 72 ? -7.872  -16.364 5.364   1.00 24.21 ? 72  ILE A C   1 
ATOM   557  O O   . ILE A 1 72 ? -7.973  -16.159 4.153   1.00 21.99 ? 72  ILE A O   1 
ATOM   558  C CB  . ILE A 1 72 ? -9.270  -18.259 6.180   1.00 28.89 ? 72  ILE A CB  1 
ATOM   559  C CG1 . ILE A 1 72 ? -10.609 -18.652 6.806   1.00 31.08 ? 72  ILE A CG1 1 
ATOM   560  C CG2 . ILE A 1 72 ? -8.148  -18.932 6.969   1.00 28.85 ? 72  ILE A CG2 1 
ATOM   561  C CD1 . ILE A 1 72 ? -10.789 -20.136 6.921   1.00 35.31 ? 72  ILE A CD1 1 
ATOM   562  N N   . GLY A 1 73 ? -6.720  -16.289 6.017   1.00 22.11 ? 73  GLY A N   1 
ATOM   563  C CA  . GLY A 1 73 ? -5.505  -15.967 5.300   1.00 20.50 ? 73  GLY A CA  1 
ATOM   564  C C   . GLY A 1 73 ? -4.284  -15.948 6.188   1.00 19.91 ? 73  GLY A C   1 
ATOM   565  O O   . GLY A 1 73 ? -4.358  -16.247 7.381   1.00 17.53 ? 73  GLY A O   1 
ATOM   566  N N   . THR A 1 74 ? -3.147  -15.626 5.580   1.00 19.92 ? 74  THR A N   1 
ATOM   567  C CA  . THR A 1 74 ? -1.878  -15.545 6.284   1.00 18.18 ? 74  THR A CA  1 
ATOM   568  C C   . THR A 1 74 ? -1.787  -14.202 6.985   1.00 16.32 ? 74  THR A C   1 
ATOM   569  O O   . THR A 1 74 ? -2.251  -13.184 6.469   1.00 15.62 ? 74  THR A O   1 
ATOM   570  C CB  . THR A 1 74 ? -0.687  -15.669 5.305   1.00 20.02 ? 74  THR A CB  1 
ATOM   571  O OG1 . THR A 1 74 ? -0.625  -17.006 4.794   1.00 21.92 ? 74  THR A OG1 1 
ATOM   572  C CG2 . THR A 1 74 ? 0.625   -15.337 5.998   1.00 20.40 ? 74  THR A CG2 1 
ATOM   573  N N   . VAL A 1 75 ? -1.242  -14.221 8.193   1.00 15.43 ? 75  VAL A N   1 
ATOM   574  C CA  . VAL A 1 75 ? -1.059  -13.005 8.963   1.00 14.24 ? 75  VAL A CA  1 
ATOM   575  C C   . VAL A 1 75 ? 0.391   -12.937 9.437   1.00 13.51 ? 75  VAL A C   1 
ATOM   576  O O   . VAL A 1 75 ? 0.927   -13.905 9.977   1.00 13.45 ? 75  VAL A O   1 
ATOM   577  C CB  . VAL A 1 75 ? -2.019  -12.939 10.180  1.00 14.61 ? 75  VAL A CB  1 
ATOM   578  C CG1 . VAL A 1 75 ? -1.751  -11.675 10.996  1.00 14.98 ? 75  VAL A CG1 1 
ATOM   579  C CG2 . VAL A 1 75 ? -3.462  -12.956 9.715   1.00 14.48 ? 75  VAL A CG2 1 
ATOM   580  N N   . LEU A 1 76 ? 1.043   -11.818 9.143   1.00 12.49 ? 76  LEU A N   1 
ATOM   581  C CA  . LEU A 1 76 ? 2.420   -11.603 9.566   1.00 13.49 ? 76  LEU A CA  1 
ATOM   582  C C   . LEU A 1 76 ? 2.344   -10.701 10.796  1.00 14.58 ? 76  LEU A C   1 
ATOM   583  O O   . LEU A 1 76 ? 1.666   -9.674  10.774  1.00 13.73 ? 76  LEU A O   1 
ATOM   584  C CB  . LEU A 1 76 ? 3.236   -10.924 8.464   1.00 11.91 ? 76  LEU A CB  1 
ATOM   585  C CG  . LEU A 1 76 ? 3.227   -11.613 7.095   1.00 11.22 ? 76  LEU A CG  1 
ATOM   586  C CD1 . LEU A 1 76 ? 4.133   -10.865 6.120   1.00 12.35 ? 76  LEU A CD1 1 
ATOM   587  C CD2 . LEU A 1 76 ? 3.648   -13.078 7.235   1.00 9.83  ? 76  LEU A CD2 1 
ATOM   588  N N   . VAL A 1 77 ? 3.033   -11.098 11.862  1.00 14.21 ? 77  VAL A N   1 
ATOM   589  C CA  . VAL A 1 77 ? 3.035   -10.346 13.113  1.00 14.08 ? 77  VAL A CA  1 
ATOM   590  C C   . VAL A 1 77 ? 4.442   -9.837  13.427  1.00 14.91 ? 77  VAL A C   1 
ATOM   591  O O   . VAL A 1 77 ? 5.392   -10.617 13.519  1.00 12.85 ? 77  VAL A O   1 
ATOM   592  C CB  . VAL A 1 77 ? 2.510   -11.215 14.289  1.00 15.36 ? 77  VAL A CB  1 
ATOM   593  C CG1 . VAL A 1 77 ? 2.564   -10.443 15.591  1.00 15.06 ? 77  VAL A CG1 1 
ATOM   594  C CG2 . VAL A 1 77 ? 1.083   -11.671 14.011  1.00 14.90 ? 77  VAL A CG2 1 
ATOM   595  N N   . GLY A 1 78 ? 4.565   -8.523  13.576  1.00 13.52 ? 78  GLY A N   1 
ATOM   596  C CA  . GLY A 1 78 ? 5.859   -7.934  13.868  1.00 15.29 ? 78  GLY A CA  1 
ATOM   597  C C   . GLY A 1 78 ? 5.787   -6.457  14.215  1.00 14.47 ? 78  GLY A C   1 
ATOM   598  O O   . GLY A 1 78 ? 4.695   -5.899  14.342  1.00 14.76 ? 78  GLY A O   1 
ATOM   599  N N   . PRO A 1 79 ? 6.948   -5.799  14.371  1.00 14.57 ? 79  PRO A N   1 
ATOM   600  C CA  . PRO A 1 79 ? 7.073   -4.377  14.710  1.00 14.94 ? 79  PRO A CA  1 
ATOM   601  C C   . PRO A 1 79 ? 6.720   -3.406  13.572  1.00 15.35 ? 79  PRO A C   1 
ATOM   602  O O   . PRO A 1 79 ? 7.508   -2.521  13.225  1.00 15.10 ? 79  PRO A O   1 
ATOM   603  C CB  . PRO A 1 79 ? 8.539   -4.264  15.134  1.00 14.03 ? 79  PRO A CB  1 
ATOM   604  C CG  . PRO A 1 79 ? 9.217   -5.233  14.219  1.00 14.52 ? 79  PRO A CG  1 
ATOM   605  C CD  . PRO A 1 79 ? 8.276   -6.429  14.248  1.00 15.26 ? 79  PRO A CD  1 
ATOM   606  N N   . THR A 1 80 ? 5.538   -3.588  12.987  1.00 14.29 ? 80  THR A N   1 
ATOM   607  C CA  . THR A 1 80 ? 5.071   -2.723  11.911  1.00 13.76 ? 80  THR A CA  1 
ATOM   608  C C   . THR A 1 80 ? 4.477   -1.473  12.556  1.00 13.98 ? 80  THR A C   1 
ATOM   609  O O   . THR A 1 80 ? 3.779   -1.567  13.564  1.00 15.15 ? 80  THR A O   1 
ATOM   610  C CB  . THR A 1 80 ? 4.008   -3.427  11.041  1.00 13.81 ? 80  THR A CB  1 
ATOM   611  O OG1 . THR A 1 80 ? 3.519   -2.516  10.053  1.00 14.13 ? 80  THR A OG1 1 
ATOM   612  C CG2 . THR A 1 80 ? 2.850   -3.930  11.888  1.00 13.63 ? 80  THR A CG2 1 
ATOM   613  N N   . PRO A 1 81 ? 4.751   -0.285  11.988  1.00 14.79 ? 81  PRO A N   1 
ATOM   614  C CA  . PRO A 1 81 ? 4.221   0.960   12.553  1.00 13.80 ? 81  PRO A CA  1 
ATOM   615  C C   . PRO A 1 81 ? 2.708   1.119   12.433  1.00 15.35 ? 81  PRO A C   1 
ATOM   616  O O   . PRO A 1 81 ? 2.110   1.941   13.126  1.00 17.17 ? 81  PRO A O   1 
ATOM   617  C CB  . PRO A 1 81 ? 4.977   2.033   11.771  1.00 14.31 ? 81  PRO A CB  1 
ATOM   618  C CG  . PRO A 1 81 ? 5.196   1.400   10.445  1.00 15.02 ? 81  PRO A CG  1 
ATOM   619  C CD  . PRO A 1 81 ? 5.597   -0.010  10.812  1.00 16.11 ? 81  PRO A CD  1 
ATOM   620  N N   . VAL A 1 82 ? 2.089   0.315   11.577  1.00 15.50 ? 82  VAL A N   1 
ATOM   621  C CA  . VAL A 1 82 ? 0.648   0.378   11.371  1.00 16.06 ? 82  VAL A CA  1 
ATOM   622  C C   . VAL A 1 82 ? 0.142   -1.003  10.970  1.00 15.80 ? 82  VAL A C   1 
ATOM   623  O O   . VAL A 1 82 ? 0.888   -1.802  10.398  1.00 15.42 ? 82  VAL A O   1 
ATOM   624  C CB  . VAL A 1 82 ? 0.286   1.412   10.254  1.00 18.64 ? 82  VAL A CB  1 
ATOM   625  C CG1 . VAL A 1 82 ? 0.878   0.989   8.929   1.00 18.41 ? 82  VAL A CG1 1 
ATOM   626  C CG2 . VAL A 1 82 ? -1.225  1.570   10.124  1.00 20.75 ? 82  VAL A CG2 1 
ATOM   627  N N   . ASN A 1 83 ? -1.112  -1.295  11.308  1.00 15.25 ? 83  ASN A N   1 
ATOM   628  C CA  . ASN A 1 83 ? -1.723  -2.571  10.956  1.00 12.89 ? 83  ASN A CA  1 
ATOM   629  C C   . ASN A 1 83 ? -2.129  -2.470  9.486   1.00 12.79 ? 83  ASN A C   1 
ATOM   630  O O   . ASN A 1 83 ? -2.771  -1.505  9.071   1.00 11.70 ? 83  ASN A O   1 
ATOM   631  C CB  . ASN A 1 83 ? -2.931  -2.848  11.850  1.00 14.78 ? 83  ASN A CB  1 
ATOM   632  C CG  . ASN A 1 83 ? -2.548  -3.053  13.313  1.00 16.16 ? 83  ASN A CG  1 
ATOM   633  O OD1 . ASN A 1 83 ? -1.533  -3.684  13.624  1.00 15.60 ? 83  ASN A OD1 1 
ATOM   634  N ND2 . ASN A 1 83 ? -3.372  -2.530  14.218  1.00 16.16 ? 83  ASN A ND2 1 
ATOM   635  N N   . ILE A 1 84 ? -1.765  -3.490  8.713   1.00 12.00 ? 84  ILE A N   1 
ATOM   636  C CA  . ILE A 1 84 ? -2.006  -3.519  7.280   1.00 10.68 ? 84  ILE A CA  1 
ATOM   637  C C   . ILE A 1 84 ? -2.764  -4.750  6.811   1.00 11.41 ? 84  ILE A C   1 
ATOM   638  O O   . ILE A 1 84 ? -2.407  -5.877  7.147   1.00 11.08 ? 84  ILE A O   1 
ATOM   639  C CB  . ILE A 1 84 ? -0.644  -3.513  6.530   1.00 12.49 ? 84  ILE A CB  1 
ATOM   640  C CG1 . ILE A 1 84 ? 0.132   -2.229  6.842   1.00 12.91 ? 84  ILE A CG1 1 
ATOM   641  C CG2 . ILE A 1 84 ? -0.837  -3.695  5.039   1.00 13.47 ? 84  ILE A CG2 1 
ATOM   642  C CD1 . ILE A 1 84 ? 1.605   -2.321  6.521   1.00 16.83 ? 84  ILE A CD1 1 
ATOM   643  N N   . ILE A 1 85 ? -3.814  -4.519  6.034   1.00 10.88 ? 85  ILE A N   1 
ATOM   644  C CA  . ILE A 1 85 ? -4.592  -5.598  5.443   1.00 10.99 ? 85  ILE A CA  1 
ATOM   645  C C   . ILE A 1 85 ? -4.085  -5.693  3.999   1.00 9.89  ? 85  ILE A C   1 
ATOM   646  O O   . ILE A 1 85 ? -4.284  -4.774  3.197   1.00 9.73  ? 85  ILE A O   1 
ATOM   647  C CB  . ILE A 1 85 ? -6.107  -5.293  5.448   1.00 10.20 ? 85  ILE A CB  1 
ATOM   648  C CG1 . ILE A 1 85 ? -6.582  -5.027  6.877   1.00 11.09 ? 85  ILE A CG1 1 
ATOM   649  C CG2 . ILE A 1 85 ? -6.882  -6.468  4.850   1.00 11.76 ? 85  ILE A CG2 1 
ATOM   650  C CD1 . ILE A 1 85 ? -6.262  -6.144  7.854   1.00 12.50 ? 85  ILE A CD1 1 
ATOM   651  N N   . GLY A 1 86 ? -3.378  -6.780  3.700   1.00 9.94  ? 86  GLY A N   1 
ATOM   652  C CA  . GLY A 1 86 ? -2.823  -6.969  2.372   1.00 10.97 ? 86  GLY A CA  1 
ATOM   653  C C   . GLY A 1 86 ? -3.735  -7.676  1.391   1.00 11.26 ? 86  GLY A C   1 
ATOM   654  O O   . GLY A 1 86 ? -4.817  -8.138  1.764   1.00 11.77 ? 86  GLY A O   1 
ATOM   655  N N   . ARG A 1 87 ? -3.280  -7.781  0.144   1.00 10.37 ? 87  ARG A N   1 
ATOM   656  C CA  . ARG A 1 87 ? -4.043  -8.422  -0.924  1.00 11.60 ? 87  ARG A CA  1 
ATOM   657  C C   . ARG A 1 87 ? -4.515  -9.837  -0.610  1.00 11.79 ? 87  ARG A C   1 
ATOM   658  O O   . ARG A 1 87 ? -5.596  -10.235 -1.044  1.00 12.45 ? 87  ARG A O   1 
ATOM   659  C CB  . ARG A 1 87 ? -3.238  -8.434  -2.226  1.00 12.40 ? 87  ARG A CB  1 
ATOM   660  C CG  . ARG A 1 87 ? -3.000  -7.060  -2.835  1.00 12.71 ? 87  ARG A CG  1 
ATOM   661  C CD  . ARG A 1 87 ? -2.339  -7.175  -4.202  1.00 12.35 ? 87  ARG A CD  1 
ATOM   662  N NE  . ARG A 1 87 ? -0.998  -7.750  -4.121  1.00 13.37 ? 87  ARG A NE  1 
ATOM   663  C CZ  . ARG A 1 87 ? -0.689  -8.995  -4.472  1.00 14.26 ? 87  ARG A CZ  1 
ATOM   664  N NH1 . ARG A 1 87 ? -1.630  -9.819  -4.925  1.00 13.63 ? 87  ARG A NH1 1 
ATOM   665  N NH2 . ARG A 1 87 ? 0.567   -9.408  -4.392  1.00 12.04 ? 87  ARG A NH2 1 
ATOM   666  N N   . ASN A 1 88 ? -3.721  -10.591 0.146   1.00 11.97 ? 88  ASN A N   1 
ATOM   667  C CA  . ASN A 1 88 ? -4.087  -11.966 0.486   1.00 14.06 ? 88  ASN A CA  1 
ATOM   668  C C   . ASN A 1 88 ? -5.473  -12.045 1.149   1.00 14.32 ? 88  ASN A C   1 
ATOM   669  O O   . ASN A 1 88 ? -6.200  -13.025 0.977   1.00 12.82 ? 88  ASN A O   1 
ATOM   670  C CB  . ASN A 1 88 ? -3.016  -12.609 1.380   1.00 17.83 ? 88  ASN A CB  1 
ATOM   671  C CG  . ASN A 1 88 ? -3.172  -12.243 2.846   1.00 22.62 ? 88  ASN A CG  1 
ATOM   672  O OD1 . ASN A 1 88 ? -3.070  -11.072 3.229   1.00 23.74 ? 88  ASN A OD1 1 
ATOM   673  N ND2 . ASN A 1 88 ? -3.432  -13.251 3.677   1.00 23.15 ? 88  ASN A ND2 1 
ATOM   674  N N   . LEU A 1 89 ? -5.833  -10.994 1.881   1.00 14.72 ? 89  LEU A N   1 
ATOM   675  C CA  . LEU A 1 89 ? -7.119  -10.925 2.566   1.00 14.67 ? 89  LEU A CA  1 
ATOM   676  C C   . LEU A 1 89 ? -8.125  -10.086 1.771   1.00 14.43 ? 89  LEU A C   1 
ATOM   677  O O   . LEU A 1 89 ? -9.316  -10.403 1.737   1.00 13.99 ? 89  LEU A O   1 
ATOM   678  C CB  . LEU A 1 89 ? -6.940  -10.328 3.964   1.00 16.51 ? 89  LEU A CB  1 
ATOM   679  C CG  . LEU A 1 89 ? -8.028  -10.683 4.974   1.00 19.17 ? 89  LEU A CG  1 
ATOM   680  C CD1 . LEU A 1 89 ? -7.892  -12.157 5.321   1.00 21.39 ? 89  LEU A CD1 1 
ATOM   681  C CD2 . LEU A 1 89 ? -7.906  -9.831  6.224   1.00 20.61 ? 89  LEU A CD2 1 
ATOM   682  N N   . LEU A 1 90 ? -7.642  -9.016  1.138   1.00 12.27 ? 90  LEU A N   1 
ATOM   683  C CA  . LEU A 1 90 ? -8.499  -8.132  0.352   1.00 12.29 ? 90  LEU A CA  1 
ATOM   684  C C   . LEU A 1 90 ? -9.266  -8.874  -0.742  1.00 11.87 ? 90  LEU A C   1 
ATOM   685  O O   . LEU A 1 90 ? -10.441 -8.590  -0.988  1.00 12.57 ? 90  LEU A O   1 
ATOM   686  C CB  . LEU A 1 90 ? -7.676  -6.994  -0.265  1.00 12.34 ? 90  LEU A CB  1 
ATOM   687  C CG  . LEU A 1 90 ? -7.082  -5.962  0.699   1.00 11.95 ? 90  LEU A CG  1 
ATOM   688  C CD1 . LEU A 1 90 ? -6.345  -4.889  -0.089  1.00 11.65 ? 90  LEU A CD1 1 
ATOM   689  C CD2 . LEU A 1 90 ? -8.180  -5.330  1.529   1.00 11.46 ? 90  LEU A CD2 1 
ATOM   690  N N   . THR A 1 91 ? -8.605  -9.840  -1.373  1.00 11.19 ? 91  THR A N   1 
ATOM   691  C CA  . THR A 1 91 ? -9.221  -10.625 -2.439  1.00 12.64 ? 91  THR A CA  1 
ATOM   692  C C   . THR A 1 91 ? -10.410 -11.435 -1.905  1.00 13.14 ? 91  THR A C   1 
ATOM   693  O O   . THR A 1 91 ? -11.469 -11.498 -2.539  1.00 13.45 ? 91  THR A O   1 
ATOM   694  C CB  . THR A 1 91 ? -8.205  -11.611 -3.078  1.00 11.89 ? 91  THR A CB  1 
ATOM   695  O OG1 . THR A 1 91 ? -7.617  -12.436 -2.062  1.00 12.02 ? 91  THR A OG1 1 
ATOM   696  C CG2 . THR A 1 91 ? -7.116  -10.866 -3.816  1.00 11.94 ? 91  THR A CG2 1 
ATOM   697  N N   . GLN A 1 92 ? -10.223 -12.025 -0.725  1.00 12.73 ? 92  GLN A N   1 
ATOM   698  C CA  . GLN A 1 92 ? -11.241 -12.857 -0.092  1.00 12.79 ? 92  GLN A CA  1 
ATOM   699  C C   . GLN A 1 92 ? -12.563 -12.147 0.164   1.00 12.84 ? 92  GLN A C   1 
ATOM   700  O O   . GLN A 1 92 ? -13.623 -12.777 0.168   1.00 13.13 ? 92  GLN A O   1 
ATOM   701  C CB  . GLN A 1 92 ? -10.695 -13.453 1.208   1.00 11.54 ? 92  GLN A CB  1 
ATOM   702  C CG  . GLN A 1 92 ? -9.440  -14.280 1.018   1.00 11.67 ? 92  GLN A CG  1 
ATOM   703  C CD  . GLN A 1 92 ? -9.617  -15.423 0.014   1.00 13.37 ? 92  GLN A CD  1 
ATOM   704  O OE1 . GLN A 1 92 ? -9.265  -15.300 -1.162  1.00 15.69 ? 92  GLN A OE1 1 
ATOM   705  N NE2 . GLN A 1 92 ? -10.138 -16.545 0.487   1.00 11.46 ? 92  GLN A NE2 1 
ATOM   706  N N   . ILE A 1 93 ? -12.500 -10.841 0.394   1.00 13.51 ? 93  ILE A N   1 
ATOM   707  C CA  . ILE A 1 93 ? -13.704 -10.063 0.648   1.00 15.31 ? 93  ILE A CA  1 
ATOM   708  C C   . ILE A 1 93 ? -14.226 -9.402  -0.628  1.00 15.45 ? 93  ILE A C   1 
ATOM   709  O O   . ILE A 1 93 ? -15.170 -8.608  -0.586  1.00 16.34 ? 93  ILE A O   1 
ATOM   710  C CB  . ILE A 1 93 ? -13.485 -9.017  1.780   1.00 17.22 ? 93  ILE A CB  1 
ATOM   711  C CG1 . ILE A 1 93 ? -12.421 -7.991  1.389   1.00 14.37 ? 93  ILE A CG1 1 
ATOM   712  C CG2 . ILE A 1 93 ? -13.051 -9.726  3.062   1.00 17.30 ? 93  ILE A CG2 1 
ATOM   713  C CD1 . ILE A 1 93 ? -12.239 -6.910  2.420   1.00 16.31 ? 93  ILE A CD1 1 
ATOM   714  N N   . GLY A 1 94 ? -13.594 -9.737  -1.755  1.00 13.27 ? 94  GLY A N   1 
ATOM   715  C CA  . GLY A 1 94 ? -13.991 -9.211  -3.048  1.00 14.78 ? 94  GLY A CA  1 
ATOM   716  C C   . GLY A 1 94 ? -13.729 -7.736  -3.272  1.00 15.56 ? 94  GLY A C   1 
ATOM   717  O O   . GLY A 1 94 ? -14.495 -7.063  -3.962  1.00 16.96 ? 94  GLY A O   1 
ATOM   718  N N   . MET A 1 95 ? -12.644 -7.225  -2.698  1.00 15.50 ? 95  MET A N   1 
ATOM   719  C CA  . MET A 1 95 ? -12.303 -5.818  -2.862  1.00 15.21 ? 95  MET A CA  1 
ATOM   720  C C   . MET A 1 95 ? -11.515 -5.589  -4.151  1.00 14.47 ? 95  MET A C   1 
ATOM   721  O O   . MET A 1 95 ? -10.601 -6.346  -4.477  1.00 14.83 ? 95  MET A O   1 
ATOM   722  C CB  . MET A 1 95 ? -11.507 -5.322  -1.660  1.00 17.49 ? 95  MET A CB  1 
ATOM   723  C CG  . MET A 1 95 ? -11.218 -3.839  -1.698  1.00 21.08 ? 95  MET A CG  1 
ATOM   724  S SD  . MET A 1 95 ? -11.109 -3.117  -0.058  1.00 24.65 ? 95  MET A SD  1 
ATOM   725  C CE  . MET A 1 95 ? -12.805 -2.867  0.282   1.00 21.19 ? 95  MET A CE  1 
ATOM   726  N N   . THR A 1 96 ? -11.872 -4.536  -4.874  1.00 13.06 ? 96  THR A N   1 
ATOM   727  C CA  . THR A 1 96 ? -11.210 -4.199  -6.128  1.00 13.33 ? 96  THR A CA  1 
ATOM   728  C C   . THR A 1 96 ? -10.954 -2.688  -6.244  1.00 13.08 ? 96  THR A C   1 
ATOM   729  O O   . THR A 1 96 ? -11.575 -1.882  -5.552  1.00 12.13 ? 96  THR A O   1 
ATOM   730  C CB  . THR A 1 96 ? -12.076 -4.613  -7.346  1.00 14.72 ? 96  THR A CB  1 
ATOM   731  O OG1 . THR A 1 96 ? -13.349 -3.959  -7.264  1.00 14.30 ? 96  THR A OG1 1 
ATOM   732  C CG2 . THR A 1 96 ? -12.282 -6.128  -7.399  1.00 12.78 ? 96  THR A CG2 1 
ATOM   733  N N   . LEU A 1 97 ? -9.991  -2.322  -7.085  1.00 13.84 ? 97  LEU A N   1 
ATOM   734  C CA  . LEU A 1 97 ? -9.687  -0.922  -7.352  1.00 13.43 ? 97  LEU A CA  1 
ATOM   735  C C   . LEU A 1 97 ? -10.500 -0.584  -8.595  1.00 15.20 ? 97  LEU A C   1 
ATOM   736  O O   . LEU A 1 97 ? -10.513 -1.360  -9.548  1.00 14.98 ? 97  LEU A O   1 
ATOM   737  C CB  . LEU A 1 97 ? -8.197  -0.746  -7.662  1.00 13.87 ? 97  LEU A CB  1 
ATOM   738  C CG  . LEU A 1 97 ? -7.263  -0.621  -6.462  1.00 13.84 ? 97  LEU A CG  1 
ATOM   739  C CD1 . LEU A 1 97 ? -5.830  -0.839  -6.913  1.00 14.63 ? 97  LEU A CD1 1 
ATOM   740  C CD2 . LEU A 1 97 ? -7.435  0.744   -5.799  1.00 14.29 ? 97  LEU A CD2 1 
ATOM   741  N N   . ASN A 1 98 ? -11.165 0.568   -8.604  1.00 15.73 ? 98  ASN A N   1 
ATOM   742  C CA  . ASN A 1 98 ? -11.978 0.958   -9.755  1.00 17.30 ? 98  ASN A CA  1 
ATOM   743  C C   . ASN A 1 98 ? -11.767 2.411   -10.130 1.00 17.60 ? 98  ASN A C   1 
ATOM   744  O O   . ASN A 1 98 ? -11.599 3.264   -9.260  1.00 17.49 ? 98  ASN A O   1 
ATOM   745  C CB  . ASN A 1 98 ? -13.472 0.737   -9.463  1.00 18.23 ? 98  ASN A CB  1 
ATOM   746  C CG  . ASN A 1 98 ? -13.820 -0.723  -9.231  1.00 17.45 ? 98  ASN A CG  1 
ATOM   747  O OD1 . ASN A 1 98 ? -14.245 -1.425  -10.149 1.00 20.50 ? 98  ASN A OD1 1 
ATOM   748  N ND2 . ASN A 1 98 ? -13.647 -1.183  -8.001  1.00 17.49 ? 98  ASN A ND2 1 
ATOM   749  N N   . PHE A 1 99 ? -11.792 2.688   -11.428 1.00 19.60 ? 99  PHE A N   1 
ATOM   750  C CA  . PHE A 1 99 ? -11.626 4.051   -11.931 1.00 23.06 ? 99  PHE A CA  1 
ATOM   751  C C   . PHE A 1 99 ? -12.350 4.268   -13.260 1.00 23.77 ? 99  PHE A C   1 
ATOM   752  O O   . PHE A 1 99 ? -12.934 3.302   -13.786 1.00 24.74 ? 99  PHE A O   1 
ATOM   753  C CB  . PHE A 1 99 ? -10.139 4.417   -12.066 1.00 25.98 ? 99  PHE A CB  1 
ATOM   754  C CG  . PHE A 1 99 ? -9.370  3.548   -13.030 1.00 29.44 ? 99  PHE A CG  1 
ATOM   755  C CD1 . PHE A 1 99 ? -9.267  2.173   -12.829 1.00 29.89 ? 99  PHE A CD1 1 
ATOM   756  C CD2 . PHE A 1 99 ? -8.708  4.115   -14.113 1.00 31.23 ? 99  PHE A CD2 1 
ATOM   757  C CE1 . PHE A 1 99 ? -8.512  1.379   -13.688 1.00 30.77 ? 99  PHE A CE1 1 
ATOM   758  C CE2 . PHE A 1 99 ? -7.949  3.329   -14.979 1.00 32.53 ? 99  PHE A CE2 1 
ATOM   759  C CZ  . PHE A 1 99 ? -7.852  1.960   -14.765 1.00 31.59 ? 99  PHE A CZ  1 
ATOM   760  O OXT . PHE A 1 99 ? -12.351 5.415   -13.751 1.00 26.21 ? 99  PHE A OXT 1 
ATOM   761  N N   . PRO B 1 1  ? -12.445 1.094   -15.709 1.00 30.57 ? 201 PRO B N   1 
ATOM   762  C CA  . PRO B 1 1  ? -11.901 -0.285  -15.599 1.00 29.77 ? 201 PRO B CA  1 
ATOM   763  C C   . PRO B 1 1  ? -11.842 -0.740  -14.142 1.00 29.16 ? 201 PRO B C   1 
ATOM   764  O O   . PRO B 1 1  ? -11.838 0.080   -13.215 1.00 28.61 ? 201 PRO B O   1 
ATOM   765  C CB  . PRO B 1 1  ? -10.490 -0.261  -16.179 1.00 29.51 ? 201 PRO B CB  1 
ATOM   766  C CG  . PRO B 1 1  ? -10.486 1.046   -16.980 1.00 31.28 ? 201 PRO B CG  1 
ATOM   767  C CD  . PRO B 1 1  ? -11.389 1.998   -16.193 1.00 30.69 ? 201 PRO B CD  1 
ATOM   768  N N   . GLN B 1 2  ? -11.772 -2.051  -13.950 1.00 26.23 ? 202 GLN B N   1 
ATOM   769  C CA  . GLN B 1 2  ? -11.699 -2.620  -12.615 1.00 25.07 ? 202 GLN B CA  1 
ATOM   770  C C   . GLN B 1 2  ? -10.446 -3.480  -12.493 1.00 23.47 ? 202 GLN B C   1 
ATOM   771  O O   . GLN B 1 2  ? -10.141 -4.276  -13.383 1.00 24.56 ? 202 GLN B O   1 
ATOM   772  C CB  . GLN B 1 2  ? -12.939 -3.456  -12.332 1.00 25.61 ? 202 GLN B CB  1 
ATOM   773  C CG  . GLN B 1 2  ? -12.936 -4.115  -10.973 1.00 26.65 ? 202 GLN B CG  1 
ATOM   774  C CD  . GLN B 1 2  ? -14.212 -4.860  -10.716 1.00 28.51 ? 202 GLN B CD  1 
ATOM   775  O OE1 . GLN B 1 2  ? -14.288 -6.073  -10.921 1.00 30.07 ? 202 GLN B OE1 1 
ATOM   776  N NE2 . GLN B 1 2  ? -15.240 -4.138  -10.287 1.00 27.87 ? 202 GLN B NE2 1 
ATOM   777  N N   . ILE B 1 3  ? -9.716  -3.306  -11.397 1.00 20.18 ? 203 ILE B N   1 
ATOM   778  C CA  . ILE B 1 3  ? -8.494  -4.066  -11.168 1.00 17.67 ? 203 ILE B CA  1 
ATOM   779  C C   . ILE B 1 3  ? -8.631  -4.944  -9.932  1.00 17.02 ? 203 ILE B C   1 
ATOM   780  O O   . ILE B 1 3  ? -8.898  -4.449  -8.834  1.00 15.20 ? 203 ILE B O   1 
ATOM   781  C CB  . ILE B 1 3  ? -7.278  -3.126  -10.999 1.00 16.49 ? 203 ILE B CB  1 
ATOM   782  C CG1 . ILE B 1 3  ? -7.095  -2.288  -12.265 1.00 17.36 ? 203 ILE B CG1 1 
ATOM   783  C CG2 . ILE B 1 3  ? -6.015  -3.930  -10.714 1.00 15.64 ? 203 ILE B CG2 1 
ATOM   784  C CD1 . ILE B 1 3  ? -6.021  -1.249  -12.150 1.00 19.10 ? 203 ILE B CD1 1 
ATOM   785  N N   . THR B 1 4  ? -8.492  -6.255  -10.123 1.00 15.73 ? 204 THR B N   1 
ATOM   786  C CA  . THR B 1 4  ? -8.580  -7.195  -9.007  1.00 14.70 ? 204 THR B CA  1 
ATOM   787  C C   . THR B 1 4  ? -7.243  -7.217  -8.275  1.00 13.35 ? 204 THR B C   1 
ATOM   788  O O   . THR B 1 4  ? -6.258  -6.659  -8.758  1.00 14.04 ? 204 THR B O   1 
ATOM   789  C CB  . THR B 1 4  ? -9.004  -8.619  -9.454  1.00 14.71 ? 204 THR B CB  1 
ATOM   790  O OG1 . THR B 1 4  ? -8.045  -9.161  -10.366 1.00 15.06 ? 204 THR B OG1 1 
ATOM   791  C CG2 . THR B 1 4  ? -10.364 -8.569  -10.126 1.00 15.69 ? 204 THR B CG2 1 
ATOM   792  N N   . LEU B 1 5  ? -7.203  -7.880  -7.129  1.00 12.89 ? 205 LEU B N   1 
ATOM   793  C CA  . LEU B 1 5  ? -5.993  -7.903  -6.317  1.00 13.37 ? 205 LEU B CA  1 
ATOM   794  C C   . LEU B 1 5  ? -5.291  -9.254  -6.150  1.00 13.70 ? 205 LEU B C   1 
ATOM   795  O O   . LEU B 1 5  ? -4.457  -9.422  -5.253  1.00 12.57 ? 205 LEU B O   1 
ATOM   796  C CB  . LEU B 1 5  ? -6.313  -7.298  -4.947  1.00 13.23 ? 205 LEU B CB  1 
ATOM   797  C CG  . LEU B 1 5  ? -6.879  -5.877  -5.002  1.00 14.26 ? 205 LEU B CG  1 
ATOM   798  C CD1 . LEU B 1 5  ? -7.355  -5.439  -3.637  1.00 12.20 ? 205 LEU B CD1 1 
ATOM   799  C CD2 . LEU B 1 5  ? -5.827  -4.914  -5.557  1.00 14.97 ? 205 LEU B CD2 1 
ATOM   800  N N   . TRP B 1 6  ? -5.610  -10.214 -7.010  1.00 12.88 ? 206 TRP B N   1 
ATOM   801  C CA  . TRP B 1 6  ? -4.981  -11.527 -6.926  1.00 12.92 ? 206 TRP B CA  1 
ATOM   802  C C   . TRP B 1 6  ? -3.492  -11.414 -7.234  1.00 12.74 ? 206 TRP B C   1 
ATOM   803  O O   . TRP B 1 6  ? -2.680  -12.161 -6.701  1.00 14.32 ? 206 TRP B O   1 
ATOM   804  C CB  . TRP B 1 6  ? -5.683  -12.493 -7.878  1.00 13.47 ? 206 TRP B CB  1 
ATOM   805  C CG  . TRP B 1 6  ? -7.134  -12.593 -7.543  1.00 14.51 ? 206 TRP B CG  1 
ATOM   806  C CD1 . TRP B 1 6  ? -8.157  -11.903 -8.127  1.00 15.00 ? 206 TRP B CD1 1 
ATOM   807  C CD2 . TRP B 1 6  ? -7.719  -13.364 -6.483  1.00 15.13 ? 206 TRP B CD2 1 
ATOM   808  N NE1 . TRP B 1 6  ? -9.340  -12.192 -7.490  1.00 15.44 ? 206 TRP B NE1 1 
ATOM   809  C CE2 . TRP B 1 6  ? -9.104  -13.083 -6.479  1.00 15.49 ? 206 TRP B CE2 1 
ATOM   810  C CE3 . TRP B 1 6  ? -7.207  -14.261 -5.534  1.00 13.86 ? 206 TRP B CE3 1 
ATOM   811  C CZ2 . TRP B 1 6  ? -9.990  -13.673 -5.564  1.00 16.29 ? 206 TRP B CZ2 1 
ATOM   812  C CZ3 . TRP B 1 6  ? -8.087  -14.848 -4.621  1.00 15.82 ? 206 TRP B CZ3 1 
ATOM   813  C CH2 . TRP B 1 6  ? -9.468  -14.549 -4.646  1.00 15.44 ? 206 TRP B CH2 1 
ATOM   814  N N   . GLN B 1 7  ? -3.154  -10.440 -8.068  1.00 12.77 ? 207 GLN B N   1 
ATOM   815  C CA  . GLN B 1 7  ? -1.777  -10.156 -8.453  1.00 14.85 ? 207 GLN B CA  1 
ATOM   816  C C   . GLN B 1 7  ? -1.506  -8.700  -8.067  1.00 13.70 ? 207 GLN B C   1 
ATOM   817  O O   . GLN B 1 7  ? -2.441  -7.933  -7.826  1.00 11.97 ? 207 GLN B O   1 
ATOM   818  C CB  . GLN B 1 7  ? -1.588  -10.349 -9.971  1.00 18.68 ? 207 GLN B CB  1 
ATOM   819  C CG  . GLN B 1 7  ? -2.541  -9.534  -10.872 1.00 28.56 ? 207 GLN B CG  1 
ATOM   820  C CD  . GLN B 1 7  ? -3.943  -10.157 -11.029 1.00 35.28 ? 207 GLN B CD  1 
ATOM   821  O OE1 . GLN B 1 7  ? -4.937  -9.646  -10.491 1.00 32.63 ? 207 GLN B OE1 1 
ATOM   822  N NE2 . GLN B 1 7  ? -4.023  -11.255 -11.783 1.00 37.43 ? 207 GLN B NE2 1 
ATOM   823  N N   . ARG B 1 8  ? -0.234  -8.321  -7.973  1.00 14.06 ? 208 ARG B N   1 
ATOM   824  C CA  . ARG B 1 8  ? 0.104   -6.940  -7.631  1.00 14.30 ? 208 ARG B CA  1 
ATOM   825  C C   . ARG B 1 8  ? -0.487  -6.002  -8.683  1.00 12.72 ? 208 ARG B C   1 
ATOM   826  O O   . ARG B 1 8  ? -0.403  -6.282  -9.882  1.00 13.53 ? 208 ARG B O   1 
ATOM   827  C CB  . ARG B 1 8  ? 1.622   -6.745  -7.587  1.00 15.09 ? 208 ARG B CB  1 
ATOM   828  C CG  . ARG B 1 8  ? 2.323   -7.496  -6.478  1.00 19.94 ? 208 ARG B CG  1 
ATOM   829  C CD  . ARG B 1 8  ? 3.826   -7.239  -6.511  1.00 24.61 ? 208 ARG B CD  1 
ATOM   830  N NE  . ARG B 1 8  ? 4.533   -8.011  -5.491  1.00 31.88 ? 208 ARG B NE  1 
ATOM   831  C CZ  . ARG B 1 8  ? 4.779   -9.318  -5.573  1.00 34.97 ? 208 ARG B CZ  1 
ATOM   832  N NH1 . ARG B 1 8  ? 4.382   -10.016 -6.634  1.00 37.83 ? 208 ARG B NH1 1 
ATOM   833  N NH2 . ARG B 1 8  ? 5.408   -9.941  -4.585  1.00 33.81 ? 208 ARG B NH2 1 
ATOM   834  N N   . PRO B 1 9  ? -1.153  -4.917  -8.245  1.00 12.61 ? 209 PRO B N   1 
ATOM   835  C CA  . PRO B 1 9  ? -1.749  -3.952  -9.176  1.00 12.73 ? 209 PRO B CA  1 
ATOM   836  C C   . PRO B 1 9  ? -0.674  -3.061  -9.812  1.00 13.42 ? 209 PRO B C   1 
ATOM   837  O O   . PRO B 1 9  ? -0.592  -1.867  -9.531  1.00 12.44 ? 209 PRO B O   1 
ATOM   838  C CB  . PRO B 1 9  ? -2.712  -3.164  -8.285  1.00 14.14 ? 209 PRO B CB  1 
ATOM   839  C CG  . PRO B 1 9  ? -2.048  -3.200  -6.948  1.00 13.10 ? 209 PRO B CG  1 
ATOM   840  C CD  . PRO B 1 9  ? -1.566  -4.629  -6.858  1.00 13.64 ? 209 PRO B CD  1 
ATOM   841  N N   . LEU B 1 10 ? 0.165   -3.681  -10.642 1.00 13.22 ? 210 LEU B N   1 
ATOM   842  C CA  . LEU B 1 10 ? 1.247   -3.000  -11.347 1.00 14.70 ? 210 LEU B CA  1 
ATOM   843  C C   . LEU B 1 10 ? 0.724   -2.393  -12.630 1.00 14.84 ? 210 LEU B C   1 
ATOM   844  O O   . LEU B 1 10 ? 0.178   -3.096  -13.474 1.00 17.88 ? 210 LEU B O   1 
ATOM   845  C CB  . LEU B 1 10 ? 2.352   -3.997  -11.692 1.00 14.94 ? 210 LEU B CB  1 
ATOM   846  C CG  . LEU B 1 10 ? 3.091   -4.602  -10.506 1.00 16.40 ? 210 LEU B CG  1 
ATOM   847  C CD1 . LEU B 1 10 ? 3.861   -5.825  -10.958 1.00 19.33 ? 210 LEU B CD1 1 
ATOM   848  C CD2 . LEU B 1 10 ? 4.008   -3.556  -9.895  1.00 18.05 ? 210 LEU B CD2 1 
ATOM   849  N N   . VAL B 1 11 ? 0.892   -1.088  -12.781 1.00 14.91 ? 211 VAL B N   1 
ATOM   850  C CA  . VAL B 1 11 ? 0.435   -0.396  -13.977 1.00 15.70 ? 211 VAL B CA  1 
ATOM   851  C C   . VAL B 1 11 ? 1.582   0.364   -14.643 1.00 15.54 ? 211 VAL B C   1 
ATOM   852  O O   . VAL B 1 11 ? 2.645   0.550   -14.053 1.00 14.67 ? 211 VAL B O   1 
ATOM   853  C CB  . VAL B 1 11 ? -0.710  0.597   -13.652 1.00 16.63 ? 211 VAL B CB  1 
ATOM   854  C CG1 . VAL B 1 11 ? -1.884  -0.138  -13.020 1.00 16.10 ? 211 VAL B CG1 1 
ATOM   855  C CG2 . VAL B 1 11 ? -0.207  1.703   -12.738 1.00 16.91 ? 211 VAL B CG2 1 
ATOM   856  N N   . THR B 1 12 ? 1.375   0.766   -15.891 1.00 15.12 ? 212 THR B N   1 
ATOM   857  C CA  . THR B 1 12 ? 2.385   1.522   -16.615 1.00 15.50 ? 212 THR B CA  1 
ATOM   858  C C   . THR B 1 12 ? 2.095   3.010   -16.433 1.00 16.02 ? 212 THR B C   1 
ATOM   859  O O   . THR B 1 12 ? 0.949   3.454   -16.567 1.00 17.52 ? 212 THR B O   1 
ATOM   860  C CB  . THR B 1 12 ? 2.380   1.194   -18.131 1.00 16.35 ? 212 THR B CB  1 
ATOM   861  O OG1 . THR B 1 12 ? 2.583   -0.211  -18.322 1.00 16.71 ? 212 THR B OG1 1 
ATOM   862  C CG2 . THR B 1 12 ? 3.480   1.953   -18.844 1.00 16.33 ? 212 THR B CG2 1 
ATOM   863  N N   . ILE B 1 13 ? 3.120   3.757   -16.042 1.00 13.64 ? 213 ILE B N   1 
ATOM   864  C CA  . ILE B 1 13 ? 2.997   5.196   -15.871 1.00 13.60 ? 213 ILE B CA  1 
ATOM   865  C C   . ILE B 1 13 ? 3.943   5.864   -16.857 1.00 13.35 ? 213 ILE B C   1 
ATOM   866  O O   . ILE B 1 13 ? 4.857   5.228   -17.375 1.00 13.14 ? 213 ILE B O   1 
ATOM   867  C CB  . ILE B 1 13 ? 3.388   5.670   -14.439 1.00 12.91 ? 213 ILE B CB  1 
ATOM   868  C CG1 . ILE B 1 13 ? 4.848   5.331   -14.132 1.00 13.84 ? 213 ILE B CG1 1 
ATOM   869  C CG2 . ILE B 1 13 ? 2.447   5.077   -13.398 1.00 14.88 ? 213 ILE B CG2 1 
ATOM   870  C CD1 . ILE B 1 13 ? 5.390   5.994   -12.869 1.00 13.01 ? 213 ILE B CD1 1 
ATOM   871  N N   . LYS B 1 14 ? 3.700   7.135   -17.145 1.00 13.38 ? 214 LYS B N   1 
ATOM   872  C CA  . LYS B 1 14 ? 4.574   7.876   -18.029 1.00 12.70 ? 214 LYS B CA  1 
ATOM   873  C C   . LYS B 1 14 ? 4.923   9.147   -17.300 1.00 13.52 ? 214 LYS B C   1 
ATOM   874  O O   . LYS B 1 14 ? 4.045   9.877   -16.848 1.00 13.45 ? 214 LYS B O   1 
ATOM   875  C CB  . LYS B 1 14 ? 3.927   8.199   -19.379 1.00 12.42 ? 214 LYS B CB  1 
ATOM   876  C CG  . LYS B 1 14 ? 4.910   8.935   -20.303 1.00 16.44 ? 214 LYS B CG  1 
ATOM   877  C CD  . LYS B 1 14 ? 4.414   9.122   -21.720 1.00 16.90 ? 214 LYS B CD  1 
ATOM   878  C CE  . LYS B 1 14 ? 3.125   9.910   -21.776 1.00 18.66 ? 214 LYS B CE  1 
ATOM   879  N NZ  . LYS B 1 14 ? 2.736   10.164  -23.194 1.00 20.66 ? 214 LYS B NZ  1 
ATOM   880  N N   . ILE B 1 15 ? 6.217   9.379   -17.154 1.00 13.33 ? 215 ILE B N   1 
ATOM   881  C CA  . ILE B 1 15 ? 6.711   10.561  -16.467 1.00 15.00 ? 215 ILE B CA  1 
ATOM   882  C C   . ILE B 1 15 ? 8.006   10.971  -17.163 1.00 16.25 ? 215 ILE B C   1 
ATOM   883  O O   . ILE B 1 15 ? 8.869   10.131  -17.420 1.00 17.25 ? 215 ILE B O   1 
ATOM   884  C CB  . ILE B 1 15 ? 6.917   10.258  -14.957 1.00 13.41 ? 215 ILE B CB  1 
ATOM   885  C CG1 . ILE B 1 15 ? 7.379   11.501  -14.201 1.00 13.07 ? 215 ILE B CG1 1 
ATOM   886  C CG2 . ILE B 1 15 ? 7.848   9.076   -14.767 1.00 14.51 ? 215 ILE B CG2 1 
ATOM   887  C CD1 . ILE B 1 15 ? 7.338   11.322  -12.707 1.00 11.66 ? 215 ILE B CD1 1 
ATOM   888  N N   . GLY B 1 16 ? 8.099   12.241  -17.550 1.00 17.15 ? 216 GLY B N   1 
ATOM   889  C CA  . GLY B 1 16 ? 9.285   12.712  -18.243 1.00 17.80 ? 216 GLY B CA  1 
ATOM   890  C C   . GLY B 1 16 ? 9.418   12.087  -19.626 1.00 18.72 ? 216 GLY B C   1 
ATOM   891  O O   . GLY B 1 16 ? 10.527  11.955  -20.155 1.00 17.51 ? 216 GLY B O   1 
ATOM   892  N N   . GLY B 1 17 ? 8.284   11.671  -20.187 1.00 18.56 ? 217 GLY B N   1 
ATOM   893  C CA  . GLY B 1 17 ? 8.244   11.059  -21.511 1.00 20.15 ? 217 GLY B CA  1 
ATOM   894  C C   . GLY B 1 17 ? 8.673   9.597   -21.592 1.00 19.50 ? 217 GLY B C   1 
ATOM   895  O O   . GLY B 1 17 ? 8.744   9.025   -22.681 1.00 18.68 ? 217 GLY B O   1 
ATOM   896  N N   . GLN B 1 18 ? 8.948   8.990   -20.442 1.00 18.32 ? 218 GLN B N   1 
ATOM   897  C CA  . GLN B 1 18 ? 9.386   7.603   -20.393 1.00 18.69 ? 218 GLN B CA  1 
ATOM   898  C C   . GLN B 1 18 ? 8.380   6.728   -19.651 1.00 17.91 ? 218 GLN B C   1 
ATOM   899  O O   . GLN B 1 18 ? 7.753   7.166   -18.682 1.00 14.84 ? 218 GLN B O   1 
ATOM   900  C CB  . GLN B 1 18 ? 10.770  7.523   -19.730 1.00 23.89 ? 218 GLN B CB  1 
ATOM   901  C CG  . GLN B 1 18 ? 10.809  8.063   -18.300 1.00 33.96 ? 218 GLN B CG  1 
ATOM   902  C CD  . GLN B 1 18 ? 12.218  8.375   -17.783 1.00 39.83 ? 218 GLN B CD  1 
ATOM   903  O OE1 . GLN B 1 18 ? 12.489  9.497   -17.335 1.00 41.34 ? 218 GLN B OE1 1 
ATOM   904  N NE2 . GLN B 1 18 ? 13.105  7.380   -17.812 1.00 41.69 ? 218 GLN B NE2 1 
ATOM   905  N N   . LEU B 1 19 ? 8.202   5.501   -20.131 1.00 16.09 ? 219 LEU B N   1 
ATOM   906  C CA  . LEU B 1 19 ? 7.285   4.563   -19.504 1.00 15.43 ? 219 LEU B CA  1 
ATOM   907  C C   . LEU B 1 19 ? 7.991   3.809   -18.377 1.00 15.03 ? 219 LEU B C   1 
ATOM   908  O O   . LEU B 1 19 ? 9.147   3.409   -18.513 1.00 14.27 ? 219 LEU B O   1 
ATOM   909  C CB  . LEU B 1 19 ? 6.736   3.566   -20.531 1.00 16.95 ? 219 LEU B CB  1 
ATOM   910  C CG  . LEU B 1 19 ? 5.964   4.104   -21.737 1.00 17.68 ? 219 LEU B CG  1 
ATOM   911  C CD1 . LEU B 1 19 ? 5.517   2.940   -22.605 1.00 17.82 ? 219 LEU B CD1 1 
ATOM   912  C CD2 . LEU B 1 19 ? 4.771   4.932   -21.284 1.00 19.29 ? 219 LEU B CD2 1 
ATOM   913  N N   . LYS B 1 20 ? 7.285   3.625   -17.266 1.00 14.41 ? 220 LYS B N   1 
ATOM   914  C CA  . LYS B 1 20 ? 7.810   2.911   -16.107 1.00 14.45 ? 220 LYS B CA  1 
ATOM   915  C C   . LYS B 1 20 ? 6.671   2.096   -15.518 1.00 14.98 ? 220 LYS B C   1 
ATOM   916  O O   . LYS B 1 20 ? 5.501   2.337   -15.827 1.00 14.23 ? 220 LYS B O   1 
ATOM   917  C CB  . LYS B 1 20 ? 8.293   3.887   -15.026 1.00 15.52 ? 220 LYS B CB  1 
ATOM   918  C CG  . LYS B 1 20 ? 9.464   4.771   -15.386 1.00 17.23 ? 220 LYS B CG  1 
ATOM   919  C CD  . LYS B 1 20 ? 9.791   5.687   -14.218 1.00 18.64 ? 220 LYS B CD  1 
ATOM   920  C CE  . LYS B 1 20 ? 10.827  6.732   -14.590 1.00 21.55 ? 220 LYS B CE  1 
ATOM   921  N NZ  . LYS B 1 20 ? 12.141  6.126   -14.961 1.00 25.70 ? 220 LYS B NZ  1 
ATOM   922  N N   . GLU B 1 21 ? 7.020   1.135   -14.666 1.00 14.69 ? 221 GLU B N   1 
ATOM   923  C CA  . GLU B 1 21 ? 6.036   0.289   -13.991 1.00 15.25 ? 221 GLU B CA  1 
ATOM   924  C C   . GLU B 1 21 ? 5.899   0.794   -12.559 1.00 14.05 ? 221 GLU B C   1 
ATOM   925  O O   . GLU B 1 21 ? 6.898   1.045   -11.884 1.00 11.71 ? 221 GLU B O   1 
ATOM   926  C CB  . GLU B 1 21 ? 6.496   -1.173  -13.961 1.00 17.85 ? 221 GLU B CB  1 
ATOM   927  C CG  . GLU B 1 21 ? 6.556   -1.858  -15.314 1.00 28.12 ? 221 GLU B CG  1 
ATOM   928  C CD  . GLU B 1 21 ? 5.183   -2.099  -15.911 1.00 33.64 ? 221 GLU B CD  1 
ATOM   929  O OE1 . GLU B 1 21 ? 4.858   -1.456  -16.934 1.00 35.19 ? 221 GLU B OE1 1 
ATOM   930  O OE2 . GLU B 1 21 ? 4.430   -2.932  -15.355 1.00 36.50 ? 221 GLU B OE2 1 
ATOM   931  N N   . ALA B 1 22 ? 4.662   0.922   -12.095 1.00 13.17 ? 222 ALA B N   1 
ATOM   932  C CA  . ALA B 1 22 ? 4.403   1.399   -10.744 1.00 12.84 ? 222 ALA B CA  1 
ATOM   933  C C   . ALA B 1 22 ? 3.289   0.596   -10.100 1.00 12.27 ? 222 ALA B C   1 
ATOM   934  O O   . ALA B 1 22 ? 2.448   0.026   -10.786 1.00 13.77 ? 222 ALA B O   1 
ATOM   935  C CB  . ALA B 1 22 ? 4.052   2.874   -10.766 1.00 11.56 ? 222 ALA B CB  1 
ATOM   936  N N   . LEU B 1 23 ? 3.273   0.595   -8.776  1.00 10.72 ? 223 LEU B N   1 
ATOM   937  C CA  . LEU B 1 23 ? 2.291   -0.146  -8.003  1.00 10.98 ? 223 LEU B CA  1 
ATOM   938  C C   . LEU B 1 23 ? 1.205   0.762   -7.422  1.00 12.20 ? 223 LEU B C   1 
ATOM   939  O O   . LEU B 1 23 ? 1.509   1.689   -6.671  1.00 11.68 ? 223 LEU B O   1 
ATOM   940  C CB  . LEU B 1 23 ? 3.025   -0.873  -6.866  1.00 12.60 ? 223 LEU B CB  1 
ATOM   941  C CG  . LEU B 1 23 ? 2.262   -1.756  -5.880  1.00 13.91 ? 223 LEU B CG  1 
ATOM   942  C CD1 . LEU B 1 23 ? 1.768   -3.007  -6.581  1.00 14.51 ? 223 LEU B CD1 1 
ATOM   943  C CD2 . LEU B 1 23 ? 3.176   -2.124  -4.718  1.00 13.81 ? 223 LEU B CD2 1 
ATOM   944  N N   . LEU B 1 24 ? -0.057  0.511   -7.778  1.00 11.76 ? 224 LEU B N   1 
ATOM   945  C CA  . LEU B 1 24 ? -1.176  1.291   -7.235  1.00 11.07 ? 224 LEU B CA  1 
ATOM   946  C C   . LEU B 1 24 ? -1.205  0.901   -5.760  1.00 12.24 ? 224 LEU B C   1 
ATOM   947  O O   . LEU B 1 24 ? -1.501  -0.247  -5.417  1.00 11.57 ? 224 LEU B O   1 
ATOM   948  C CB  . LEU B 1 24 ? -2.484  0.912   -7.922  1.00 11.44 ? 224 LEU B CB  1 
ATOM   949  C CG  . LEU B 1 24 ? -2.515  1.161   -9.429  1.00 10.83 ? 224 LEU B CG  1 
ATOM   950  C CD1 . LEU B 1 24 ? -3.864  0.741   -9.983  1.00 11.49 ? 224 LEU B CD1 1 
ATOM   951  C CD2 . LEU B 1 24 ? -2.246  2.620   -9.723  1.00 11.24 ? 224 LEU B CD2 1 
ATOM   952  N N   . ASP B 1 25 ? -0.908  1.868   -4.896  1.00 11.18 ? 225 ASP B N   1 
ATOM   953  C CA  . ASP B 1 25 ? -0.784  1.611   -3.469  1.00 10.55 ? 225 ASP B CA  1 
ATOM   954  C C   . ASP B 1 25 ? -1.699  2.453   -2.587  1.00 11.34 ? 225 ASP B C   1 
ATOM   955  O O   . ASP B 1 25 ? -1.369  3.585   -2.228  1.00 11.37 ? 225 ASP B O   1 
ATOM   956  C CB  . ASP B 1 25 ? 0.689   1.847   -3.104  1.00 12.65 ? 225 ASP B CB  1 
ATOM   957  C CG  . ASP B 1 25 ? 1.063   1.335   -1.731  1.00 12.81 ? 225 ASP B CG  1 
ATOM   958  O OD1 . ASP B 1 25 ? 0.170   0.984   -0.938  1.00 12.81 ? 225 ASP B OD1 1 
ATOM   959  O OD2 . ASP B 1 25 ? 2.278   1.292   -1.450  1.00 13.48 ? 225 ASP B OD2 1 
ATOM   960  N N   . THR B 1 26 ? -2.815  1.863   -2.172  1.00 9.91  ? 226 THR B N   1 
ATOM   961  C CA  . THR B 1 26 ? -3.772  2.563   -1.323  1.00 10.58 ? 226 THR B CA  1 
ATOM   962  C C   . THR B 1 26 ? -3.250  2.772   0.102   1.00 9.86  ? 226 THR B C   1 
ATOM   963  O O   . THR B 1 26 ? -3.800  3.580   0.852   1.00 10.37 ? 226 THR B O   1 
ATOM   964  C CB  . THR B 1 26 ? -5.155  1.840   -1.287  1.00 12.25 ? 226 THR B CB  1 
ATOM   965  O OG1 . THR B 1 26 ? -5.009  0.511   -0.767  1.00 11.46 ? 226 THR B OG1 1 
ATOM   966  C CG2 . THR B 1 26 ? -5.747  1.773   -2.687  1.00 9.78  ? 226 THR B CG2 1 
ATOM   967  N N   . GLY B 1 27 ? -2.177  2.062   0.457   1.00 8.48  ? 227 GLY B N   1 
ATOM   968  C CA  . GLY B 1 27 ? -1.593  2.197   1.783   1.00 8.80  ? 227 GLY B CA  1 
ATOM   969  C C   . GLY B 1 27 ? -0.531  3.290   1.859   1.00 9.21  ? 227 GLY B C   1 
ATOM   970  O O   . GLY B 1 27 ? 0.084   3.520   2.905   1.00 9.20  ? 227 GLY B O   1 
ATOM   971  N N   . ALA B 1 28 ? -0.317  3.969   0.741   1.00 10.12 ? 228 ALA B N   1 
ATOM   972  C CA  . ALA B 1 28 ? 0.668   5.035   0.672   1.00 10.30 ? 228 ALA B CA  1 
ATOM   973  C C   . ALA B 1 28 ? -0.030  6.385   0.533   1.00 10.12 ? 228 ALA B C   1 
ATOM   974  O O   . ALA B 1 28 ? -0.873  6.559   -0.346  1.00 10.00 ? 228 ALA B O   1 
ATOM   975  C CB  . ALA B 1 28 ? 1.603   4.801   -0.518  1.00 11.00 ? 228 ALA B CB  1 
ATOM   976  N N   . ASP B 1 29 ? 0.298   7.325   1.419   1.00 9.98  ? 229 ASP B N   1 
ATOM   977  C CA  . ASP B 1 29 ? -0.273  8.673   1.350   1.00 10.45 ? 229 ASP B CA  1 
ATOM   978  C C   . ASP B 1 29 ? 0.301   9.384   0.129   1.00 10.10 ? 229 ASP B C   1 
ATOM   979  O O   . ASP B 1 29 ? -0.407  10.101  -0.574  1.00 10.72 ? 229 ASP B O   1 
ATOM   980  C CB  . ASP B 1 29 ? 0.123   9.516   2.569   1.00 11.15 ? 229 ASP B CB  1 
ATOM   981  C CG  . ASP B 1 29 ? -0.425  8.987   3.881   1.00 13.35 ? 229 ASP B CG  1 
ATOM   982  O OD1 . ASP B 1 29 ? -1.347  8.145   3.893   1.00 10.44 ? 229 ASP B OD1 1 
ATOM   983  O OD2 . ASP B 1 29 ? 0.084   9.442   4.928   1.00 14.92 ? 229 ASP B OD2 1 
ATOM   984  N N   . ASP B 1 30 ? 1.597   9.171   -0.104  1.00 9.99  ? 230 ASP B N   1 
ATOM   985  C CA  . ASP B 1 30 ? 2.311   9.817   -1.196  1.00 10.96 ? 230 ASP B CA  1 
ATOM   986  C C   . ASP B 1 30 ? 2.852   8.883   -2.253  1.00 10.99 ? 230 ASP B C   1 
ATOM   987  O O   . ASP B 1 30 ? 2.992   7.677   -2.037  1.00 12.03 ? 230 ASP B O   1 
ATOM   988  C CB  . ASP B 1 30 ? 3.489   10.611  -0.640  1.00 13.64 ? 230 ASP B CB  1 
ATOM   989  C CG  . ASP B 1 30 ? 3.111   11.444  0.547   1.00 14.96 ? 230 ASP B CG  1 
ATOM   990  O OD1 . ASP B 1 30 ? 2.146   12.222  0.450   1.00 16.33 ? 230 ASP B OD1 1 
ATOM   991  O OD2 . ASP B 1 30 ? 3.774   11.298  1.587   1.00 19.60 ? 230 ASP B OD2 1 
ATOM   992  N N   . THR B 1 31 ? 3.193   9.485   -3.388  1.00 10.32 ? 231 THR B N   1 
ATOM   993  C CA  . THR B 1 31 ? 3.762   8.784   -4.533  1.00 10.86 ? 231 THR B CA  1 
ATOM   994  C C   . THR B 1 31 ? 5.294   8.825   -4.440  1.00 12.59 ? 231 THR B C   1 
ATOM   995  O O   . THR B 1 31 ? 5.895   9.900   -4.407  1.00 12.61 ? 231 THR B O   1 
ATOM   996  C CB  . THR B 1 31 ? 3.285   9.432   -5.849  1.00 10.79 ? 231 THR B CB  1 
ATOM   997  O OG1 . THR B 1 31 ? 1.874   9.221   -5.990  1.00 10.84 ? 231 THR B OG1 1 
ATOM   998  C CG2 . THR B 1 31 ? 4.008   8.842   -7.041  1.00 10.22 ? 231 THR B CG2 1 
ATOM   999  N N   . VAL B 1 32 ? 5.917   7.655   -4.374  1.00 10.31 ? 232 VAL B N   1 
ATOM   1000 C CA  . VAL B 1 32 ? 7.363   7.579   -4.264  1.00 10.52 ? 232 VAL B CA  1 
ATOM   1001 C C   . VAL B 1 32 ? 7.938   6.784   -5.427  1.00 12.77 ? 232 VAL B C   1 
ATOM   1002 O O   . VAL B 1 32 ? 7.551   5.640   -5.665  1.00 11.34 ? 232 VAL B O   1 
ATOM   1003 C CB  . VAL B 1 32 ? 7.790   6.938   -2.928  1.00 10.67 ? 232 VAL B CB  1 
ATOM   1004 C CG1 . VAL B 1 32 ? 9.298   7.095   -2.721  1.00 11.22 ? 232 VAL B CG1 1 
ATOM   1005 C CG2 . VAL B 1 32 ? 7.029   7.574   -1.770  1.00 10.82 ? 232 VAL B CG2 1 
ATOM   1006 N N   . LEU B 1 33 ? 8.861   7.398   -6.158  1.00 11.84 ? 233 LEU B N   1 
ATOM   1007 C CA  . LEU B 1 33 ? 9.474   6.742   -7.303  1.00 11.15 ? 233 LEU B CA  1 
ATOM   1008 C C   . LEU B 1 33 ? 10.964  6.541   -7.113  1.00 11.89 ? 233 LEU B C   1 
ATOM   1009 O O   . LEU B 1 33 ? 11.611  7.264   -6.351  1.00 12.52 ? 233 LEU B O   1 
ATOM   1010 C CB  . LEU B 1 33 ? 9.226   7.556   -8.579  1.00 12.43 ? 233 LEU B CB  1 
ATOM   1011 C CG  . LEU B 1 33 ? 7.770   7.929   -8.912  1.00 12.23 ? 233 LEU B CG  1 
ATOM   1012 C CD1 . LEU B 1 33 ? 7.723   8.768   -10.178 1.00 14.34 ? 233 LEU B CD1 1 
ATOM   1013 C CD2 . LEU B 1 33 ? 6.911   6.690   -9.068  1.00 12.32 ? 233 LEU B CD2 1 
ATOM   1014 N N   . GLU B 1 34 ? 11.496  5.556   -7.827  1.00 12.75 ? 234 GLU B N   1 
ATOM   1015 C CA  . GLU B 1 34 ? 12.918  5.226   -7.816  1.00 15.30 ? 234 GLU B CA  1 
ATOM   1016 C C   . GLU B 1 34 ? 13.707  6.403   -8.421  1.00 15.16 ? 234 GLU B C   1 
ATOM   1017 O O   . GLU B 1 34 ? 13.148  7.259   -9.111  1.00 14.67 ? 234 GLU B O   1 
ATOM   1018 C CB  . GLU B 1 34 ? 13.155  3.962   -8.655  1.00 15.90 ? 234 GLU B CB  1 
ATOM   1019 C CG  . GLU B 1 34 ? 12.300  2.767   -8.243  1.00 19.15 ? 234 GLU B CG  1 
ATOM   1020 C CD  . GLU B 1 34 ? 12.117  1.735   -9.359  1.00 21.55 ? 234 GLU B CD  1 
ATOM   1021 O OE1 . GLU B 1 34 ? 12.837  1.798   -10.382 1.00 21.67 ? 234 GLU B OE1 1 
ATOM   1022 O OE2 . GLU B 1 34 ? 11.232  0.862   -9.215  1.00 24.31 ? 234 GLU B OE2 1 
ATOM   1023 N N   . GLU B 1 35 ? 15.012  6.414   -8.179  1.00 15.19 ? 235 GLU B N   1 
ATOM   1024 C CA  . GLU B 1 35 ? 15.899  7.460   -8.669  1.00 16.28 ? 235 GLU B CA  1 
ATOM   1025 C C   . GLU B 1 35 ? 15.676  7.818   -10.137 1.00 15.82 ? 235 GLU B C   1 
ATOM   1026 O O   . GLU B 1 35 ? 15.662  6.946   -11.006 1.00 15.72 ? 235 GLU B O   1 
ATOM   1027 C CB  . GLU B 1 35 ? 17.352  7.025   -8.460  1.00 19.00 ? 235 GLU B CB  1 
ATOM   1028 C CG  . GLU B 1 35 ? 18.370  8.102   -8.749  1.00 22.04 ? 235 GLU B CG  1 
ATOM   1029 C CD  . GLU B 1 35 ? 18.080  9.382   -7.992  1.00 24.76 ? 235 GLU B CD  1 
ATOM   1030 O OE1 . GLU B 1 35 ? 17.980  9.343   -6.742  1.00 27.56 ? 235 GLU B OE1 1 
ATOM   1031 O OE2 . GLU B 1 35 ? 17.939  10.426  -8.657  1.00 27.01 ? 235 GLU B OE2 1 
ATOM   1032 N N   . MET B 1 36 ? 15.493  9.109   -10.400 1.00 16.50 ? 236 MET B N   1 
ATOM   1033 C CA  . MET B 1 36 ? 15.285  9.600   -11.762 1.00 16.92 ? 236 MET B CA  1 
ATOM   1034 C C   . MET B 1 36 ? 15.479  11.109  -11.795 1.00 17.30 ? 236 MET B C   1 
ATOM   1035 O O   . MET B 1 36 ? 15.551  11.759  -10.748 1.00 17.89 ? 236 MET B O   1 
ATOM   1036 C CB  . MET B 1 36 ? 13.868  9.277   -12.247 1.00 17.41 ? 236 MET B CB  1 
ATOM   1037 C CG  . MET B 1 36 ? 12.783  10.091  -11.555 1.00 18.38 ? 236 MET B CG  1 
ATOM   1038 S SD  . MET B 1 36 ? 11.159  9.804   -12.261 1.00 22.09 ? 236 MET B SD  1 
ATOM   1039 C CE  . MET B 1 36 ? 11.398  10.470  -13.936 1.00 22.76 ? 236 MET B CE  1 
ATOM   1040 N N   . SER B 1 37 ? 15.549  11.665  -12.997 1.00 18.04 ? 237 SER B N   1 
ATOM   1041 C CA  . SER B 1 37 ? 15.701  13.108  -13.144 1.00 20.85 ? 237 SER B CA  1 
ATOM   1042 C C   . SER B 1 37 ? 14.358  13.791  -13.372 1.00 19.74 ? 237 SER B C   1 
ATOM   1043 O O   . SER B 1 37 ? 13.557  13.350  -14.195 1.00 20.36 ? 237 SER B O   1 
ATOM   1044 C CB  . SER B 1 37 ? 16.640  13.448  -14.303 1.00 22.36 ? 237 SER B CB  1 
ATOM   1045 O OG  . SER B 1 37 ? 17.966  13.040  -14.016 1.00 31.09 ? 237 SER B OG  1 
ATOM   1046 N N   . LEU B 1 38 ? 14.118  14.858  -12.622 1.00 19.25 ? 238 LEU B N   1 
ATOM   1047 C CA  . LEU B 1 38 ? 12.896  15.641  -12.745 1.00 19.69 ? 238 LEU B CA  1 
ATOM   1048 C C   . LEU B 1 38 ? 13.301  17.115  -12.783 1.00 20.64 ? 238 LEU B C   1 
ATOM   1049 O O   . LEU B 1 38 ? 14.296  17.504  -12.164 1.00 19.70 ? 238 LEU B O   1 
ATOM   1050 C CB  . LEU B 1 38 ? 11.944  15.365  -11.571 1.00 19.64 ? 238 LEU B CB  1 
ATOM   1051 C CG  . LEU B 1 38 ? 11.225  14.010  -11.547 1.00 19.23 ? 238 LEU B CG  1 
ATOM   1052 C CD1 . LEU B 1 38 ? 10.276  13.944  -10.369 1.00 19.05 ? 238 LEU B CD1 1 
ATOM   1053 C CD2 . LEU B 1 38 ? 10.452  13.806  -12.844 1.00 21.23 ? 238 LEU B CD2 1 
ATOM   1054 N N   . PRO B 1 39 ? 12.564  17.943  -13.544 1.00 20.65 ? 239 PRO B N   1 
ATOM   1055 C CA  . PRO B 1 39 ? 12.840  19.379  -13.676 1.00 20.78 ? 239 PRO B CA  1 
ATOM   1056 C C   . PRO B 1 39 ? 12.553  20.219  -12.431 1.00 20.01 ? 239 PRO B C   1 
ATOM   1057 O O   . PRO B 1 39 ? 11.837  19.793  -11.524 1.00 19.43 ? 239 PRO B O   1 
ATOM   1058 C CB  . PRO B 1 39 ? 11.934  19.788  -14.838 1.00 19.30 ? 239 PRO B CB  1 
ATOM   1059 C CG  . PRO B 1 39 ? 10.763  18.884  -14.674 1.00 20.48 ? 239 PRO B CG  1 
ATOM   1060 C CD  . PRO B 1 39 ? 11.430  17.555  -14.405 1.00 21.23 ? 239 PRO B CD  1 
ATOM   1061 N N   . GLY B 1 40 ? 13.145  21.411  -12.395 1.00 20.36 ? 240 GLY B N   1 
ATOM   1062 C CA  . GLY B 1 40 ? 12.935  22.329  -11.288 1.00 19.15 ? 240 GLY B CA  1 
ATOM   1063 C C   . GLY B 1 40 ? 13.671  22.046  -9.990  1.00 19.37 ? 240 GLY B C   1 
ATOM   1064 O O   . GLY B 1 40 ? 14.580  21.219  -9.925  1.00 20.55 ? 240 GLY B O   1 
ATOM   1065 N N   . ARG B 1 41 ? 13.294  22.787  -8.958  1.00 19.08 ? 241 ARG B N   1 
ATOM   1066 C CA  . ARG B 1 41 ? 13.896  22.632  -7.648  1.00 18.10 ? 241 ARG B CA  1 
ATOM   1067 C C   . ARG B 1 41 ? 13.107  21.606  -6.865  1.00 18.32 ? 241 ARG B C   1 
ATOM   1068 O O   . ARG B 1 41 ? 11.953  21.326  -7.191  1.00 18.34 ? 241 ARG B O   1 
ATOM   1069 C CB  . ARG B 1 41 ? 13.886  23.966  -6.900  1.00 18.24 ? 241 ARG B CB  1 
ATOM   1070 C CG  . ARG B 1 41 ? 14.808  25.017  -7.505  1.00 18.78 ? 241 ARG B CG  1 
ATOM   1071 C CD  . ARG B 1 41 ? 14.790  26.324  -6.710  1.00 18.36 ? 241 ARG B CD  1 
ATOM   1072 N NE  . ARG B 1 41 ? 15.132  26.129  -5.300  1.00 15.43 ? 241 ARG B NE  1 
ATOM   1073 C CZ  . ARG B 1 41 ? 16.369  26.133  -4.816  1.00 12.25 ? 241 ARG B CZ  1 
ATOM   1074 N NH1 . ARG B 1 41 ? 17.405  26.321  -5.623  1.00 13.21 ? 241 ARG B NH1 1 
ATOM   1075 N NH2 . ARG B 1 41 ? 16.567  25.966  -3.518  1.00 13.23 ? 241 ARG B NH2 1 
ATOM   1076 N N   . TRP B 1 42 ? 13.741  21.044  -5.840  1.00 16.98 ? 242 TRP B N   1 
ATOM   1077 C CA  . TRP B 1 42 ? 13.105  20.059  -4.976  1.00 16.77 ? 242 TRP B CA  1 
ATOM   1078 C C   . TRP B 1 42 ? 13.293  20.458  -3.515  1.00 17.05 ? 242 TRP B C   1 
ATOM   1079 O O   . TRP B 1 42 ? 14.233  21.183  -3.176  1.00 16.51 ? 242 TRP B O   1 
ATOM   1080 C CB  . TRP B 1 42 ? 13.653  18.645  -5.236  1.00 14.67 ? 242 TRP B CB  1 
ATOM   1081 C CG  . TRP B 1 42 ? 15.132  18.484  -5.037  1.00 13.73 ? 242 TRP B CG  1 
ATOM   1082 C CD1 . TRP B 1 42 ? 16.110  18.670  -5.971  1.00 14.03 ? 242 TRP B CD1 1 
ATOM   1083 C CD2 . TRP B 1 42 ? 15.796  18.078  -3.832  1.00 14.66 ? 242 TRP B CD2 1 
ATOM   1084 N NE1 . TRP B 1 42 ? 17.346  18.406  -5.424  1.00 14.14 ? 242 TRP B NE1 1 
ATOM   1085 C CE2 . TRP B 1 42 ? 17.185  18.038  -4.112  1.00 14.65 ? 242 TRP B CE2 1 
ATOM   1086 C CE3 . TRP B 1 42 ? 15.359  17.740  -2.541  1.00 15.21 ? 242 TRP B CE3 1 
ATOM   1087 C CZ2 . TRP B 1 42 ? 18.138  17.675  -3.150  1.00 12.90 ? 242 TRP B CZ2 1 
ATOM   1088 C CZ3 . TRP B 1 42 ? 16.308  17.377  -1.581  1.00 14.20 ? 242 TRP B CZ3 1 
ATOM   1089 C CH2 . TRP B 1 42 ? 17.682  17.349  -1.895  1.00 13.52 ? 242 TRP B CH2 1 
ATOM   1090 N N   . LYS B 1 43 ? 12.353  20.025  -2.677  1.00 16.99 ? 243 LYS B N   1 
ATOM   1091 C CA  . LYS B 1 43 ? 12.360  20.304  -1.242  1.00 17.83 ? 243 LYS B CA  1 
ATOM   1092 C C   . LYS B 1 43 ? 12.600  18.999  -0.509  1.00 17.46 ? 243 LYS B C   1 
ATOM   1093 O O   . LYS B 1 43 ? 12.343  17.923  -1.044  1.00 18.34 ? 243 LYS B O   1 
ATOM   1094 C CB  . LYS B 1 43 ? 11.006  20.874  -0.804  1.00 20.66 ? 243 LYS B CB  1 
ATOM   1095 C CG  . LYS B 1 43 ? 10.737  22.278  -1.300  1.00 28.65 ? 243 LYS B CG  1 
ATOM   1096 C CD  . LYS B 1 43 ? 9.242   22.641  -1.280  1.00 34.60 ? 243 LYS B CD  1 
ATOM   1097 C CE  . LYS B 1 43 ? 8.666   22.777  0.130   1.00 38.16 ? 243 LYS B CE  1 
ATOM   1098 N NZ  . LYS B 1 43 ? 8.160   21.493  0.705   1.00 40.64 ? 243 LYS B NZ  1 
ATOM   1099 N N   . PRO B 1 44 ? 13.087  19.071  0.734   1.00 16.71 ? 244 PRO B N   1 
ATOM   1100 C CA  . PRO B 1 44 ? 13.326  17.832  1.465   1.00 15.03 ? 244 PRO B CA  1 
ATOM   1101 C C   . PRO B 1 44 ? 12.053  17.323  2.134   1.00 16.05 ? 244 PRO B C   1 
ATOM   1102 O O   . PRO B 1 44 ? 11.158  18.098  2.472   1.00 15.07 ? 244 PRO B O   1 
ATOM   1103 C CB  . PRO B 1 44 ? 14.350  18.265  2.505   1.00 15.97 ? 244 PRO B CB  1 
ATOM   1104 C CG  . PRO B 1 44 ? 13.865  19.632  2.861   1.00 14.31 ? 244 PRO B CG  1 
ATOM   1105 C CD  . PRO B 1 44 ? 13.518  20.243  1.523   1.00 14.63 ? 244 PRO B CD  1 
ATOM   1106 N N   . LYS B 1 45 ? 11.955  16.009  2.275   1.00 16.38 ? 245 LYS B N   1 
ATOM   1107 C CA  . LYS B 1 45 ? 10.820  15.407  2.954   1.00 17.21 ? 245 LYS B CA  1 
ATOM   1108 C C   . LYS B 1 45 ? 11.263  14.110  3.615   1.00 17.42 ? 245 LYS B C   1 
ATOM   1109 O O   . LYS B 1 45 ? 12.061  13.351  3.058   1.00 17.51 ? 245 LYS B O   1 
ATOM   1110 C CB  . LYS B 1 45 ? 9.637   15.148  2.013   1.00 17.34 ? 245 LYS B CB  1 
ATOM   1111 C CG  . LYS B 1 45 ? 8.377   14.786  2.798   1.00 19.25 ? 245 LYS B CG  1 
ATOM   1112 C CD  . LYS B 1 45 ? 7.137   14.547  1.964   1.00 19.06 ? 245 LYS B CD  1 
ATOM   1113 C CE  . LYS B 1 45 ? 5.940   14.393  2.901   1.00 19.62 ? 245 LYS B CE  1 
ATOM   1114 N NZ  . LYS B 1 45 ? 4.709   13.918  2.224   1.00 22.18 ? 245 LYS B NZ  1 
ATOM   1115 N N   . MET B 1 46 ? 10.767  13.890  4.825   1.00 18.78 ? 246 MET B N   1 
ATOM   1116 C CA  . MET B 1 46 ? 11.079  12.700  5.602   1.00 21.64 ? 246 MET B CA  1 
ATOM   1117 C C   . MET B 1 46 ? 9.798   11.876  5.617   1.00 20.44 ? 246 MET B C   1 
ATOM   1118 O O   . MET B 1 46 ? 8.744   12.367  6.015   1.00 20.22 ? 246 MET B O   1 
ATOM   1119 C CB  . MET B 1 46 ? 11.489  13.098  7.030   1.00 26.81 ? 246 MET B CB  1 
ATOM   1120 C CG  . MET B 1 46 ? 12.036  11.961  7.897   1.00 33.69 ? 246 MET B CG  1 
ATOM   1121 S SD  . MET B 1 46 ? 13.607  11.269  7.312   1.00 41.71 ? 246 MET B SD  1 
ATOM   1122 C CE  . MET B 1 46 ? 14.767  12.003  8.463   1.00 39.67 ? 246 MET B CE  1 
ATOM   1123 N N   . ILE B 1 47 ? 9.872   10.655  5.103   1.00 19.73 ? 247 ILE B N   1 
ATOM   1124 C CA  . ILE B 1 47 ? 8.700   9.788   5.077   1.00 20.29 ? 247 ILE B CA  1 
ATOM   1125 C C   . ILE B 1 47 ? 9.000   8.460   5.761   1.00 20.87 ? 247 ILE B C   1 
ATOM   1126 O O   . ILE B 1 47 ? 10.111  7.924   5.655   1.00 19.32 ? 247 ILE B O   1 
ATOM   1127 C CB  . ILE B 1 47 ? 8.184   9.528   3.629   1.00 20.07 ? 247 ILE B CB  1 
ATOM   1128 C CG1 . ILE B 1 47 ? 9.231   8.773   2.800   1.00 19.72 ? 247 ILE B CG1 1 
ATOM   1129 C CG2 . ILE B 1 47 ? 7.825   10.846  2.947   1.00 19.97 ? 247 ILE B CG2 1 
ATOM   1130 C CD1 . ILE B 1 47 ? 8.689   8.196   1.502   1.00 19.30 ? 247 ILE B CD1 1 
ATOM   1131 N N   . GLY B 1 48 ? 8.011   7.953   6.490   1.00 20.74 ? 248 GLY B N   1 
ATOM   1132 C CA  . GLY B 1 48 ? 8.174   6.686   7.177   1.00 21.08 ? 248 GLY B CA  1 
ATOM   1133 C C   . GLY B 1 48 ? 7.560   5.521   6.430   1.00 21.31 ? 248 GLY B C   1 
ATOM   1134 O O   . GLY B 1 48 ? 6.517   5.651   5.792   1.00 22.92 ? 248 GLY B O   1 
ATOM   1135 N N   . GLY B 1 49 ? 8.219   4.374   6.514   1.00 19.46 ? 249 GLY B N   1 
ATOM   1136 C CA  . GLY B 1 49 ? 7.729   3.178   5.858   1.00 18.80 ? 249 GLY B CA  1 
ATOM   1137 C C   . GLY B 1 49 ? 7.629   2.057   6.874   1.00 18.60 ? 249 GLY B C   1 
ATOM   1138 O O   . GLY B 1 49 ? 7.650   2.303   8.083   1.00 17.82 ? 249 GLY B O   1 
ATOM   1139 N N   . ILE B 1 50 ? 7.561   0.821   6.394   1.00 16.27 ? 250 ILE B N   1 
ATOM   1140 C CA  . ILE B 1 50 ? 7.446   -0.315  7.290   1.00 16.54 ? 250 ILE B CA  1 
ATOM   1141 C C   . ILE B 1 50 ? 8.753   -0.567  8.051   1.00 15.46 ? 250 ILE B C   1 
ATOM   1142 O O   . ILE B 1 50 ? 8.731   -0.978  9.211   1.00 14.81 ? 250 ILE B O   1 
ATOM   1143 C CB  . ILE B 1 50 ? 6.998   -1.586  6.529   1.00 17.03 ? 250 ILE B CB  1 
ATOM   1144 C CG1 . ILE B 1 50 ? 6.319   -2.559  7.495   1.00 19.15 ? 250 ILE B CG1 1 
ATOM   1145 C CG2 . ILE B 1 50 ? 8.179   -2.234  5.819   1.00 15.64 ? 250 ILE B CG2 1 
ATOM   1146 C CD1 . ILE B 1 50 ? 5.758   -3.806  6.843   1.00 18.82 ? 250 ILE B CD1 1 
ATOM   1147 N N   . GLY B 1 51 ? 9.878   -0.254  7.411   1.00 15.84 ? 251 GLY B N   1 
ATOM   1148 C CA  . GLY B 1 51 ? 11.173  -0.469  8.037   1.00 17.98 ? 251 GLY B CA  1 
ATOM   1149 C C   . GLY B 1 51 ? 11.826  0.751   8.665   1.00 17.69 ? 251 GLY B C   1 
ATOM   1150 O O   . GLY B 1 51 ? 12.946  0.664   9.156   1.00 18.15 ? 251 GLY B O   1 
ATOM   1151 N N   . GLY B 1 52 ? 11.134  1.885   8.651   1.00 18.33 ? 252 GLY B N   1 
ATOM   1152 C CA  . GLY B 1 52 ? 11.682  3.096   9.230   1.00 20.00 ? 252 GLY B CA  1 
ATOM   1153 C C   . GLY B 1 52 ? 11.556  4.291   8.304   1.00 22.14 ? 252 GLY B C   1 
ATOM   1154 O O   . GLY B 1 52 ? 10.831  4.253   7.310   1.00 20.73 ? 252 GLY B O   1 
ATOM   1155 N N   . PHE B 1 53 ? 12.298  5.350   8.610   1.00 24.61 ? 253 PHE B N   1 
ATOM   1156 C CA  . PHE B 1 53 ? 12.253  6.563   7.805   1.00 26.01 ? 253 PHE B CA  1 
ATOM   1157 C C   . PHE B 1 53 ? 13.380  6.660   6.786   1.00 25.68 ? 253 PHE B C   1 
ATOM   1158 O O   . PHE B 1 53 ? 14.423  6.018   6.929   1.00 26.70 ? 253 PHE B O   1 
ATOM   1159 C CB  . PHE B 1 53 ? 12.248  7.800   8.711   1.00 26.20 ? 253 PHE B CB  1 
ATOM   1160 C CG  . PHE B 1 53 ? 10.981  7.963   9.509   1.00 29.51 ? 253 PHE B CG  1 
ATOM   1161 C CD1 . PHE B 1 53 ? 10.780  7.238   10.685  1.00 30.79 ? 253 PHE B CD1 1 
ATOM   1162 C CD2 . PHE B 1 53 ? 9.980   8.832   9.078   1.00 28.91 ? 253 PHE B CD2 1 
ATOM   1163 C CE1 . PHE B 1 53 ? 9.596   7.373   11.420  1.00 30.30 ? 253 PHE B CE1 1 
ATOM   1164 C CE2 . PHE B 1 53 ? 8.794   8.977   9.803   1.00 29.57 ? 253 PHE B CE2 1 
ATOM   1165 C CZ  . PHE B 1 53 ? 8.603   8.244   10.977  1.00 30.60 ? 253 PHE B CZ  1 
ATOM   1166 N N   . ILE B 1 54 ? 13.117  7.393   5.707   1.00 23.75 ? 254 ILE B N   1 
ATOM   1167 C CA  . ILE B 1 54 ? 14.106  7.628   4.661   1.00 21.72 ? 254 ILE B CA  1 
ATOM   1168 C C   . ILE B 1 54 ? 13.922  9.061   4.198   1.00 21.06 ? 254 ILE B C   1 
ATOM   1169 O O   . ILE B 1 54 ? 12.913  9.703   4.503   1.00 18.41 ? 254 ILE B O   1 
ATOM   1170 C CB  . ILE B 1 54 ? 13.937  6.720   3.407   1.00 21.17 ? 254 ILE B CB  1 
ATOM   1171 C CG1 . ILE B 1 54 ? 12.612  7.025   2.702   1.00 20.82 ? 254 ILE B CG1 1 
ATOM   1172 C CG2 . ILE B 1 54 ? 14.068  5.254   3.772   1.00 19.65 ? 254 ILE B CG2 1 
ATOM   1173 C CD1 . ILE B 1 54 ? 12.483  6.402   1.334   1.00 21.07 ? 254 ILE B CD1 1 
ATOM   1174 N N   . LYS B 1 55 ? 14.907  9.546   3.456   1.00 21.03 ? 255 LYS B N   1 
ATOM   1175 C CA  . LYS B 1 55 ? 14.880  10.888  2.910   1.00 20.15 ? 255 LYS B CA  1 
ATOM   1176 C C   . LYS B 1 55 ? 14.544  10.832  1.431   1.00 19.70 ? 255 LYS B C   1 
ATOM   1177 O O   . LYS B 1 55 ? 15.026  9.954   0.708   1.00 19.45 ? 255 LYS B O   1 
ATOM   1178 C CB  . LYS B 1 55 ? 16.228  11.576  3.122   1.00 22.32 ? 255 LYS B CB  1 
ATOM   1179 C CG  . LYS B 1 55 ? 16.290  12.360  4.411   1.00 26.29 ? 255 LYS B CG  1 
ATOM   1180 C CD  . LYS B 1 55 ? 15.200  13.421  4.400   1.00 31.72 ? 255 LYS B CD  1 
ATOM   1181 C CE  . LYS B 1 55 ? 15.164  14.224  5.682   1.00 35.41 ? 255 LYS B CE  1 
ATOM   1182 N NZ  . LYS B 1 55 ? 14.190  15.347  5.565   1.00 37.00 ? 255 LYS B NZ  1 
ATOM   1183 N N   . VAL B 1 56 ? 13.700  11.762  0.992   1.00 16.70 ? 256 VAL B N   1 
ATOM   1184 C CA  . VAL B 1 56 ? 13.297  11.840  -0.408  1.00 16.91 ? 256 VAL B CA  1 
ATOM   1185 C C   . VAL B 1 56 ? 13.353  13.276  -0.936  1.00 16.01 ? 256 VAL B C   1 
ATOM   1186 O O   . VAL B 1 56 ? 13.446  14.229  -0.168  1.00 16.32 ? 256 VAL B O   1 
ATOM   1187 C CB  . VAL B 1 56 ? 11.866  11.275  -0.626  1.00 16.23 ? 256 VAL B CB  1 
ATOM   1188 C CG1 . VAL B 1 56 ? 11.804  9.815   -0.194  1.00 18.47 ? 256 VAL B CG1 1 
ATOM   1189 C CG2 . VAL B 1 56 ? 10.844  12.102  0.136   1.00 16.09 ? 256 VAL B CG2 1 
ATOM   1190 N N   . ARG B 1 57 ? 13.338  13.413  -2.257  1.00 16.28 ? 257 ARG B N   1 
ATOM   1191 C CA  . ARG B 1 57 ? 13.352  14.719  -2.904  1.00 15.50 ? 257 ARG B CA  1 
ATOM   1192 C C   . ARG B 1 57 ? 11.910  14.978  -3.353  1.00 16.11 ? 257 ARG B C   1 
ATOM   1193 O O   . ARG B 1 57 ? 11.314  14.155  -4.052  1.00 14.97 ? 257 ARG B O   1 
ATOM   1194 C CB  . ARG B 1 57 ? 14.297  14.722  -4.119  1.00 15.29 ? 257 ARG B CB  1 
ATOM   1195 C CG  . ARG B 1 57 ? 15.702  14.180  -3.831  1.00 15.75 ? 257 ARG B CG  1 
ATOM   1196 C CD  . ARG B 1 57 ? 16.737  14.691  -4.825  1.00 15.45 ? 257 ARG B CD  1 
ATOM   1197 N NE  . ARG B 1 57 ? 16.366  14.498  -6.227  1.00 16.25 ? 257 ARG B NE  1 
ATOM   1198 C CZ  . ARG B 1 57 ? 16.560  13.370  -6.905  1.00 16.95 ? 257 ARG B CZ  1 
ATOM   1199 N NH1 . ARG B 1 57 ? 17.114  12.322  -6.313  1.00 16.65 ? 257 ARG B NH1 1 
ATOM   1200 N NH2 . ARG B 1 57 ? 16.224  13.293  -8.186  1.00 18.61 ? 257 ARG B NH2 1 
ATOM   1201 N N   . GLN B 1 58 ? 11.344  16.103  -2.932  1.00 14.47 ? 258 GLN B N   1 
ATOM   1202 C CA  . GLN B 1 58 ? 9.973   16.431  -3.292  1.00 13.84 ? 258 GLN B CA  1 
ATOM   1203 C C   . GLN B 1 58 ? 9.865   17.416  -4.438  1.00 15.08 ? 258 GLN B C   1 
ATOM   1204 O O   . GLN B 1 58 ? 10.372  18.533  -4.357  1.00 14.17 ? 258 GLN B O   1 
ATOM   1205 C CB  . GLN B 1 58 ? 9.203   16.986  -2.091  1.00 12.63 ? 258 GLN B CB  1 
ATOM   1206 C CG  . GLN B 1 58 ? 7.766   17.384  -2.429  1.00 12.52 ? 258 GLN B CG  1 
ATOM   1207 C CD  . GLN B 1 58 ? 6.981   17.889  -1.222  1.00 15.31 ? 258 GLN B CD  1 
ATOM   1208 O OE1 . GLN B 1 58 ? 7.141   17.392  -0.108  1.00 16.03 ? 258 GLN B OE1 1 
ATOM   1209 N NE2 . GLN B 1 58 ? 6.130   18.887  -1.445  1.00 16.00 ? 258 GLN B NE2 1 
ATOM   1210 N N   . TYR B 1 59 ? 9.210   16.980  -5.512  1.00 14.72 ? 259 TYR B N   1 
ATOM   1211 C CA  . TYR B 1 59 ? 8.970   17.815  -6.683  1.00 14.51 ? 259 TYR B CA  1 
ATOM   1212 C C   . TYR B 1 59 ? 7.466   17.999  -6.761  1.00 14.87 ? 259 TYR B C   1 
ATOM   1213 O O   . TYR B 1 59 ? 6.707   17.036  -6.622  1.00 13.27 ? 259 TYR B O   1 
ATOM   1214 C CB  . TYR B 1 59 ? 9.449   17.133  -7.962  1.00 15.59 ? 259 TYR B CB  1 
ATOM   1215 C CG  . TYR B 1 59 ? 10.933  16.898  -8.024  1.00 15.27 ? 259 TYR B CG  1 
ATOM   1216 C CD1 . TYR B 1 59 ? 11.493  15.745  -7.482  1.00 16.52 ? 259 TYR B CD1 1 
ATOM   1217 C CD2 . TYR B 1 59 ? 11.779  17.819  -8.636  1.00 14.59 ? 259 TYR B CD2 1 
ATOM   1218 C CE1 . TYR B 1 59 ? 12.854  15.511  -7.548  1.00 15.27 ? 259 TYR B CE1 1 
ATOM   1219 C CE2 . TYR B 1 59 ? 13.144  17.593  -8.708  1.00 15.50 ? 259 TYR B CE2 1 
ATOM   1220 C CZ  . TYR B 1 59 ? 13.671  16.437  -8.160  1.00 16.52 ? 259 TYR B CZ  1 
ATOM   1221 O OH  . TYR B 1 59 ? 15.018  16.204  -8.209  1.00 17.72 ? 259 TYR B OH  1 
ATOM   1222 N N   . ASP B 1 60 ? 7.040   19.232  -7.000  1.00 15.03 ? 260 ASP B N   1 
ATOM   1223 C CA  . ASP B 1 60 ? 5.623   19.549  -7.086  1.00 15.90 ? 260 ASP B CA  1 
ATOM   1224 C C   . ASP B 1 60 ? 5.157   19.849  -8.512  1.00 15.16 ? 260 ASP B C   1 
ATOM   1225 O O   . ASP B 1 60 ? 5.962   20.171  -9.389  1.00 13.66 ? 260 ASP B O   1 
ATOM   1226 C CB  . ASP B 1 60 ? 5.301   20.717  -6.146  1.00 15.95 ? 260 ASP B CB  1 
ATOM   1227 C CG  . ASP B 1 60 ? 5.638   20.399  -4.690  1.00 19.37 ? 260 ASP B CG  1 
ATOM   1228 O OD1 . ASP B 1 60 ? 5.119   19.392  -4.164  1.00 18.05 ? 260 ASP B OD1 1 
ATOM   1229 O OD2 . ASP B 1 60 ? 6.436   21.139  -4.078  1.00 20.24 ? 260 ASP B OD2 1 
ATOM   1230 N N   . GLN B 1 61 ? 3.855   19.682  -8.734  1.00 14.09 ? 261 GLN B N   1 
ATOM   1231 C CA  . GLN B 1 61 ? 3.224   19.922  -10.024 1.00 14.70 ? 261 GLN B CA  1 
ATOM   1232 C C   . GLN B 1 61 ? 3.907   19.217  -11.190 1.00 15.51 ? 261 GLN B C   1 
ATOM   1233 O O   . GLN B 1 61 ? 4.138   19.804  -12.247 1.00 15.67 ? 261 GLN B O   1 
ATOM   1234 C CB  . GLN B 1 61 ? 3.103   21.421  -10.285 1.00 16.15 ? 261 GLN B CB  1 
ATOM   1235 C CG  . GLN B 1 61 ? 2.069   22.080  -9.414  1.00 18.91 ? 261 GLN B CG  1 
ATOM   1236 C CD  . GLN B 1 61 ? 2.096   23.581  -9.524  1.00 21.77 ? 261 GLN B CD  1 
ATOM   1237 O OE1 . GLN B 1 61 ? 2.371   24.273  -8.547  1.00 25.43 ? 261 GLN B OE1 1 
ATOM   1238 N NE2 . GLN B 1 61 ? 1.802   24.100  -10.712 1.00 21.53 ? 261 GLN B NE2 1 
ATOM   1239 N N   . ILE B 1 62 ? 4.244   17.952  -10.967 1.00 15.25 ? 262 ILE B N   1 
ATOM   1240 C CA  . ILE B 1 62 ? 4.890   17.123  -11.977 1.00 15.61 ? 262 ILE B CA  1 
ATOM   1241 C C   . ILE B 1 62 ? 3.811   16.408  -12.797 1.00 15.06 ? 262 ILE B C   1 
ATOM   1242 O O   . ILE B 1 62 ? 2.852   15.864  -12.238 1.00 13.97 ? 262 ILE B O   1 
ATOM   1243 C CB  . ILE B 1 62 ? 5.821   16.056  -11.318 1.00 14.29 ? 262 ILE B CB  1 
ATOM   1244 C CG1 . ILE B 1 62 ? 6.963   16.728  -10.543 1.00 14.51 ? 262 ILE B CG1 1 
ATOM   1245 C CG2 . ILE B 1 62 ? 6.382   15.101  -12.379 1.00 16.29 ? 262 ILE B CG2 1 
ATOM   1246 C CD1 . ILE B 1 62 ? 7.982   17.437  -11.419 1.00 13.93 ? 262 ILE B CD1 1 
ATOM   1247 N N   . LEU B 1 63 ? 3.942   16.453  -14.119 1.00 15.62 ? 263 LEU B N   1 
ATOM   1248 C CA  . LEU B 1 63 ? 2.990   15.779  -14.986 1.00 16.84 ? 263 LEU B CA  1 
ATOM   1249 C C   . LEU B 1 63 ? 3.328   14.295  -14.957 1.00 16.75 ? 263 LEU B C   1 
ATOM   1250 O O   . LEU B 1 63 ? 4.488   13.909  -15.085 1.00 15.79 ? 263 LEU B O   1 
ATOM   1251 C CB  . LEU B 1 63 ? 3.072   16.306  -16.416 1.00 18.06 ? 263 LEU B CB  1 
ATOM   1252 C CG  . LEU B 1 63 ? 2.148   15.654  -17.447 1.00 22.71 ? 263 LEU B CG  1 
ATOM   1253 C CD1 . LEU B 1 63 ? 0.680   15.667  -16.982 1.00 23.14 ? 263 LEU B CD1 1 
ATOM   1254 C CD2 . LEU B 1 63 ? 2.311   16.383  -18.773 1.00 24.65 ? 263 LEU B CD2 1 
ATOM   1255 N N   . ILE B 1 64 ? 2.308   13.474  -14.749 1.00 16.65 ? 264 ILE B N   1 
ATOM   1256 C CA  . ILE B 1 64 ? 2.486   12.032  -14.691 1.00 16.53 ? 264 ILE B CA  1 
ATOM   1257 C C   . ILE B 1 64 ? 1.204   11.369  -15.167 1.00 16.67 ? 264 ILE B C   1 
ATOM   1258 O O   . ILE B 1 64 ? 0.108   11.773  -14.793 1.00 16.56 ? 264 ILE B O   1 
ATOM   1259 C CB  . ILE B 1 64 ? 2.867   11.558  -13.249 1.00 16.83 ? 264 ILE B CB  1 
ATOM   1260 C CG1 . ILE B 1 64 ? 2.884   10.030  -13.176 1.00 16.43 ? 264 ILE B CG1 1 
ATOM   1261 C CG2 . ILE B 1 64 ? 1.929   12.154  -12.206 1.00 17.03 ? 264 ILE B CG2 1 
ATOM   1262 C CD1 . ILE B 1 64 ? 3.437   9.494   -11.869 1.00 17.59 ? 264 ILE B CD1 1 
ATOM   1263 N N   . GLU B 1 65 ? 1.355   10.398  -16.058 1.00 17.64 ? 265 GLU B N   1 
ATOM   1264 C CA  . GLU B 1 65 ? 0.223   9.671   -16.605 1.00 19.28 ? 265 GLU B CA  1 
ATOM   1265 C C   . GLU B 1 65 ? 0.167   8.304   -15.933 1.00 18.86 ? 265 GLU B C   1 
ATOM   1266 O O   . GLU B 1 65 ? 1.178   7.622   -15.830 1.00 17.96 ? 265 GLU B O   1 
ATOM   1267 C CB  . GLU B 1 65 ? 0.399   9.523   -18.116 1.00 22.81 ? 265 GLU B CB  1 
ATOM   1268 C CG  . GLU B 1 65 ? -0.792  8.929   -18.834 1.00 28.98 ? 265 GLU B CG  1 
ATOM   1269 C CD  . GLU B 1 65 ? -0.517  8.691   -20.305 1.00 31.46 ? 265 GLU B CD  1 
ATOM   1270 O OE1 . GLU B 1 65 ? -0.398  9.685   -21.053 1.00 31.45 ? 265 GLU B OE1 1 
ATOM   1271 O OE2 . GLU B 1 65 ? -0.413  7.511   -20.707 1.00 34.45 ? 265 GLU B OE2 1 
ATOM   1272 N N   . ILE B 1 66 ? -1.005  7.922   -15.440 1.00 18.10 ? 266 ILE B N   1 
ATOM   1273 C CA  . ILE B 1 66 ? -1.170  6.637   -14.768 1.00 19.69 ? 266 ILE B CA  1 
ATOM   1274 C C   . ILE B 1 66 ? -2.294  5.890   -15.475 1.00 22.62 ? 266 ILE B C   1 
ATOM   1275 O O   . ILE B 1 66 ? -3.458  6.283   -15.372 1.00 22.02 ? 266 ILE B O   1 
ATOM   1276 C CB  . ILE B 1 66 ? -1.522  6.845   -13.279 1.00 19.30 ? 266 ILE B CB  1 
ATOM   1277 C CG1 . ILE B 1 66 ? -0.435  7.693   -12.608 1.00 18.72 ? 266 ILE B CG1 1 
ATOM   1278 C CG2 . ILE B 1 66 ? -1.667  5.496   -12.573 1.00 17.28 ? 266 ILE B CG2 1 
ATOM   1279 C CD1 . ILE B 1 66 ? -0.898  8.416   -11.368 1.00 21.27 ? 266 ILE B CD1 1 
ATOM   1280 N N   . CYS B 1 67 ? -1.935  4.832   -16.205 1.00 24.66 ? 267 CYS B N   1 
ATOM   1281 C CA  . CYS B 1 67 ? -2.902  4.037   -16.971 1.00 26.85 ? 267 CYS B CA  1 
ATOM   1282 C C   . CYS B 1 67 ? -3.629  4.919   -17.989 1.00 25.45 ? 267 CYS B C   1 
ATOM   1283 O O   . CYS B 1 67 ? -4.838  4.789   -18.182 1.00 25.57 ? 267 CYS B O   1 
ATOM   1284 C CB  . CYS B 1 67 ? -3.923  3.359   -16.047 1.00 29.23 ? 267 CYS B CB  1 
ATOM   1285 S SG  . CYS B 1 67 ? -3.319  1.909   -15.158 1.00 37.03 ? 267 CYS B SG  1 
ATOM   1286 N N   . GLY B 1 68 ? -2.890  5.838   -18.606 1.00 25.46 ? 268 GLY B N   1 
ATOM   1287 C CA  . GLY B 1 68 ? -3.480  6.731   -19.591 1.00 26.52 ? 268 GLY B CA  1 
ATOM   1288 C C   . GLY B 1 68 ? -4.163  7.973   -19.036 1.00 26.74 ? 268 GLY B C   1 
ATOM   1289 O O   . GLY B 1 68 ? -4.530  8.865   -19.801 1.00 28.06 ? 268 GLY B O   1 
ATOM   1290 N N   . HIS B 1 69 ? -4.362  8.029   -17.721 1.00 25.61 ? 269 HIS B N   1 
ATOM   1291 C CA  . HIS B 1 69 ? -5.003  9.184   -17.085 1.00 23.56 ? 269 HIS B CA  1 
ATOM   1292 C C   . HIS B 1 69 ? -3.951  10.223  -16.690 1.00 21.28 ? 269 HIS B C   1 
ATOM   1293 O O   . HIS B 1 69 ? -2.986  9.906   -15.995 1.00 17.85 ? 269 HIS B O   1 
ATOM   1294 C CB  . HIS B 1 69 ? -5.777  8.755   -15.834 1.00 27.22 ? 269 HIS B CB  1 
ATOM   1295 C CG  . HIS B 1 69 ? -6.960  7.876   -16.111 1.00 29.85 ? 269 HIS B CG  1 
ATOM   1296 N ND1 . HIS B 1 69 ? -8.255  8.290   -15.895 1.00 30.42 ? 269 HIS B ND1 1 
ATOM   1297 C CD2 . HIS B 1 69 ? -7.038  6.598   -16.550 1.00 29.59 ? 269 HIS B CD2 1 
ATOM   1298 C CE1 . HIS B 1 69 ? -9.086  7.304   -16.186 1.00 30.46 ? 269 HIS B CE1 1 
ATOM   1299 N NE2 . HIS B 1 69 ? -8.371  6.266   -16.585 1.00 31.41 ? 269 HIS B NE2 1 
ATOM   1300 N N   . LYS B 1 70 ? -4.165  11.467  -17.107 1.00 20.58 ? 270 LYS B N   1 
ATOM   1301 C CA  . LYS B 1 70 ? -3.228  12.550  -16.809 1.00 20.90 ? 270 LYS B CA  1 
ATOM   1302 C C   . LYS B 1 70 ? -3.443  13.195  -15.441 1.00 20.18 ? 270 LYS B C   1 
ATOM   1303 O O   . LYS B 1 70 ? -4.552  13.605  -15.082 1.00 19.89 ? 270 LYS B O   1 
ATOM   1304 C CB  . LYS B 1 70 ? -3.258  13.609  -17.914 1.00 21.66 ? 270 LYS B CB  1 
ATOM   1305 C CG  . LYS B 1 70 ? -2.862  13.070  -19.280 1.00 24.34 ? 270 LYS B CG  1 
ATOM   1306 C CD  . LYS B 1 70 ? -2.729  14.178  -20.311 1.00 27.42 ? 270 LYS B CD  1 
ATOM   1307 C CE  . LYS B 1 70 ? -2.426  13.610  -21.692 1.00 28.87 ? 270 LYS B CE  1 
ATOM   1308 N NZ  . LYS B 1 70 ? -3.562  12.808  -22.223 1.00 31.38 ? 270 LYS B NZ  1 
ATOM   1309 N N   . ALA B 1 71 ? -2.357  13.257  -14.682 1.00 17.88 ? 271 ALA B N   1 
ATOM   1310 C CA  . ALA B 1 71 ? -2.353  13.832  -13.345 1.00 16.02 ? 271 ALA B CA  1 
ATOM   1311 C C   . ALA B 1 71 ? -1.202  14.820  -13.265 1.00 13.99 ? 271 ALA B C   1 
ATOM   1312 O O   . ALA B 1 71 ? -0.272  14.756  -14.063 1.00 13.91 ? 271 ALA B O   1 
ATOM   1313 C CB  . ALA B 1 71 ? -2.178  12.730  -12.291 1.00 14.89 ? 271 ALA B CB  1 
ATOM   1314 N N   . ILE B 1 72 ? -1.309  15.767  -12.342 1.00 14.32 ? 272 ILE B N   1 
ATOM   1315 C CA  . ILE B 1 72 ? -0.271  16.776  -12.136 1.00 14.35 ? 272 ILE B CA  1 
ATOM   1316 C C   . ILE B 1 72 ? -0.183  16.952  -10.629 1.00 13.66 ? 272 ILE B C   1 
ATOM   1317 O O   . ILE B 1 72 ? -1.096  17.500  -10.005 1.00 12.46 ? 272 ILE B O   1 
ATOM   1318 C CB  . ILE B 1 72 ? -0.622  18.142  -12.805 1.00 13.58 ? 272 ILE B CB  1 
ATOM   1319 C CG1 . ILE B 1 72 ? -0.837  17.965  -14.317 1.00 14.72 ? 272 ILE B CG1 1 
ATOM   1320 C CG2 . ILE B 1 72 ? 0.506   19.147  -12.574 1.00 14.81 ? 272 ILE B CG2 1 
ATOM   1321 C CD1 . ILE B 1 72 ? -1.289  19.223  -15.043 1.00 14.05 ? 272 ILE B CD1 1 
ATOM   1322 N N   . GLY B 1 73 ? 0.900   16.456  -10.041 1.00 12.67 ? 273 GLY B N   1 
ATOM   1323 C CA  . GLY B 1 73 ? 1.035   16.559  -8.603  1.00 11.79 ? 273 GLY B CA  1 
ATOM   1324 C C   . GLY B 1 73 ? 2.427   16.336  -8.060  1.00 11.73 ? 273 GLY B C   1 
ATOM   1325 O O   . GLY B 1 73 ? 3.418   16.376  -8.794  1.00 12.46 ? 273 GLY B O   1 
ATOM   1326 N N   . THR B 1 74 ? 2.482   16.104  -6.752  1.00 12.73 ? 274 THR B N   1 
ATOM   1327 C CA  . THR B 1 74 ? 3.727   15.887  -6.029  1.00 12.38 ? 274 THR B CA  1 
ATOM   1328 C C   . THR B 1 74 ? 4.271   14.479  -6.200  1.00 13.75 ? 274 THR B C   1 
ATOM   1329 O O   . THR B 1 74 ? 3.552   13.484  -6.036  1.00 11.47 ? 274 THR B O   1 
ATOM   1330 C CB  . THR B 1 74 ? 3.545   16.176  -4.530  1.00 12.77 ? 274 THR B CB  1 
ATOM   1331 O OG1 . THR B 1 74 ? 3.199   17.558  -4.354  1.00 14.57 ? 274 THR B OG1 1 
ATOM   1332 C CG2 . THR B 1 74 ? 4.816   15.857  -3.757  1.00 12.23 ? 274 THR B CG2 1 
ATOM   1333 N N   . VAL B 1 75 ? 5.555   14.417  -6.530  1.00 13.30 ? 275 VAL B N   1 
ATOM   1334 C CA  . VAL B 1 75 ? 6.256   13.161  -6.722  1.00 13.91 ? 275 VAL B CA  1 
ATOM   1335 C C   . VAL B 1 75 ? 7.522   13.181  -5.863  1.00 13.53 ? 275 VAL B C   1 
ATOM   1336 O O   . VAL B 1 75 ? 8.309   14.121  -5.927  1.00 13.85 ? 275 VAL B O   1 
ATOM   1337 C CB  . VAL B 1 75 ? 6.625   12.948  -8.213  1.00 14.19 ? 275 VAL B CB  1 
ATOM   1338 C CG1 . VAL B 1 75 ? 7.429   11.677  -8.377  1.00 17.32 ? 275 VAL B CG1 1 
ATOM   1339 C CG2 . VAL B 1 75 ? 5.358   12.884  -9.077  1.00 14.12 ? 275 VAL B CG2 1 
ATOM   1340 N N   . LEU B 1 76 ? 7.665   12.175  -5.011  1.00 12.01 ? 276 LEU B N   1 
ATOM   1341 C CA  . LEU B 1 76 ? 8.825   12.056  -4.144  1.00 12.94 ? 276 LEU B CA  1 
ATOM   1342 C C   . LEU B 1 76 ? 9.774   11.061  -4.802  1.00 14.49 ? 276 LEU B C   1 
ATOM   1343 O O   . LEU B 1 76 ? 9.332   10.066  -5.363  1.00 12.75 ? 276 LEU B O   1 
ATOM   1344 C CB  . LEU B 1 76 ? 8.407   11.548  -2.761  1.00 11.76 ? 276 LEU B CB  1 
ATOM   1345 C CG  . LEU B 1 76 ? 7.282   12.308  -2.052  1.00 11.24 ? 276 LEU B CG  1 
ATOM   1346 C CD1 . LEU B 1 76 ? 7.059   11.738  -0.666  1.00 11.13 ? 276 LEU B CD1 1 
ATOM   1347 C CD2 . LEU B 1 76 ? 7.611   13.780  -1.969  1.00 11.09 ? 276 LEU B CD2 1 
ATOM   1348 N N   . VAL B 1 77 ? 11.070  11.346  -4.749  1.00 14.66 ? 277 VAL B N   1 
ATOM   1349 C CA  . VAL B 1 77 ? 12.086  10.486  -5.352  1.00 14.17 ? 277 VAL B CA  1 
ATOM   1350 C C   . VAL B 1 77 ? 13.101  10.030  -4.310  1.00 14.58 ? 277 VAL B C   1 
ATOM   1351 O O   . VAL B 1 77 ? 13.727  10.844  -3.640  1.00 14.22 ? 277 VAL B O   1 
ATOM   1352 C CB  . VAL B 1 77 ? 12.831  11.225  -6.497  1.00 13.41 ? 277 VAL B CB  1 
ATOM   1353 C CG1 . VAL B 1 77 ? 13.916  10.331  -7.094  1.00 13.57 ? 277 VAL B CG1 1 
ATOM   1354 C CG2 . VAL B 1 77 ? 11.844  11.657  -7.577  1.00 13.17 ? 277 VAL B CG2 1 
ATOM   1355 N N   . GLY B 1 78 ? 13.259  8.722   -4.177  1.00 14.46 ? 278 GLY B N   1 
ATOM   1356 C CA  . GLY B 1 78 ? 14.209  8.203   -3.213  1.00 15.66 ? 278 GLY B CA  1 
ATOM   1357 C C   . GLY B 1 78 ? 14.302  6.688   -3.233  1.00 18.25 ? 278 GLY B C   1 
ATOM   1358 O O   . GLY B 1 78 ? 13.747  6.039   -4.134  1.00 17.05 ? 278 GLY B O   1 
ATOM   1359 N N   . PRO B 1 79 ? 14.994  6.095   -2.240  1.00 17.65 ? 279 PRO B N   1 
ATOM   1360 C CA  . PRO B 1 79 ? 15.177  4.645   -2.119  1.00 17.41 ? 279 PRO B CA  1 
ATOM   1361 C C   . PRO B 1 79 ? 13.907  3.863   -1.768  1.00 16.65 ? 279 PRO B C   1 
ATOM   1362 O O   . PRO B 1 79 ? 13.576  3.666   -0.604  1.00 19.11 ? 279 PRO B O   1 
ATOM   1363 C CB  . PRO B 1 79 ? 16.258  4.528   -1.041  1.00 18.07 ? 279 PRO B CB  1 
ATOM   1364 C CG  . PRO B 1 79 ? 16.016  5.732   -0.184  1.00 16.90 ? 279 PRO B CG  1 
ATOM   1365 C CD  . PRO B 1 79 ? 15.761  6.808   -1.201  1.00 16.94 ? 279 PRO B CD  1 
ATOM   1366 N N   . THR B 1 80 ? 13.182  3.441   -2.793  1.00 17.25 ? 280 THR B N   1 
ATOM   1367 C CA  . THR B 1 80 ? 11.973  2.660   -2.583  1.00 16.55 ? 280 THR B CA  1 
ATOM   1368 C C   . THR B 1 80 ? 12.134  1.325   -3.314  1.00 16.21 ? 280 THR B C   1 
ATOM   1369 O O   . THR B 1 80 ? 12.803  1.251   -4.350  1.00 15.06 ? 280 THR B O   1 
ATOM   1370 C CB  . THR B 1 80 ? 10.697  3.422   -3.084  1.00 15.87 ? 280 THR B CB  1 
ATOM   1371 O OG1 . THR B 1 80 ? 9.531   2.612   -2.875  1.00 12.96 ? 280 THR B OG1 1 
ATOM   1372 C CG2 . THR B 1 80 ? 10.810  3.777   -4.562  1.00 13.41 ? 280 THR B CG2 1 
ATOM   1373 N N   . PRO B 1 81 ? 11.604  0.239   -2.730  1.00 16.01 ? 281 PRO B N   1 
ATOM   1374 C CA  . PRO B 1 81 ? 11.689  -1.092  -3.339  1.00 18.00 ? 281 PRO B CA  1 
ATOM   1375 C C   . PRO B 1 81 ? 11.068  -1.151  -4.743  1.00 17.37 ? 281 PRO B C   1 
ATOM   1376 O O   . PRO B 1 81 ? 11.489  -1.947  -5.583  1.00 17.65 ? 281 PRO B O   1 
ATOM   1377 C CB  . PRO B 1 81 ? 10.946  -1.978  -2.334  1.00 19.63 ? 281 PRO B CB  1 
ATOM   1378 C CG  . PRO B 1 81 ? 10.075  -1.013  -1.574  1.00 19.71 ? 281 PRO B CG  1 
ATOM   1379 C CD  . PRO B 1 81 ? 10.975  0.159   -1.404  1.00 18.69 ? 281 PRO B CD  1 
ATOM   1380 N N   . VAL B 1 82 ? 10.090  -0.283  -5.000  1.00 16.38 ? 282 VAL B N   1 
ATOM   1381 C CA  . VAL B 1 82 ? 9.424   -0.210  -6.301  1.00 13.45 ? 282 VAL B CA  1 
ATOM   1382 C C   . VAL B 1 82 ? 8.661   1.109   -6.391  1.00 11.14 ? 282 VAL B C   1 
ATOM   1383 O O   . VAL B 1 82 ? 8.368   1.726   -5.365  1.00 12.57 ? 282 VAL B O   1 
ATOM   1384 C CB  . VAL B 1 82 ? 8.439   -1.399  -6.502  1.00 15.32 ? 282 VAL B CB  1 
ATOM   1385 C CG1 . VAL B 1 82 ? 7.301   -1.323  -5.499  1.00 16.97 ? 282 VAL B CG1 1 
ATOM   1386 C CG2 . VAL B 1 82 ? 7.912   -1.431  -7.930  1.00 15.69 ? 282 VAL B CG2 1 
ATOM   1387 N N   . ASN B 1 83 ? 8.399   1.571   -7.609  1.00 10.64 ? 283 ASN B N   1 
ATOM   1388 C CA  . ASN B 1 83 ? 7.639   2.806   -7.814  1.00 9.99  ? 283 ASN B CA  1 
ATOM   1389 C C   . ASN B 1 83 ? 6.232   2.596   -7.246  1.00 11.48 ? 283 ASN B C   1 
ATOM   1390 O O   . ASN B 1 83 ? 5.573   1.609   -7.576  1.00 10.07 ? 283 ASN B O   1 
ATOM   1391 C CB  . ASN B 1 83 ? 7.495   3.113   -9.309  1.00 11.09 ? 283 ASN B CB  1 
ATOM   1392 C CG  . ASN B 1 83 ? 8.811   3.456   -9.978  1.00 13.64 ? 283 ASN B CG  1 
ATOM   1393 O OD1 . ASN B 1 83 ? 9.637   4.165   -9.420  1.00 13.08 ? 283 ASN B OD1 1 
ATOM   1394 N ND2 . ASN B 1 83 ? 8.996   2.974   -11.197 1.00 12.60 ? 283 ASN B ND2 1 
ATOM   1395 N N   . ILE B 1 84 ? 5.787   3.496   -6.375  1.00 10.03 ? 284 ILE B N   1 
ATOM   1396 C CA  . ILE B 1 84 ? 4.450   3.390   -5.804  1.00 11.08 ? 284 ILE B CA  1 
ATOM   1397 C C   . ILE B 1 84 ? 3.631   4.665   -6.037  1.00 11.98 ? 284 ILE B C   1 
ATOM   1398 O O   . ILE B 1 84 ? 4.143   5.786   -5.919  1.00 12.12 ? 284 ILE B O   1 
ATOM   1399 C CB  . ILE B 1 84 ? 4.471   3.042   -4.284  1.00 11.26 ? 284 ILE B CB  1 
ATOM   1400 C CG1 . ILE B 1 84 ? 5.199   4.125   -3.484  1.00 11.93 ? 284 ILE B CG1 1 
ATOM   1401 C CG2 . ILE B 1 84 ? 5.107   1.664   -4.056  1.00 9.09  ? 284 ILE B CG2 1 
ATOM   1402 C CD1 . ILE B 1 84 ? 5.320   3.805   -1.998  1.00 12.73 ? 284 ILE B CD1 1 
ATOM   1403 N N   . ILE B 1 85 ? 2.380   4.473   -6.445  1.00 10.50 ? 285 ILE B N   1 
ATOM   1404 C CA  . ILE B 1 85 ? 1.459   5.568   -6.694  1.00 10.37 ? 285 ILE B CA  1 
ATOM   1405 C C   . ILE B 1 85 ? 0.568   5.658   -5.450  1.00 11.01 ? 285 ILE B C   1 
ATOM   1406 O O   . ILE B 1 85 ? -0.230  4.758   -5.187  1.00 11.09 ? 285 ILE B O   1 
ATOM   1407 C CB  . ILE B 1 85 ? 0.593   5.295   -7.951  1.00 8.94  ? 285 ILE B CB  1 
ATOM   1408 C CG1 . ILE B 1 85 ? 1.484   5.021   -9.168  1.00 9.01  ? 285 ILE B CG1 1 
ATOM   1409 C CG2 . ILE B 1 85 ? -0.327  6.463   -8.230  1.00 9.24  ? 285 ILE B CG2 1 
ATOM   1410 C CD1 . ILE B 1 85 ? 2.534   6.092   -9.436  1.00 10.27 ? 285 ILE B CD1 1 
ATOM   1411 N N   . GLY B 1 86 ? 0.765   6.711   -4.658  1.00 11.09 ? 286 GLY B N   1 
ATOM   1412 C CA  . GLY B 1 86 ? -0.009  6.900   -3.440  1.00 10.89 ? 286 GLY B CA  1 
ATOM   1413 C C   . GLY B 1 86 ? -1.334  7.622   -3.621  1.00 9.16  ? 286 GLY B C   1 
ATOM   1414 O O   . GLY B 1 86 ? -1.671  8.066   -4.721  1.00 10.16 ? 286 GLY B O   1 
ATOM   1415 N N   . ARG B 1 87 ? -2.068  7.790   -2.526  1.00 9.20  ? 287 ARG B N   1 
ATOM   1416 C CA  . ARG B 1 87 ? -3.371  8.441   -2.574  1.00 10.37 ? 287 ARG B CA  1 
ATOM   1417 C C   . ARG B 1 87 ? -3.417  9.845   -3.180  1.00 10.41 ? 287 ARG B C   1 
ATOM   1418 O O   . ARG B 1 87 ? -4.435  10.233  -3.753  1.00 10.68 ? 287 ARG B O   1 
ATOM   1419 C CB  . ARG B 1 87 ? -4.025  8.420   -1.196  1.00 9.64  ? 287 ARG B CB  1 
ATOM   1420 C CG  . ARG B 1 87 ? -4.353  6.995   -0.705  1.00 11.18 ? 287 ARG B CG  1 
ATOM   1421 C CD  . ARG B 1 87 ? -5.119  7.009   0.610   1.00 10.96 ? 287 ARG B CD  1 
ATOM   1422 N NE  . ARG B 1 87 ? -4.371  7.668   1.680   1.00 11.14 ? 287 ARG B NE  1 
ATOM   1423 C CZ  . ARG B 1 87 ? -4.533  8.937   2.051   1.00 11.83 ? 287 ARG B CZ  1 
ATOM   1424 N NH1 . ARG B 1 87 ? -5.427  9.703   1.448   1.00 10.57 ? 287 ARG B NH1 1 
ATOM   1425 N NH2 . ARG B 1 87 ? -3.766  9.451   3.005   1.00 10.07 ? 287 ARG B NH2 1 
ATOM   1426 N N   . ASN B 1 88 ? -2.314  10.589  -3.105  1.00 11.04 ? 288 ASN B N   1 
ATOM   1427 C CA  . ASN B 1 88 ? -2.301  11.935  -3.670  1.00 10.57 ? 288 ASN B CA  1 
ATOM   1428 C C   . ASN B 1 88 ? -2.610  11.927  -5.171  1.00 11.29 ? 288 ASN B C   1 
ATOM   1429 O O   . ASN B 1 88 ? -3.252  12.846  -5.681  1.00 12.98 ? 288 ASN B O   1 
ATOM   1430 C CB  . ASN B 1 88 ? -0.971  12.645  -3.377  1.00 11.68 ? 288 ASN B CB  1 
ATOM   1431 C CG  . ASN B 1 88 ? 0.185   12.099  -4.191  1.00 11.73 ? 288 ASN B CG  1 
ATOM   1432 O OD1 . ASN B 1 88 ? 0.494   10.911  -4.138  1.00 11.55 ? 288 ASN B OD1 1 
ATOM   1433 N ND2 . ASN B 1 88 ? 0.845   12.978  -4.937  1.00 11.58 ? 288 ASN B ND2 1 
ATOM   1434 N N   . LEU B 1 89 ? -2.178  10.875  -5.867  1.00 10.61 ? 289 LEU B N   1 
ATOM   1435 C CA  . LEU B 1 89 ? -2.423  10.747  -7.307  1.00 11.62 ? 289 LEU B CA  1 
ATOM   1436 C C   . LEU B 1 89 ? -3.587  9.815   -7.623  1.00 10.72 ? 289 LEU B C   1 
ATOM   1437 O O   . LEU B 1 89 ? -4.259  9.988   -8.637  1.00 11.52 ? 289 LEU B O   1 
ATOM   1438 C CB  . LEU B 1 89 ? -1.170  10.261  -8.042  1.00 12.03 ? 289 LEU B CB  1 
ATOM   1439 C CG  . LEU B 1 89 ? 0.061   11.166  -7.939  1.00 13.23 ? 289 LEU B CG  1 
ATOM   1440 C CD1 . LEU B 1 89 ? 1.154   10.617  -8.839  1.00 11.81 ? 289 LEU B CD1 1 
ATOM   1441 C CD2 . LEU B 1 89 ? -0.290  12.612  -8.310  1.00 13.00 ? 289 LEU B CD2 1 
ATOM   1442 N N   . LEU B 1 90 ? -3.811  8.812   -6.771  1.00 11.62 ? 290 LEU B N   1 
ATOM   1443 C CA  . LEU B 1 90 ? -4.916  7.882   -6.976  1.00 11.09 ? 290 LEU B CA  1 
ATOM   1444 C C   . LEU B 1 90 ? -6.225  8.668   -6.957  1.00 12.46 ? 290 LEU B C   1 
ATOM   1445 O O   . LEU B 1 90 ? -7.143  8.365   -7.720  1.00 13.32 ? 290 LEU B O   1 
ATOM   1446 C CB  . LEU B 1 90 ? -4.932  6.792   -5.900  1.00 11.65 ? 290 LEU B CB  1 
ATOM   1447 C CG  . LEU B 1 90 ? -3.731  5.843   -5.841  1.00 12.00 ? 290 LEU B CG  1 
ATOM   1448 C CD1 . LEU B 1 90 ? -3.893  4.880   -4.687  1.00 11.85 ? 290 LEU B CD1 1 
ATOM   1449 C CD2 . LEU B 1 90 ? -3.574  5.082   -7.151  1.00 12.92 ? 290 LEU B CD2 1 
ATOM   1450 N N   . THR B 1 91 ? -6.303  9.688   -6.100  1.00 12.63 ? 291 THR B N   1 
ATOM   1451 C CA  . THR B 1 91 ? -7.502  10.525  -6.020  1.00 14.07 ? 291 THR B CA  1 
ATOM   1452 C C   . THR B 1 91 ? -7.670  11.383  -7.275  1.00 15.13 ? 291 THR B C   1 
ATOM   1453 O O   . THR B 1 91 ? -8.796  11.695  -7.669  1.00 14.99 ? 291 THR B O   1 
ATOM   1454 C CB  . THR B 1 91 ? -7.493  11.446  -4.776  1.00 15.03 ? 291 THR B CB  1 
ATOM   1455 O OG1 . THR B 1 91 ? -6.268  12.184  -4.728  1.00 14.26 ? 291 THR B OG1 1 
ATOM   1456 C CG2 . THR B 1 91 ? -7.662  10.634  -3.503  1.00 13.81 ? 291 THR B CG2 1 
ATOM   1457 N N   . GLN B 1 92 ? -6.552  11.761  -7.898  1.00 14.62 ? 292 GLN B N   1 
ATOM   1458 C CA  . GLN B 1 92 ? -6.588  12.571  -9.116  1.00 15.49 ? 292 GLN B CA  1 
ATOM   1459 C C   . GLN B 1 92 ? -7.179  11.826  -10.302 1.00 15.29 ? 292 GLN B C   1 
ATOM   1460 O O   . GLN B 1 92 ? -7.810  12.432  -11.169 1.00 16.80 ? 292 GLN B O   1 
ATOM   1461 C CB  . GLN B 1 92 ? -5.199  13.101  -9.478  1.00 14.68 ? 292 GLN B CB  1 
ATOM   1462 C CG  . GLN B 1 92 ? -4.754  14.267  -8.608  1.00 14.66 ? 292 GLN B CG  1 
ATOM   1463 C CD  . GLN B 1 92 ? -3.683  15.120  -9.261  1.00 12.35 ? 292 GLN B CD  1 
ATOM   1464 O OE1 . GLN B 1 92 ? -3.604  15.221  -10.482 1.00 13.28 ? 292 GLN B OE1 1 
ATOM   1465 N NE2 . GLN B 1 92 ? -2.869  15.762  -8.439  1.00 14.08 ? 292 GLN B NE2 1 
ATOM   1466 N N   . ILE B 1 93 ? -6.977  10.513  -10.338 1.00 15.17 ? 293 ILE B N   1 
ATOM   1467 C CA  . ILE B 1 93 ? -7.509  9.709   -11.431 1.00 16.90 ? 293 ILE B CA  1 
ATOM   1468 C C   . ILE B 1 93 ? -8.850  9.042   -11.098 1.00 16.78 ? 293 ILE B C   1 
ATOM   1469 O O   . ILE B 1 93 ? -9.303  8.141   -11.813 1.00 18.26 ? 293 ILE B O   1 
ATOM   1470 C CB  . ILE B 1 93 ? -6.470  8.679   -11.934 1.00 16.95 ? 293 ILE B CB  1 
ATOM   1471 C CG1 . ILE B 1 93 ? -6.141  7.657   -10.842 1.00 15.91 ? 293 ILE B CG1 1 
ATOM   1472 C CG2 . ILE B 1 93 ? -5.215  9.413   -12.394 1.00 17.01 ? 293 ILE B CG2 1 
ATOM   1473 C CD1 . ILE B 1 93 ? -5.032  6.696   -11.223 1.00 17.72 ? 293 ILE B CD1 1 
ATOM   1474 N N   . GLY B 1 94 ? -9.470  9.501   -10.012 1.00 15.37 ? 294 GLY B N   1 
ATOM   1475 C CA  . GLY B 1 94 ? -10.761 8.993   -9.590  1.00 15.53 ? 294 GLY B CA  1 
ATOM   1476 C C   . GLY B 1 94 ? -10.813 7.528   -9.213  1.00 17.27 ? 294 GLY B C   1 
ATOM   1477 O O   . GLY B 1 94 ? -11.809 6.850   -9.472  1.00 17.02 ? 294 GLY B O   1 
ATOM   1478 N N   . MET B 1 95 ? -9.747  7.035   -8.594  1.00 17.35 ? 295 MET B N   1 
ATOM   1479 C CA  . MET B 1 95 ? -9.697  5.640   -8.176  1.00 16.93 ? 295 MET B CA  1 
ATOM   1480 C C   . MET B 1 95 ? -10.247 5.456   -6.763  1.00 15.53 ? 295 MET B C   1 
ATOM   1481 O O   . MET B 1 95 ? -10.048 6.295   -5.885  1.00 16.26 ? 295 MET B O   1 
ATOM   1482 C CB  . MET B 1 95 ? -8.269  5.106   -8.273  1.00 18.53 ? 295 MET B CB  1 
ATOM   1483 C CG  . MET B 1 95 ? -8.208  3.599   -8.306  1.00 21.28 ? 295 MET B CG  1 
ATOM   1484 S SD  . MET B 1 95 ? -6.670  2.994   -8.956  1.00 26.27 ? 295 MET B SD  1 
ATOM   1485 C CE  . MET B 1 95 ? -6.725  3.592   -10.618 1.00 21.13 ? 295 MET B CE  1 
ATOM   1486 N N   . THR B 1 96 ? -10.985 4.374   -6.560  1.00 14.31 ? 296 THR B N   1 
ATOM   1487 C CA  . THR B 1 96 ? -11.570 4.082   -5.254  1.00 14.36 ? 296 THR B CA  1 
ATOM   1488 C C   . THR B 1 96 ? -11.507 2.588   -4.977  1.00 12.94 ? 296 THR B C   1 
ATOM   1489 O O   . THR B 1 96 ? -11.166 1.792   -5.858  1.00 13.08 ? 296 THR B O   1 
ATOM   1490 C CB  . THR B 1 96 ? -13.071 4.493   -5.186  1.00 14.66 ? 296 THR B CB  1 
ATOM   1491 O OG1 . THR B 1 96 ? -13.801 3.837   -6.233  1.00 14.13 ? 296 THR B OG1 1 
ATOM   1492 C CG2 . THR B 1 96 ? -13.245 6.000   -5.306  1.00 14.04 ? 296 THR B CG2 1 
ATOM   1493 N N   . LEU B 1 97 ? -11.807 2.219   -3.737  1.00 11.87 ? 297 LEU B N   1 
ATOM   1494 C CA  . LEU B 1 97 ? -11.854 0.818   -3.343  1.00 13.42 ? 297 LEU B CA  1 
ATOM   1495 C C   . LEU B 1 97 ? -13.335 0.403   -3.321  1.00 13.51 ? 297 LEU B C   1 
ATOM   1496 O O   . LEU B 1 97 ? -14.178 1.120   -2.791  1.00 13.79 ? 297 LEU B O   1 
ATOM   1497 C CB  . LEU B 1 97 ? -11.190 0.603   -1.974  1.00 13.18 ? 297 LEU B CB  1 
ATOM   1498 C CG  . LEU B 1 97 ? -9.655  0.531   -1.998  1.00 12.10 ? 297 LEU B CG  1 
ATOM   1499 C CD1 . LEU B 1 97 ? -9.106  0.527   -0.582  1.00 11.62 ? 297 LEU B CD1 1 
ATOM   1500 C CD2 . LEU B 1 97 ? -9.200  -0.715  -2.760  1.00 11.66 ? 297 LEU B CD2 1 
ATOM   1501 N N   . ASN B 1 98 ? -13.645 -0.743  -3.916  1.00 13.37 ? 298 ASN B N   1 
ATOM   1502 C CA  . ASN B 1 98 ? -15.024 -1.210  -3.988  1.00 14.39 ? 298 ASN B CA  1 
ATOM   1503 C C   . ASN B 1 98 ? -15.181 -2.686  -3.626  1.00 15.07 ? 298 ASN B C   1 
ATOM   1504 O O   . ASN B 1 98 ? -14.343 -3.516  -3.976  1.00 14.02 ? 298 ASN B O   1 
ATOM   1505 C CB  . ASN B 1 98 ? -15.579 -0.953  -5.391  1.00 15.79 ? 298 ASN B CB  1 
ATOM   1506 C CG  . ASN B 1 98 ? -15.559 0.526   -5.773  1.00 18.41 ? 298 ASN B CG  1 
ATOM   1507 O OD1 . ASN B 1 98 ? -16.566 1.229   -5.642  1.00 21.03 ? 298 ASN B OD1 1 
ATOM   1508 N ND2 . ASN B 1 98 ? -14.412 1.001   -6.249  1.00 16.60 ? 298 ASN B ND2 1 
ATOM   1509 N N   . PHE B 1 99 ? -16.252 -2.997  -2.900  1.00 16.20 ? 299 PHE B N   1 
ATOM   1510 C CA  . PHE B 1 99 ? -16.541 -4.370  -2.503  1.00 17.86 ? 299 PHE B CA  1 
ATOM   1511 C C   . PHE B 1 99 ? -18.046 -4.594  -2.358  1.00 19.10 ? 299 PHE B C   1 
ATOM   1512 O O   . PHE B 1 99 ? -18.445 -5.762  -2.164  1.00 20.42 ? 299 PHE B O   1 
ATOM   1513 C CB  . PHE B 1 99 ? -15.812 -4.739  -1.205  1.00 17.76 ? 299 PHE B CB  1 
ATOM   1514 C CG  . PHE B 1 99 ? -16.391 -4.097  0.029   1.00 22.29 ? 299 PHE B CG  1 
ATOM   1515 C CD1 . PHE B 1 99 ? -16.113 -2.769  0.340   1.00 23.69 ? 299 PHE B CD1 1 
ATOM   1516 C CD2 . PHE B 1 99 ? -17.187 -4.836  0.903   1.00 23.33 ? 299 PHE B CD2 1 
ATOM   1517 C CE1 . PHE B 1 99 ? -16.611 -2.187  1.507   1.00 24.54 ? 299 PHE B CE1 1 
ATOM   1518 C CE2 . PHE B 1 99 ? -17.690 -4.266  2.068   1.00 23.56 ? 299 PHE B CE2 1 
ATOM   1519 C CZ  . PHE B 1 99 ? -17.399 -2.940  2.370   1.00 25.38 ? 299 PHE B CZ  1 
ATOM   1520 O OXT . PHE B 1 99 ? -18.808 -3.607  -2.467  1.00 17.11 ? 299 PHE B OXT 1 
HETATM 1521 C C   . QFI C 2 .  ? 4.528   6.425   3.545   1.00 14.45 ? 300 QFI B C   1 
HETATM 1522 O O   . QFI C 2 .  ? 3.566   7.595   1.652   1.00 15.69 ? 300 QFI B O   1 
HETATM 1523 C C5  . QFI C 2 .  ? 4.671   5.529   2.309   1.00 14.89 ? 300 QFI B C5  1 
HETATM 1524 O O4  . QFI C 2 .  ? 3.709   4.463   2.319   1.00 14.76 ? 300 QFI B O4  1 
HETATM 1525 C C4  . QFI C 2 .  ? 4.161   3.232   2.597   1.00 14.79 ? 300 QFI B C4  1 
HETATM 1526 N N1  . QFI C 2 .  ? 3.112   2.386   2.580   1.00 13.78 ? 300 QFI B N1  1 
HETATM 1527 C C6  . QFI C 2 .  ? 3.274   0.980   2.850   1.00 12.75 ? 300 QFI B C6  1 
HETATM 1528 C C7  . QFI C 2 .  ? 2.760   0.259   1.584   1.00 13.30 ? 300 QFI B C7  1 
HETATM 1529 C C15 . QFI C 2 .  ? 3.031   -1.268  1.637   1.00 13.36 ? 300 QFI B C15 1 
HETATM 1530 N N2  . QFI C 2 .  ? 4.493   -1.503  1.648   1.00 14.20 ? 300 QFI B N2  1 
HETATM 1531 C C16 . QFI C 2 .  ? 4.820   -2.290  0.440   1.00 18.01 ? 300 QFI B C16 1 
HETATM 1532 C C17 . QFI C 2 .  ? 5.386   -1.413  -0.707  1.00 19.76 ? 300 QFI B C17 1 
HETATM 1533 C C24 . QFI C 2 .  ? 5.545   0.049   -0.247  1.00 23.55 ? 300 QFI B C24 1 
HETATM 1534 C C25 . QFI C 2 .  ? 6.780   -1.927  -1.082  1.00 26.76 ? 300 QFI B C25 1 
HETATM 1535 S S   . QFI C 2 .  ? 5.015   -2.306  3.059   1.00 14.69 ? 300 QFI B S   1 
HETATM 1536 C C18 . QFI C 2 .  ? 4.725   -4.024  2.933   1.00 14.48 ? 300 QFI B C18 1 
HETATM 1537 C C19 . QFI C 2 .  ? 3.511   -4.570  3.384   1.00 16.20 ? 300 QFI B C19 1 
HETATM 1538 C C20 . QFI C 2 .  ? 3.272   -5.952  3.267   1.00 14.95 ? 300 QFI B C20 1 
HETATM 1539 C C21 . QFI C 2 .  ? 4.238   -6.797  2.700   1.00 16.02 ? 300 QFI B C21 1 
HETATM 1540 O O1  . QFI C 2 .  ? 3.978   -8.169  2.585   1.00 17.28 ? 300 QFI B O1  1 
HETATM 1541 C C26 . QFI C 2 .  ? 4.981   -8.953  1.914   1.00 15.32 ? 300 QFI B C26 1 
HETATM 1542 C C22 . QFI C 2 .  ? 5.458   -6.246  2.255   1.00 15.41 ? 300 QFI B C22 1 
HETATM 1543 C C23 . QFI C 2 .  ? 5.699   -4.864  2.371   1.00 15.73 ? 300 QFI B C23 1 
HETATM 1544 O O7  . QFI C 2 .  ? 4.287   -1.751  4.239   1.00 13.04 ? 300 QFI B O7  1 
HETATM 1545 O O8  . QFI C 2 .  ? 6.483   -2.065  3.220   1.00 16.35 ? 300 QFI B O8  1 
HETATM 1546 O O6  . QFI C 2 .  ? 1.368   0.503   1.498   1.00 13.71 ? 300 QFI B O6  1 
HETATM 1547 C C8  . QFI C 2 .  ? 2.426   0.572   4.078   1.00 13.16 ? 300 QFI B C8  1 
HETATM 1548 C C9  . QFI C 2 .  ? 2.686   1.488   5.269   1.00 14.97 ? 300 QFI B C9  1 
HETATM 1549 C C10 . QFI C 2 .  ? 3.857   1.334   6.040   1.00 15.22 ? 300 QFI B C10 1 
HETATM 1550 C C12 . QFI C 2 .  ? 4.090   2.184   7.140   1.00 17.31 ? 300 QFI B C12 1 
HETATM 1551 C C14 . QFI C 2 .  ? 3.149   3.188   7.470   1.00 19.50 ? 300 QFI B C14 1 
HETATM 1552 O O40 . QFI C 2 .  ? 3.376   4.029   8.554   1.00 21.83 ? 300 QFI B O40 1 
HETATM 1553 C C41 . QFI C 2 .  ? 4.456   4.927   8.347   1.00 27.86 ? 300 QFI B C41 1 
HETATM 1554 P P42 . QFI C 2 .  ? 4.601   6.058   9.765   1.00 28.62 ? 300 QFI B P42 1 
HETATM 1555 O O45 . QFI C 2 .  ? 3.249   6.889   9.933   1.00 29.01 ? 300 QFI B O45 1 
HETATM 1556 O O44 . QFI C 2 .  ? 5.736   6.976   9.517   1.00 32.53 ? 300 QFI B O44 1 
HETATM 1557 O O43 . QFI C 2 .  ? 4.862   5.223   11.099  1.00 28.65 ? 300 QFI B O43 1 
HETATM 1558 C C13 . QFI C 2 .  ? 1.980   3.339   6.694   1.00 16.75 ? 300 QFI B C13 1 
HETATM 1559 C C11 . QFI C 2 .  ? 1.749   2.490   5.596   1.00 14.01 ? 300 QFI B C11 1 
HETATM 1560 O O5  . QFI C 2 .  ? 5.322   2.925   2.841   1.00 12.09 ? 300 QFI B O5  1 
HETATM 1561 C C3  . QFI C 2 .  ? 4.268   6.439   1.125   1.00 14.73 ? 300 QFI B C3  1 
HETATM 1562 C C27 . QFI C 2 .  ? 3.534   7.490   3.083   1.00 15.67 ? 300 QFI B C27 1 
HETATM 1563 O O9  . QFI C 2 .  ? 2.244   7.084   3.545   1.00 15.05 ? 300 QFI B O9  1 
HETATM 1564 C C2  . QFI C 2 .  ? 2.430   6.449   4.812   1.00 16.44 ? 300 QFI B C2  1 
HETATM 1565 C C1  . QFI C 2 .  ? 3.793   5.737   4.716   1.00 14.85 ? 300 QFI B C1  1 
HETATM 1566 O O   . HOH D 3 .  ? 0.610   -5.522  -3.950  1.00 13.50 ? 301 HOH A O   1 
HETATM 1567 O O   . HOH D 3 .  ? 11.751  -14.068 4.405   1.00 14.46 ? 305 HOH A O   1 
HETATM 1568 O O   . HOH D 3 .  ? -9.553  -8.503  -5.708  1.00 15.16 ? 306 HOH A O   1 
HETATM 1569 O O   . HOH D 3 .  ? -11.419 -16.683 2.940   1.00 16.85 ? 310 HOH A O   1 
HETATM 1570 O O   . HOH D 3 .  ? 4.000   -5.824  -0.514  1.00 14.37 ? 311 HOH A O   1 
HETATM 1571 O O   . HOH D 3 .  ? -11.571 -10.569 -5.113  1.00 15.47 ? 314 HOH A O   1 
HETATM 1572 O O   . HOH D 3 .  ? 12.856  -6.338  12.690  1.00 19.09 ? 319 HOH A O   1 
HETATM 1573 O O   . HOH D 3 .  ? 4.477   -4.407  17.521  1.00 18.08 ? 323 HOH A O   1 
HETATM 1574 O O   . HOH D 3 .  ? 8.756   -7.847  1.142   1.00 24.32 ? 325 HOH A O   1 
HETATM 1575 O O   . HOH D 3 .  ? -0.742  -11.780 -1.823  1.00 22.49 ? 329 HOH A O   1 
HETATM 1576 O O   . HOH D 3 .  ? -6.103  10.247  6.162   1.00 20.15 ? 330 HOH A O   1 
HETATM 1577 O O   . HOH D 3 .  ? -15.317 -5.310  -6.152  1.00 19.87 ? 331 HOH A O   1 
HETATM 1578 O O   . HOH D 3 .  ? 3.317   -5.143  -3.350  1.00 21.04 ? 334 HOH A O   1 
HETATM 1579 O O   . HOH D 3 .  ? -7.798  -18.245 13.614  1.00 25.98 ? 335 HOH A O   1 
HETATM 1580 O O   . HOH D 3 .  ? -3.483  -11.625 -3.487  1.00 24.25 ? 336 HOH A O   1 
HETATM 1581 O O   . HOH D 3 .  ? -10.590 6.137   2.856   1.00 17.54 ? 338 HOH A O   1 
HETATM 1582 O O   . HOH D 3 .  ? 10.672  -12.809 0.974   1.00 29.16 ? 346 HOH A O   1 
HETATM 1583 O O   . HOH D 3 .  ? -17.076 6.892   -0.927  1.00 38.27 ? 347 HOH A O   1 
HETATM 1584 O O   . HOH D 3 .  ? -3.160  0.587   12.777  1.00 24.07 ? 348 HOH A O   1 
HETATM 1585 O O   . HOH D 3 .  ? -11.436 7.887   -13.466 1.00 27.38 ? 349 HOH A O   1 
HETATM 1586 O O   . HOH D 3 .  ? 11.458  -19.301 7.868   1.00 25.07 ? 353 HOH A O   1 
HETATM 1587 O O   . HOH D 3 .  ? -6.005  -0.229  16.531  1.00 34.59 ? 358 HOH A O   1 
HETATM 1588 O O   . HOH D 3 .  ? -8.743  14.679  5.200   1.00 23.45 ? 362 HOH A O   1 
HETATM 1589 O O   . HOH D 3 .  ? 4.544   -2.067  16.018  1.00 22.76 ? 363 HOH A O   1 
HETATM 1590 O O   . HOH D 3 .  ? -15.463 7.746   -3.112  1.00 31.49 ? 366 HOH A O   1 
HETATM 1591 O O   . HOH D 3 .  ? 6.792   -11.127 15.529  1.00 25.92 ? 367 HOH A O   1 
HETATM 1592 O O   . HOH D 3 .  ? -8.965  -14.965 14.841  1.00 25.47 ? 369 HOH A O   1 
HETATM 1593 O O   . HOH D 3 .  ? -14.910 -1.084  10.017  1.00 27.81 ? 373 HOH A O   1 
HETATM 1594 O O   . HOH D 3 .  ? -2.266  -10.678 21.761  1.00 28.44 ? 374 HOH A O   1 
HETATM 1595 O O   . HOH D 3 .  ? -15.247 6.151   2.241   1.00 24.75 ? 375 HOH A O   1 
HETATM 1596 O O   . HOH D 3 .  ? -9.053  7.696   7.470   1.00 27.21 ? 376 HOH A O   1 
HETATM 1597 O O   . HOH D 3 .  ? -1.887  -6.894  20.216  1.00 22.87 ? 381 HOH A O   1 
HETATM 1598 O O   . HOH D 3 .  ? 3.704   -15.063 3.140   1.00 27.71 ? 384 HOH A O   1 
HETATM 1599 O O   . HOH D 3 .  ? -4.150  -19.110 5.021   1.00 30.75 ? 385 HOH A O   1 
HETATM 1600 O O   . HOH D 3 .  ? -16.619 -12.388 -0.861  1.00 35.63 ? 386 HOH A O   1 
HETATM 1601 O O   . HOH D 3 .  ? -17.236 9.974   -5.016  1.00 33.49 ? 387 HOH A O   1 
HETATM 1602 O O   . HOH D 3 .  ? 0.524   -12.416 -5.700  1.00 28.15 ? 391 HOH A O   1 
HETATM 1603 O O   . HOH D 3 .  ? -13.216 9.056   4.701   1.00 21.54 ? 392 HOH A O   1 
HETATM 1604 O O   . HOH D 3 .  ? 10.327  -1.923  13.430  1.00 31.38 ? 395 HOH A O   1 
HETATM 1605 O O   . HOH D 3 .  ? 2.177   -0.781  17.390  1.00 32.23 ? 396 HOH A O   1 
HETATM 1606 O O   . HOH D 3 .  ? -12.307 2.409   4.975   1.00 36.39 ? 398 HOH A O   1 
HETATM 1607 O O   . HOH D 3 .  ? 6.413   -22.376 15.656  1.00 35.10 ? 401 HOH A O   1 
HETATM 1608 O O   . HOH D 3 .  ? -3.391  5.858   9.953   1.00 36.85 ? 408 HOH A O   1 
HETATM 1609 O O   . HOH D 3 .  ? -20.292 5.312   -0.245  1.00 42.16 ? 409 HOH A O   1 
HETATM 1610 O O   . HOH D 3 .  ? 14.106  -1.863  9.229   1.00 30.60 ? 410 HOH A O   1 
HETATM 1611 O O   . HOH D 3 .  ? 8.145   -6.895  17.337  1.00 32.23 ? 413 HOH A O   1 
HETATM 1612 O O   . HOH D 3 .  ? -11.969 -12.921 16.917  1.00 33.14 ? 414 HOH A O   1 
HETATM 1613 O O   . HOH D 3 .  ? -16.095 1.871   12.420  1.00 43.48 ? 422 HOH A O   1 
HETATM 1614 O O   . HOH D 3 .  ? 6.663   -7.384  -0.998  1.00 29.17 ? 423 HOH A O   1 
HETATM 1615 O O   . HOH D 3 .  ? -0.343  -23.448 5.656   1.00 38.24 ? 426 HOH A O   1 
HETATM 1616 O O   . HOH D 3 .  ? 5.512   -11.119 -0.384  1.00 40.29 ? 427 HOH A O   1 
HETATM 1617 O O   . HOH D 3 .  ? -18.799 -14.042 5.221   1.00 37.55 ? 435 HOH A O   1 
HETATM 1618 O O   . HOH D 3 .  ? 16.110  -5.764  9.154   1.00 32.73 ? 438 HOH A O   1 
HETATM 1619 O O   . HOH D 3 .  ? -4.276  9.309   8.499   1.00 40.82 ? 440 HOH A O   1 
HETATM 1620 O O   . HOH D 3 .  ? 10.800  -6.293  -0.729  1.00 40.20 ? 441 HOH A O   1 
HETATM 1621 O O   . HOH D 3 .  ? 10.387  -9.358  15.035  1.00 33.47 ? 443 HOH A O   1 
HETATM 1622 O O   . HOH D 3 .  ? -9.771  10.024  8.791   1.00 45.44 ? 445 HOH A O   1 
HETATM 1623 O O   . HOH D 3 .  ? 8.805   -16.621 0.771   1.00 42.52 ? 446 HOH A O   1 
HETATM 1624 O O   . HOH D 3 .  ? -13.268 2.201   11.367  1.00 36.92 ? 448 HOH A O   1 
HETATM 1625 O O   . HOH D 3 .  ? 9.961   -21.190 14.166  1.00 36.48 ? 449 HOH A O   1 
HETATM 1626 O O   . HOH D 3 .  ? -0.576  -12.290 4.660   1.00 34.00 ? 450 HOH A O   1 
HETATM 1627 O O   . HOH D 3 .  ? -13.704 -10.565 22.169  1.00 43.14 ? 454 HOH A O   1 
HETATM 1628 O O   . HOH D 3 .  ? -0.082  11.065  9.959   1.00 43.15 ? 455 HOH A O   1 
HETATM 1629 O O   . HOH D 3 .  ? 7.704   -14.509 -1.354  1.00 40.15 ? 457 HOH A O   1 
HETATM 1630 O O   . HOH D 3 .  ? 16.511  -12.988 14.494  1.00 31.01 ? 458 HOH A O   1 
HETATM 1631 O O   . HOH D 3 .  ? -12.301 5.486   -16.783 1.00 30.14 ? 463 HOH A O   1 
HETATM 1632 O O   . HOH D 3 .  ? 2.645   -18.645 18.595  1.00 44.09 ? 464 HOH A O   1 
HETATM 1633 O O   . HOH D 3 .  ? -11.845 -13.271 14.000  1.00 31.91 ? 465 HOH A O   1 
HETATM 1634 O O   . HOH D 3 .  ? 4.115   2.843   15.936  1.00 42.24 ? 466 HOH A O   1 
HETATM 1635 O O   . HOH D 3 .  ? 1.850   -15.491 19.031  1.00 37.80 ? 467 HOH A O   1 
HETATM 1636 O O   . HOH D 3 .  ? -17.783 -8.190  -1.140  1.00 40.07 ? 468 HOH A O   1 
HETATM 1637 O O   . HOH D 3 .  ? 17.014  -10.352 12.462  1.00 47.38 ? 476 HOH A O   1 
HETATM 1638 O O   . HOH D 3 .  ? -2.495  -18.371 22.145  1.00 45.96 ? 477 HOH A O   1 
HETATM 1639 O O   . HOH D 3 .  ? -15.727 -13.177 2.504   1.00 48.05 ? 479 HOH A O   1 
HETATM 1640 O O   . HOH D 3 .  ? -8.726  -5.628  21.360  1.00 31.31 ? 481 HOH A O   1 
HETATM 1641 O O   . HOH D 3 .  ? -20.391 -11.812 13.598  1.00 41.18 ? 488 HOH A O   1 
HETATM 1642 O O   . HOH D 3 .  ? -4.654  -2.265  17.498  1.00 40.58 ? 490 HOH A O   1 
HETATM 1643 O O   . HOH E 3 .  ? -3.384  5.341   3.026   1.00 10.43 ? 302 HOH B O   1 
HETATM 1644 O O   . HOH E 3 .  ? -0.981  5.497   4.464   1.00 13.35 ? 303 HOH B O   1 
HETATM 1645 O O   . HOH E 3 .  ? 0.047   15.780  -5.142  1.00 13.54 ? 304 HOH B O   1 
HETATM 1646 O O   . HOH E 3 .  ? 6.852   0.724   3.384   1.00 12.11 ? 307 HOH B O   1 
HETATM 1647 O O   . HOH E 3 .  ? 2.235   19.144  -6.451  1.00 13.18 ? 308 HOH B O   1 
HETATM 1648 O O   . HOH E 3 .  ? 3.874   12.222  -3.536  1.00 14.88 ? 309 HOH B O   1 
HETATM 1649 O O   . HOH E 3 .  ? 6.511   14.472  -16.830 1.00 15.50 ? 312 HOH B O   1 
HETATM 1650 O O   . HOH E 3 .  ? -11.072 8.201   -4.226  1.00 16.01 ? 313 HOH B O   1 
HETATM 1651 O O   . HOH E 3 .  ? 6.245   17.779  -15.391 1.00 19.06 ? 315 HOH B O   1 
HETATM 1652 O O   . HOH E 3 .  ? 9.102   10.145  -25.025 1.00 17.57 ? 316 HOH B O   1 
HETATM 1653 O O   . HOH E 3 .  ? -2.891  15.561  -5.521  1.00 17.45 ? 317 HOH B O   1 
HETATM 1654 O O   . HOH E 3 .  ? -3.808  -6.386  -9.645  1.00 17.88 ? 318 HOH B O   1 
HETATM 1655 O O   . HOH E 3 .  ? 9.873   0.688   -14.658 1.00 20.83 ? 320 HOH B O   1 
HETATM 1656 O O   . HOH E 3 .  ? -12.080 -11.825 -8.399  1.00 20.58 ? 321 HOH B O   1 
HETATM 1657 O O   . HOH E 3 .  ? 1.917   -10.358 -8.219  1.00 20.71 ? 322 HOH B O   1 
HETATM 1658 O O   . HOH E 3 .  ? -3.246  -5.998  -12.409 1.00 21.27 ? 324 HOH B O   1 
HETATM 1659 O O   . HOH E 3 .  ? 7.952   4.538   9.775   1.00 19.62 ? 326 HOH B O   1 
HETATM 1660 O O   . HOH E 3 .  ? -7.901  -7.160  -12.913 1.00 21.74 ? 327 HOH B O   1 
HETATM 1661 O O   . HOH E 3 .  ? 16.091  5.084   -6.065  1.00 19.23 ? 328 HOH B O   1 
HETATM 1662 O O   . HOH E 3 .  ? 13.731  2.189   1.576   1.00 20.21 ? 332 HOH B O   1 
HETATM 1663 O O   . HOH E 3 .  ? 14.862  2.735   -5.127  1.00 19.12 ? 333 HOH B O   1 
HETATM 1664 O O   . HOH E 3 .  ? 9.771   4.998   -22.530 1.00 26.46 ? 337 HOH B O   1 
HETATM 1665 O O   . HOH E 3 .  ? 11.174  6.224   -11.042 1.00 21.52 ? 339 HOH B O   1 
HETATM 1666 O O   . HOH E 3 .  ? 16.591  17.760  -9.524  1.00 20.08 ? 340 HOH B O   1 
HETATM 1667 O O   . HOH E 3 .  ? 12.880  -3.963  -5.028  1.00 21.37 ? 341 HOH B O   1 
HETATM 1668 O O   . HOH E 3 .  ? 5.755   -5.086  -4.899  1.00 22.95 ? 342 HOH B O   1 
HETATM 1669 O O   . HOH E 3 .  ? -5.812  14.286  -2.819  1.00 19.23 ? 343 HOH B O   1 
HETATM 1670 O O   . HOH E 3 .  ? 0.099   5.911   -18.188 1.00 24.62 ? 344 HOH B O   1 
HETATM 1671 O O   . HOH E 3 .  ? 17.709  25.476  -0.734  1.00 18.62 ? 345 HOH B O   1 
HETATM 1672 O O   . HOH E 3 .  ? 4.236   11.009  4.153   1.00 21.26 ? 350 HOH B O   1 
HETATM 1673 O O   . HOH E 3 .  ? 7.040   20.493  -14.505 1.00 22.00 ? 351 HOH B O   1 
HETATM 1674 O O   . HOH E 3 .  ? 17.626  6.504   -4.320  1.00 23.07 ? 352 HOH B O   1 
HETATM 1675 O O   . HOH E 3 .  ? 11.350  2.781   -12.864 1.00 27.32 ? 354 HOH B O   1 
HETATM 1676 O O   . HOH E 3 .  ? -2.163  12.159  0.242   1.00 23.52 ? 355 HOH B O   1 
HETATM 1677 O O   . HOH E 3 .  ? 18.662  19.287  -8.346  1.00 19.61 ? 356 HOH B O   1 
HETATM 1678 O O   . HOH E 3 .  ? 16.320  10.706  -2.707  1.00 30.20 ? 357 HOH B O   1 
HETATM 1679 O O   . HOH E 3 .  ? -13.972 5.136   -8.858  1.00 20.66 ? 359 HOH B O   1 
HETATM 1680 O O   . HOH E 3 .  ? 5.751   12.488  -19.889 1.00 26.37 ? 360 HOH B O   1 
HETATM 1681 O O   . HOH E 3 .  ? 9.201   21.091  -7.664  1.00 19.38 ? 361 HOH B O   1 
HETATM 1682 O O   . HOH E 3 .  ? 14.741  25.599  -0.461  1.00 33.66 ? 364 HOH B O   1 
HETATM 1683 O O   . HOH E 3 .  ? 5.377   9.052   5.962   1.00 28.71 ? 365 HOH B O   1 
HETATM 1684 O O   . HOH E 3 .  ? 4.956   15.205  -0.109  1.00 30.35 ? 368 HOH B O   1 
HETATM 1685 O O   . HOH E 3 .  ? 15.029  15.216  1.846   1.00 27.26 ? 370 HOH B O   1 
HETATM 1686 O O   . HOH E 3 .  ? 9.570   15.799  6.297   1.00 26.31 ? 371 HOH B O   1 
HETATM 1687 O O   . HOH E 3 .  ? 16.252  4.335   -10.657 1.00 25.94 ? 372 HOH B O   1 
HETATM 1688 O O   . HOH E 3 .  ? 0.636   13.187  2.404   1.00 30.88 ? 377 HOH B O   1 
HETATM 1689 O O   . HOH E 3 .  ? 3.346   12.081  -18.490 1.00 27.76 ? 378 HOH B O   1 
HETATM 1690 O O   . HOH E 3 .  ? -19.108 -2.393  -4.746  1.00 28.45 ? 380 HOH B O   1 
HETATM 1691 O O   . HOH E 3 .  ? 13.035  24.102  -3.051  1.00 29.61 ? 382 HOH B O   1 
HETATM 1692 O O   . HOH E 3 .  ? 9.652   20.775  -10.689 1.00 28.17 ? 383 HOH B O   1 
HETATM 1693 O O   . HOH E 3 .  ? 0.902   -8.104  -11.577 1.00 25.21 ? 388 HOH B O   1 
HETATM 1694 O O   . HOH E 3 .  ? 2.927   19.126  -15.990 1.00 27.90 ? 389 HOH B O   1 
HETATM 1695 O O   . HOH E 3 .  ? 15.749  19.431  -11.526 1.00 28.92 ? 390 HOH B O   1 
HETATM 1696 O O   . HOH E 3 .  ? 0.217   11.381  -23.474 1.00 28.93 ? 393 HOH B O   1 
HETATM 1697 O O   . HOH E 3 .  ? 9.370   21.072  -4.291  1.00 22.38 ? 394 HOH B O   1 
HETATM 1698 O O   . HOH E 3 .  ? 4.845   11.463  -24.270 1.00 30.75 ? 397 HOH B O   1 
HETATM 1699 O O   . HOH E 3 .  ? 15.316  9.816   -15.649 1.00 35.24 ? 399 HOH B O   1 
HETATM 1700 O O   . HOH E 3 .  ? -19.133 0.281   -5.572  1.00 32.19 ? 400 HOH B O   1 
HETATM 1701 O O   . HOH E 3 .  ? 15.078  6.564   -13.686 1.00 44.12 ? 402 HOH B O   1 
HETATM 1702 O O   . HOH E 3 .  ? -4.673  12.056  4.085   1.00 37.26 ? 403 HOH B O   1 
HETATM 1703 O O   . HOH E 3 .  ? 12.900  3.446   -15.425 1.00 35.89 ? 404 HOH B O   1 
HETATM 1704 O O   . HOH E 3 .  ? 6.817   21.084  -11.888 1.00 26.41 ? 405 HOH B O   1 
HETATM 1705 O O   . HOH E 3 .  ? 5.783   17.976  2.944   1.00 37.77 ? 406 HOH B O   1 
HETATM 1706 O O   . HOH E 3 .  ? 6.942   -4.090  -13.053 1.00 29.26 ? 407 HOH B O   1 
HETATM 1707 O O   . HOH E 3 .  ? 9.935   -0.073  11.461  1.00 27.25 ? 411 HOH B O   1 
HETATM 1708 O O   . HOH E 3 .  ? -6.160  12.064  -19.094 1.00 37.71 ? 412 HOH B O   1 
HETATM 1709 O O   . HOH E 3 .  ? 15.093  21.838  -14.933 1.00 28.86 ? 415 HOH B O   1 
HETATM 1710 O O   . HOH E 3 .  ? 7.585   23.379  -7.868  1.00 33.74 ? 417 HOH B O   1 
HETATM 1711 O O   . HOH E 3 .  ? 8.696   -0.459  -10.858 1.00 41.64 ? 418 HOH B O   1 
HETATM 1712 O O   . HOH E 3 .  ? 16.552  16.917  5.291   1.00 28.23 ? 420 HOH B O   1 
HETATM 1713 O O   . HOH E 3 .  ? 2.735   8.720   8.198   1.00 26.92 ? 421 HOH B O   1 
HETATM 1714 O O   . HOH E 3 .  ? -3.033  10.365  -21.449 1.00 38.49 ? 424 HOH B O   1 
HETATM 1715 O O   . HOH E 3 .  ? 17.189  8.035   2.684   1.00 30.90 ? 425 HOH B O   1 
HETATM 1716 O O   . HOH E 3 .  ? 6.429   23.805  -4.561  1.00 33.57 ? 428 HOH B O   1 
HETATM 1717 O O   . HOH E 3 .  ? -4.185  -14.047 -11.087 1.00 35.68 ? 429 HOH B O   1 
HETATM 1718 O O   . HOH E 3 .  ? 17.268  8.387   6.047   1.00 37.58 ? 432 HOH B O   1 
HETATM 1719 O O   . HOH E 3 .  ? 9.553   2.842   11.785  1.00 37.82 ? 433 HOH B O   1 
HETATM 1720 O O   . HOH E 3 .  ? -1.781  11.459  6.445   1.00 33.77 ? 434 HOH B O   1 
HETATM 1721 O O   . HOH E 3 .  ? 2.221   13.663  -1.644  1.00 23.88 ? 437 HOH B O   1 
HETATM 1722 O O   . HOH E 3 .  ? 4.990   21.938  -1.808  1.00 31.24 ? 439 HOH B O   1 
HETATM 1723 O O   . HOH E 3 .  ? -13.974 8.934   -8.230  1.00 27.27 ? 442 HOH B O   1 
HETATM 1724 O O   . HOH E 3 .  ? -5.338  12.358  -0.782  1.00 36.41 ? 444 HOH B O   1 
HETATM 1725 O O   . HOH E 3 .  ? -7.884  -4.984  -15.434 1.00 42.27 ? 447 HOH B O   1 
HETATM 1726 O O   . HOH E 3 .  ? 17.444  9.566   -0.437  1.00 36.29 ? 451 HOH B O   1 
HETATM 1727 O O   . HOH E 3 .  ? 18.066  15.407  -11.716 1.00 40.91 ? 453 HOH B O   1 
HETATM 1728 O O   . HOH E 3 .  ? -13.560 11.734  -8.622  1.00 41.20 ? 456 HOH B O   1 
HETATM 1729 O O   . HOH E 3 .  ? 0.643   6.589   11.148  1.00 36.04 ? 459 HOH B O   1 
HETATM 1730 O O   . HOH E 3 .  ? 8.977   18.711  1.159   1.00 34.39 ? 460 HOH B O   1 
HETATM 1731 O O   . HOH E 3 .  ? -10.703 10.694  -6.069  1.00 43.96 ? 461 HOH B O   1 
HETATM 1732 O O   . HOH E 3 .  ? 5.959   4.790   13.606  1.00 37.06 ? 462 HOH B O   1 
HETATM 1733 O O   . HOH E 3 .  ? -17.538 -7.833  -4.020  1.00 35.98 ? 470 HOH B O   1 
HETATM 1734 O O   . HOH E 3 .  ? -1.420  4.698   12.067  1.00 43.37 ? 472 HOH B O   1 
HETATM 1735 O O   . HOH E 3 .  ? 1.702   11.715  4.939   1.00 32.08 ? 474 HOH B O   1 
HETATM 1736 O O   . HOH E 3 .  ? 10.822  18.468  5.196   1.00 39.72 ? 478 HOH B O   1 
HETATM 1737 O O   . HOH E 3 .  ? -17.753 -5.201  -9.267  1.00 42.43 ? 480 HOH B O   1 
HETATM 1738 O O   . HOH E 3 .  ? 16.864  2.086   2.267   1.00 47.09 ? 482 HOH B O   1 
HETATM 1739 O O   . HOH E 3 .  ? 12.082  11.251  -22.422 1.00 34.88 ? 485 HOH B O   1 
# 
